data_2CK2
# 
_entry.id   2CK2 
# 
_audit_conform.dict_name       mmcif_pdbx.dic 
_audit_conform.dict_version    5.382 
_audit_conform.dict_location   http://mmcif.pdb.org/dictionaries/ascii/mmcif_pdbx.dic 
# 
loop_
_database_2.database_id 
_database_2.database_code 
_database_2.pdbx_database_accession 
_database_2.pdbx_DOI 
PDB   2CK2         pdb_00002ck2 10.2210/pdb2ck2/pdb 
PDBE  EBI-28453    ?            ?                   
WWPDB D_1290028453 ?            ?                   
# 
loop_
_pdbx_database_related.db_name 
_pdbx_database_related.db_id 
_pdbx_database_related.content_type 
_pdbx_database_related.details 
PDB 1E88 unspecified 
'SOLUTION STRUCTURE OF 6F11F22F2, A COMPACT THREE-MODULE FRAGMENT OF THE GELATIN-BINDING DOMAIN OF HUMAN FIBRONECTIN' 
PDB 1E8B unspecified 
'SOLUTION STRUCTURE OF 6F11F22F2, A COMPACT THREE-MODULE FRAGMENT OF THE GELATIN-BINDING DOMAIN OF HUMAN FIBRONECTIN' 
PDB 1FBR unspecified 'FOURTH AND FIFTH FIBRONECTIN TYPE I MODULE PAIR' 
PDB 1FNA unspecified 'FIBRONECTIN CELL-ADHESION MODULE TYPE III-10' 
PDB 1FNF unspecified 'FRAGMENT OF HUMAN FIBRONECTIN ENCOMPASSING TYPE-III REPEATS 7 THROUGH 10' 
PDB 1FNH unspecified 'CRYSTAL STRUCTURE OF HEPARIN AND INTEGRIN BINDING SEGMENT OF HUMAN FIBRONECTIN' 
PDB 1J8K unspecified 'NMR STRUCTURE OF THE FIBRONECTIN EDA DOMAIN , NMR, 20STRUCTURES' 
PDB 1O9A unspecified 'SOLUTION STRUCTURE OF THE COMPLEX OF 1F12F1 FROM FIBRONECTIN WITH B3 FROM FNBB FROM S. DYSGALACTIAE' 
PDB 1OWW unspecified 'SOLUTION STRUCTURE OF THE FIRST TYPE III MODULE OF HUMANFIBRONECTIN DETERMINED BY 1H, 15N NMR SPECTROSCOPY' 
PDB 1Q38 unspecified ANASTELLIN 
PDB 1QGB unspecified 'SOLUTION STRUCTURE OF THE N-TERMINAL F1 MODULE PAIR FROM HUMAN FIBRONECTIN' 
PDB 1QO6 unspecified 'SOLUTION STRUCTURE OF A PAIR OF MODULES FROM THE GELATIN-BINDING DOMAIN OF FIBRONECTIN' 
PDB 1TTF unspecified 'FIBRONECTIN (TENTH TYPE III MODULE) (NMR, 36 STRUCTURES)' 
PDB 1TTG unspecified 'FIBRONECTIN (TENTH TYPE III MODULE) (NMR, RESTRAINED MINIMIZED AVERAGE STRUCTURE)' 
PDB 2CG6 unspecified 'SECOND AND THIRD FIBRONECTIN TYPE I MODULE PAIR (CRYSTAL FORM I)' 
PDB 2CG7 unspecified 'SECOND AND THIRD FIBRONECTIN TYPE I MODULE PAIR (CRYSTAL FORM II).' 
PDB 2FN2 unspecified 'SOLUTION NMR STRUCTURE OF THE GLYCOSYLATED SECOND TYPE TWO MODULE OF FIBRONECTIN, 20 STRUCTURES' 
PDB 2FNB unspecified 'NMR STRUCTURE OF THE FIBRONECTIN ED-B DOMAIN, NMR, 20 STRUCTURES' 
# 
_pdbx_database_status.status_code                     REL 
_pdbx_database_status.entry_id                        2CK2 
_pdbx_database_status.deposit_site                    PDBE 
_pdbx_database_status.process_site                    PDBE 
_pdbx_database_status.SG_entry                        . 
_pdbx_database_status.recvd_initial_deposition_date   2006-04-10 
_pdbx_database_status.pdb_format_compatible           Y 
_pdbx_database_status.status_code_sf                  REL 
_pdbx_database_status.status_code_mr                  ? 
_pdbx_database_status.status_code_cs                  ? 
_pdbx_database_status.methods_development_category    ? 
_pdbx_database_status.status_code_nmr_data            ? 
# 
loop_
_audit_author.name 
_audit_author.pdbx_ordinal 
'Ng, S.P.'       1 
'Billings, K.S.' 2 
'Ohashi, T.'     3 
'Allen, M.D.'    4 
'Best, R.B.'     5 
'Randles, L.G.'  6 
'Erickson, H.P.' 7 
'Clarke, J.'     8 
# 
_citation.id                        primary 
_citation.title                     'Designing an Extracellular Matrix Protein with Enhanced Mechanical Stability' 
_citation.journal_abbrev            Proc.Natl.Acad.Sci.USA 
_citation.journal_volume            104 
_citation.page_first                9633 
_citation.page_last                 ? 
_citation.year                      2007 
_citation.journal_id_ASTM           PNASA6 
_citation.country                   US 
_citation.journal_id_ISSN           0027-8424 
_citation.journal_id_CSD            0040 
_citation.book_publisher            ? 
_citation.pdbx_database_id_PubMed   17535921 
_citation.pdbx_database_id_DOI      10.1073/PNAS.0609901104 
# 
loop_
_citation_author.citation_id 
_citation_author.name 
_citation_author.ordinal 
_citation_author.identifier_ORCID 
primary 'Ng, S.P.'       1 ? 
primary 'Billings, K.S.' 2 ? 
primary 'Ohashi, T.'     3 ? 
primary 'Allen, M.D.'    4 ? 
primary 'Best, R.B.'     5 ? 
primary 'Randles, L.G.'  6 ? 
primary 'Erickson, H.P.' 7 ? 
primary 'Clarke, J.'     8 ? 
# 
_cell.entry_id           2CK2 
_cell.length_a           36.703 
_cell.length_b           37.227 
_cell.length_c           137.834 
_cell.angle_alpha        90.00 
_cell.angle_beta         90.00 
_cell.angle_gamma        90.00 
_cell.Z_PDB              8 
_cell.pdbx_unique_axis   ? 
# 
_symmetry.entry_id                         2CK2 
_symmetry.space_group_name_H-M             'P 21 21 21' 
_symmetry.pdbx_full_space_group_name_H-M   ? 
_symmetry.cell_setting                     ? 
_symmetry.Int_Tables_number                19 
# 
loop_
_entity.id 
_entity.type 
_entity.src_method 
_entity.pdbx_description 
_entity.formula_weight 
_entity.pdbx_number_of_molecules 
_entity.pdbx_ec 
_entity.pdbx_mutation 
_entity.pdbx_fragment 
_entity.details 
1 polymer     man 'HUMAN FIBRONECTIN' 10171.315 2   ? YES 'RESIDUES 1447-1542' ? 
2 non-polymer syn 'ACETYL GROUP'      44.053    2   ? ?   ?                    ? 
3 water       nat water               18.015    109 ? ?   ?                    ? 
# 
_entity_name_com.entity_id   1 
_entity_name_com.name        'FN, COLD-INSOLUBLE GLOBULIN, CIG' 
# 
_entity_poly.entity_id                      1 
_entity_poly.type                           'polypeptide(L)' 
_entity_poly.nstd_linkage                   no 
_entity_poly.nstd_monomer                   no 
_entity_poly.pdbx_seq_one_letter_code       
;VSDVPRDIEVVAVTPTSALISWDAPAVTIRYIRLTYGETGGNSPVQEITLPGSKSTYTISGLKPGTDYTVTLYSVTGRGD
SPASSKPASINFRTEI
;
_entity_poly.pdbx_seq_one_letter_code_can   
;VSDVPRDIEVVAVTPTSALISWDAPAVTIRYIRLTYGETGGNSPVQEITLPGSKSTYTISGLKPGTDYTVTLYSVTGRGD
SPASSKPASINFRTEI
;
_entity_poly.pdbx_strand_id                 A,B 
_entity_poly.pdbx_target_identifier         ? 
# 
loop_
_entity_poly_seq.entity_id 
_entity_poly_seq.num 
_entity_poly_seq.mon_id 
_entity_poly_seq.hetero 
1 1  VAL n 
1 2  SER n 
1 3  ASP n 
1 4  VAL n 
1 5  PRO n 
1 6  ARG n 
1 7  ASP n 
1 8  ILE n 
1 9  GLU n 
1 10 VAL n 
1 11 VAL n 
1 12 ALA n 
1 13 VAL n 
1 14 THR n 
1 15 PRO n 
1 16 THR n 
1 17 SER n 
1 18 ALA n 
1 19 LEU n 
1 20 ILE n 
1 21 SER n 
1 22 TRP n 
1 23 ASP n 
1 24 ALA n 
1 25 PRO n 
1 26 ALA n 
1 27 VAL n 
1 28 THR n 
1 29 ILE n 
1 30 ARG n 
1 31 TYR n 
1 32 ILE n 
1 33 ARG n 
1 34 LEU n 
1 35 THR n 
1 36 TYR n 
1 37 GLY n 
1 38 GLU n 
1 39 THR n 
1 40 GLY n 
1 41 GLY n 
1 42 ASN n 
1 43 SER n 
1 44 PRO n 
1 45 VAL n 
1 46 GLN n 
1 47 GLU n 
1 48 ILE n 
1 49 THR n 
1 50 LEU n 
1 51 PRO n 
1 52 GLY n 
1 53 SER n 
1 54 LYS n 
1 55 SER n 
1 56 THR n 
1 57 TYR n 
1 58 THR n 
1 59 ILE n 
1 60 SER n 
1 61 GLY n 
1 62 LEU n 
1 63 LYS n 
1 64 PRO n 
1 65 GLY n 
1 66 THR n 
1 67 ASP n 
1 68 TYR n 
1 69 THR n 
1 70 VAL n 
1 71 THR n 
1 72 LEU n 
1 73 TYR n 
1 74 SER n 
1 75 VAL n 
1 76 THR n 
1 77 GLY n 
1 78 ARG n 
1 79 GLY n 
1 80 ASP n 
1 81 SER n 
1 82 PRO n 
1 83 ALA n 
1 84 SER n 
1 85 SER n 
1 86 LYS n 
1 87 PRO n 
1 88 ALA n 
1 89 SER n 
1 90 ILE n 
1 91 ASN n 
1 92 PHE n 
1 93 ARG n 
1 94 THR n 
1 95 GLU n 
1 96 ILE n 
# 
_entity_src_gen.entity_id                          1 
_entity_src_gen.pdbx_src_id                        1 
_entity_src_gen.pdbx_alt_source_flag               sample 
_entity_src_gen.pdbx_seq_type                      ? 
_entity_src_gen.pdbx_beg_seq_num                   ? 
_entity_src_gen.pdbx_end_seq_num                   ? 
_entity_src_gen.gene_src_common_name               HUMAN 
_entity_src_gen.gene_src_genus                     ? 
_entity_src_gen.pdbx_gene_src_gene                 ? 
_entity_src_gen.gene_src_species                   ? 
_entity_src_gen.gene_src_strain                    ? 
_entity_src_gen.gene_src_tissue                    ? 
_entity_src_gen.gene_src_tissue_fraction           ? 
_entity_src_gen.gene_src_details                   ? 
_entity_src_gen.pdbx_gene_src_fragment             ? 
_entity_src_gen.pdbx_gene_src_scientific_name      'HOMO SAPIENS' 
_entity_src_gen.pdbx_gene_src_ncbi_taxonomy_id     9606 
_entity_src_gen.pdbx_gene_src_variant              ? 
_entity_src_gen.pdbx_gene_src_cell_line            ? 
_entity_src_gen.pdbx_gene_src_atcc                 ? 
_entity_src_gen.pdbx_gene_src_organ                ? 
_entity_src_gen.pdbx_gene_src_organelle            ? 
_entity_src_gen.pdbx_gene_src_cell                 ? 
_entity_src_gen.pdbx_gene_src_cellular_location    ? 
_entity_src_gen.host_org_common_name               ? 
_entity_src_gen.pdbx_host_org_scientific_name      'ESCHERICHIA COLI BL21(DE3)' 
_entity_src_gen.pdbx_host_org_ncbi_taxonomy_id     469008 
_entity_src_gen.host_org_genus                     ? 
_entity_src_gen.pdbx_host_org_gene                 ? 
_entity_src_gen.pdbx_host_org_organ                ? 
_entity_src_gen.host_org_species                   ? 
_entity_src_gen.pdbx_host_org_tissue               ? 
_entity_src_gen.pdbx_host_org_tissue_fraction      ? 
_entity_src_gen.pdbx_host_org_strain               ? 
_entity_src_gen.pdbx_host_org_variant              C41 
_entity_src_gen.pdbx_host_org_cell_line            ? 
_entity_src_gen.pdbx_host_org_atcc                 ? 
_entity_src_gen.pdbx_host_org_culture_collection   ? 
_entity_src_gen.pdbx_host_org_cell                 ? 
_entity_src_gen.pdbx_host_org_organelle            ? 
_entity_src_gen.pdbx_host_org_cellular_location    ? 
_entity_src_gen.pdbx_host_org_vector_type          ? 
_entity_src_gen.pdbx_host_org_vector               PRSETA 
_entity_src_gen.host_org_details                   ? 
_entity_src_gen.expression_system_id               ? 
_entity_src_gen.plasmid_name                       ? 
_entity_src_gen.plasmid_details                    ? 
_entity_src_gen.pdbx_description                   ? 
# 
_struct_ref.id                         1 
_struct_ref.db_name                    UNP 
_struct_ref.db_code                    FINC_HUMAN 
_struct_ref.entity_id                  1 
_struct_ref.pdbx_seq_one_letter_code   ? 
_struct_ref.pdbx_align_begin           ? 
_struct_ref.pdbx_db_accession          P02751 
_struct_ref.pdbx_db_isoform            ? 
# 
loop_
_struct_ref_seq.align_id 
_struct_ref_seq.ref_id 
_struct_ref_seq.pdbx_PDB_id_code 
_struct_ref_seq.pdbx_strand_id 
_struct_ref_seq.seq_align_beg 
_struct_ref_seq.pdbx_seq_align_beg_ins_code 
_struct_ref_seq.seq_align_end 
_struct_ref_seq.pdbx_seq_align_end_ins_code 
_struct_ref_seq.pdbx_db_accession 
_struct_ref_seq.db_align_beg 
_struct_ref_seq.pdbx_db_align_beg_ins_code 
_struct_ref_seq.db_align_end 
_struct_ref_seq.pdbx_db_align_end_ins_code 
_struct_ref_seq.pdbx_auth_seq_align_beg 
_struct_ref_seq.pdbx_auth_seq_align_end 
1 1 2CK2 A 1 ? 96 ? P02751 1447 ? 1542 ? 1 96 
2 1 2CK2 B 1 ? 96 ? P02751 1447 ? 1542 ? 1 96 
# 
loop_
_struct_ref_seq_dif.align_id 
_struct_ref_seq_dif.pdbx_pdb_id_code 
_struct_ref_seq_dif.mon_id 
_struct_ref_seq_dif.pdbx_pdb_strand_id 
_struct_ref_seq_dif.seq_num 
_struct_ref_seq_dif.pdbx_pdb_ins_code 
_struct_ref_seq_dif.pdbx_seq_db_name 
_struct_ref_seq_dif.pdbx_seq_db_accession_code 
_struct_ref_seq_dif.db_mon_id 
_struct_ref_seq_dif.pdbx_seq_db_seq_num 
_struct_ref_seq_dif.details 
_struct_ref_seq_dif.pdbx_auth_seq_num 
_struct_ref_seq_dif.pdbx_ordinal 
1 2CK2 ILE A 8  ? UNP P02751 LEU 1454 'engineered mutation' 8  1  
1 2CK2 VAL A 13 ? UNP P02751 ALA 1459 'engineered mutation' 13 2  
1 2CK2 ALA A 18 ? UNP P02751 LEU 1464 'engineered mutation' 18 3  
1 2CK2 ILE A 29 ? UNP P02751 VAL 1475 'engineered mutation' 29 4  
1 2CK2 ILE A 32 ? UNP P02751 TYR 1478 'engineered mutation' 32 5  
1 2CK2 LEU A 34 ? UNP P02751 ILE 1480 'engineered mutation' 34 6  
1 2CK2 ILE A 48 ? UNP P02751 PHE 1494 'engineered mutation' 48 7  
1 2CK2 LEU A 50 ? UNP P02751 VAL 1496 'engineered mutation' 50 8  
1 2CK2 TYR A 57 ? UNP P02751 ALA 1503 'engineered mutation' 57 9  
1 2CK2 THR A 66 ? UNP P02751 VAL 1512 'engineered mutation' 66 10 
1 2CK2 LEU A 72 ? UNP P02751 VAL 1518 'engineered mutation' 72 11 
1 2CK2 SER A 74 ? UNP P02751 ALA 1520 'engineered mutation' 74 12 
1 2CK2 ALA A 88 ? UNP P02751 ILE 1534 'engineered mutation' 88 13 
1 2CK2 PHE A 92 ? UNP P02751 TYR 1538 'engineered mutation' 92 14 
2 2CK2 ILE B 8  ? UNP P02751 LEU 1454 'engineered mutation' 8  15 
2 2CK2 VAL B 13 ? UNP P02751 ALA 1459 'engineered mutation' 13 16 
2 2CK2 ALA B 18 ? UNP P02751 LEU 1464 'engineered mutation' 18 17 
2 2CK2 ILE B 29 ? UNP P02751 VAL 1475 'engineered mutation' 29 18 
2 2CK2 ILE B 32 ? UNP P02751 TYR 1478 'engineered mutation' 32 19 
2 2CK2 LEU B 34 ? UNP P02751 ILE 1480 'engineered mutation' 34 20 
2 2CK2 ILE B 48 ? UNP P02751 PHE 1494 'engineered mutation' 48 21 
2 2CK2 LEU B 50 ? UNP P02751 VAL 1496 'engineered mutation' 50 22 
2 2CK2 TYR B 57 ? UNP P02751 ALA 1503 'engineered mutation' 57 23 
2 2CK2 THR B 66 ? UNP P02751 VAL 1512 'engineered mutation' 66 24 
2 2CK2 LEU B 72 ? UNP P02751 VAL 1518 'engineered mutation' 72 25 
2 2CK2 SER B 74 ? UNP P02751 ALA 1520 'engineered mutation' 74 26 
2 2CK2 ALA B 88 ? UNP P02751 ILE 1534 'engineered mutation' 88 27 
2 2CK2 PHE B 92 ? UNP P02751 TYR 1538 'engineered mutation' 92 28 
# 
loop_
_chem_comp.id 
_chem_comp.type 
_chem_comp.mon_nstd_flag 
_chem_comp.name 
_chem_comp.pdbx_synonyms 
_chem_comp.formula 
_chem_comp.formula_weight 
ACE non-polymer         . 'ACETYL GROUP'  ? 'C2 H4 O'        44.053  
ALA 'L-peptide linking' y ALANINE         ? 'C3 H7 N O2'     89.093  
ARG 'L-peptide linking' y ARGININE        ? 'C6 H15 N4 O2 1' 175.209 
ASN 'L-peptide linking' y ASPARAGINE      ? 'C4 H8 N2 O3'    132.118 
ASP 'L-peptide linking' y 'ASPARTIC ACID' ? 'C4 H7 N O4'     133.103 
GLN 'L-peptide linking' y GLUTAMINE       ? 'C5 H10 N2 O3'   146.144 
GLU 'L-peptide linking' y 'GLUTAMIC ACID' ? 'C5 H9 N O4'     147.129 
GLY 'peptide linking'   y GLYCINE         ? 'C2 H5 N O2'     75.067  
HOH non-polymer         . WATER           ? 'H2 O'           18.015  
ILE 'L-peptide linking' y ISOLEUCINE      ? 'C6 H13 N O2'    131.173 
LEU 'L-peptide linking' y LEUCINE         ? 'C6 H13 N O2'    131.173 
LYS 'L-peptide linking' y LYSINE          ? 'C6 H15 N2 O2 1' 147.195 
PHE 'L-peptide linking' y PHENYLALANINE   ? 'C9 H11 N O2'    165.189 
PRO 'L-peptide linking' y PROLINE         ? 'C5 H9 N O2'     115.130 
SER 'L-peptide linking' y SERINE          ? 'C3 H7 N O3'     105.093 
THR 'L-peptide linking' y THREONINE       ? 'C4 H9 N O3'     119.119 
TRP 'L-peptide linking' y TRYPTOPHAN      ? 'C11 H12 N2 O2'  204.225 
TYR 'L-peptide linking' y TYROSINE        ? 'C9 H11 N O3'    181.189 
VAL 'L-peptide linking' y VALINE          ? 'C5 H11 N O2'    117.146 
# 
_exptl.entry_id          2CK2 
_exptl.method            'X-RAY DIFFRACTION' 
_exptl.crystals_number   1 
# 
_exptl_crystal.id                    1 
_exptl_crystal.density_meas          ? 
_exptl_crystal.density_Matthews      2.32 
_exptl_crystal.density_percent_sol   47 
_exptl_crystal.description           ? 
# 
_exptl_crystal_grow.crystal_id      1 
_exptl_crystal_grow.method          ? 
_exptl_crystal_grow.temp            ? 
_exptl_crystal_grow.temp_details    ? 
_exptl_crystal_grow.pH              5.10 
_exptl_crystal_grow.pdbx_pH_range   ? 
_exptl_crystal_grow.pdbx_details    '50% PEG-400, 0.1 M ACTEATE, 0.2 M LITHIUM SULPHATE, PH 5.1' 
# 
_diffrn.id                     1 
_diffrn.ambient_temp           100.0 
_diffrn.ambient_temp_details   ? 
_diffrn.crystal_id             1 
# 
_diffrn_detector.diffrn_id              1 
_diffrn_detector.detector               ? 
_diffrn_detector.type                   ? 
_diffrn_detector.pdbx_collection_date   2006-02-02 
_diffrn_detector.details                ? 
# 
_diffrn_radiation.diffrn_id                        1 
_diffrn_radiation.wavelength_id                    1 
_diffrn_radiation.pdbx_monochromatic_or_laue_m_l   M 
_diffrn_radiation.monochromator                    ? 
_diffrn_radiation.pdbx_diffrn_protocol             'SINGLE WAVELENGTH' 
_diffrn_radiation.pdbx_scattering_type             x-ray 
# 
_diffrn_radiation_wavelength.id           1 
_diffrn_radiation_wavelength.wavelength   1.5418 
_diffrn_radiation_wavelength.wt           1.0 
# 
_diffrn_source.diffrn_id                   1 
_diffrn_source.source                      'ROTATING ANODE' 
_diffrn_source.type                        ? 
_diffrn_source.pdbx_synchrotron_site       ? 
_diffrn_source.pdbx_synchrotron_beamline   ? 
_diffrn_source.pdbx_wavelength             1.5418 
_diffrn_source.pdbx_wavelength_list        ? 
# 
_reflns.pdbx_diffrn_id               1 
_reflns.pdbx_ordinal                 1 
_reflns.entry_id                     2CK2 
_reflns.observed_criterion_sigma_I   1.000 
_reflns.observed_criterion_sigma_F   ? 
_reflns.d_resolution_low             19.550 
_reflns.d_resolution_high            2.000 
_reflns.number_obs                   12995 
_reflns.number_all                   ? 
_reflns.percent_possible_obs         97.3 
_reflns.pdbx_Rmerge_I_obs            0.07000 
_reflns.pdbx_Rsym_value              ? 
_reflns.pdbx_netI_over_sigmaI        23.0000 
_reflns.B_iso_Wilson_estimate        ? 
_reflns.pdbx_redundancy              8.900 
# 
_reflns_shell.pdbx_diffrn_id         1 
_reflns_shell.pdbx_ordinal           1 
_reflns_shell.d_res_high             2.00 
_reflns_shell.d_res_low              2.11 
_reflns_shell.percent_possible_all   95.9 
_reflns_shell.Rmerge_I_obs           0.23000 
_reflns_shell.pdbx_Rsym_value        ? 
_reflns_shell.meanI_over_sigI_obs    8.900 
_reflns_shell.pdbx_redundancy        8.50 
# 
_refine.pdbx_refine_id                           'X-RAY DIFFRACTION' 
_refine.entry_id                                 2CK2 
_refine.pdbx_diffrn_id                           1 
_refine.pdbx_TLS_residual_ADP_flag               ? 
_refine.ls_number_reflns_obs                     12656 
_refine.ls_number_reflns_all                     ? 
_refine.pdbx_ls_sigma_I                          ? 
_refine.pdbx_ls_sigma_F                          0.0 
_refine.pdbx_data_cutoff_high_absF               10000 
_refine.pdbx_data_cutoff_low_absF                ? 
_refine.pdbx_data_cutoff_high_rms_absF           ? 
_refine.ls_d_res_low                             19.55 
_refine.ls_d_res_high                            2.0 
_refine.ls_percent_reflns_obs                    94.3 
_refine.ls_R_factor_obs                          0.2008 
_refine.ls_R_factor_all                          ? 
_refine.ls_R_factor_R_work                       0.2008 
_refine.ls_R_factor_R_free                       0.2683 
_refine.ls_R_factor_R_free_error                 ? 
_refine.ls_R_factor_R_free_error_details         ? 
_refine.ls_percent_reflns_R_free                 4.7 
_refine.ls_number_reflns_R_free                  634 
_refine.ls_number_parameters                     ? 
_refine.ls_number_restraints                     ? 
_refine.occupancy_min                            ? 
_refine.occupancy_max                            ? 
_refine.correlation_coeff_Fo_to_Fc               ? 
_refine.correlation_coeff_Fo_to_Fc_free          ? 
_refine.B_iso_mean                               ? 
_refine.aniso_B[1][1]                            -2.170 
_refine.aniso_B[2][2]                            -0.142 
_refine.aniso_B[3][3]                            2.312 
_refine.aniso_B[1][2]                            0.000 
_refine.aniso_B[1][3]                            0.000 
_refine.aniso_B[2][3]                            0.000 
_refine.solvent_model_details                    'DENSITY MODIFICATION' 
_refine.solvent_model_param_ksol                 0.386987 
_refine.solvent_model_param_bsol                 58.6329 
_refine.pdbx_solvent_vdw_probe_radii             ? 
_refine.pdbx_solvent_ion_probe_radii             ? 
_refine.pdbx_solvent_shrinkage_radii             ? 
_refine.pdbx_ls_cross_valid_method               THROUGHOUT 
_refine.details                                  
'COORDINATES FROM TWINNED DATA RESTRAINED INDIVIDUAL B-REFINEMENT TWINNING OPERATOR K,H,-L TWINNING FRACTION 0.185' 
_refine.pdbx_starting_model                      'PDB ENTRY 1TEN' 
_refine.pdbx_method_to_determine_struct          'MOLECULAR REPLACEMENT' 
_refine.pdbx_isotropic_thermal_model             ? 
_refine.pdbx_stereochemistry_target_values       TWIN_LSQ 
_refine.pdbx_stereochem_target_val_spec_case     ? 
_refine.pdbx_R_Free_selection_details            RANDOM 
_refine.pdbx_overall_ESU_R                       ? 
_refine.pdbx_overall_ESU_R_Free                  ? 
_refine.overall_SU_ML                            ? 
_refine.pdbx_overall_phase_error                 ? 
_refine.overall_SU_B                             ? 
_refine.overall_SU_R_Cruickshank_DPI             ? 
_refine.pdbx_overall_SU_R_free_Cruickshank_DPI   ? 
_refine.pdbx_overall_SU_R_Blow_DPI               ? 
_refine.pdbx_overall_SU_R_free_Blow_DPI          ? 
# 
_refine_hist.pdbx_refine_id                   'X-RAY DIFFRACTION' 
_refine_hist.cycle_id                         LAST 
_refine_hist.pdbx_number_atoms_protein        1420 
_refine_hist.pdbx_number_atoms_nucleic_acid   0 
_refine_hist.pdbx_number_atoms_ligand         6 
_refine_hist.number_atoms_solvent             109 
_refine_hist.number_atoms_total               1535 
_refine_hist.d_res_high                       2.0 
_refine_hist.d_res_low                        19.55 
# 
loop_
_refine_ls_restr.type 
_refine_ls_restr.dev_ideal 
_refine_ls_restr.dev_ideal_target 
_refine_ls_restr.weight 
_refine_ls_restr.number 
_refine_ls_restr.pdbx_refine_id 
_refine_ls_restr.pdbx_restraint_function 
c_bond_d                0.008 ? ? ? 'X-RAY DIFFRACTION' ? 
c_bond_d_na             ?     ? ? ? 'X-RAY DIFFRACTION' ? 
c_bond_d_prot           ?     ? ? ? 'X-RAY DIFFRACTION' ? 
c_angle_d               ?     ? ? ? 'X-RAY DIFFRACTION' ? 
c_angle_d_na            ?     ? ? ? 'X-RAY DIFFRACTION' ? 
c_angle_d_prot          ?     ? ? ? 'X-RAY DIFFRACTION' ? 
c_angle_deg             1.5   ? ? ? 'X-RAY DIFFRACTION' ? 
c_angle_deg_na          ?     ? ? ? 'X-RAY DIFFRACTION' ? 
c_angle_deg_prot        ?     ? ? ? 'X-RAY DIFFRACTION' ? 
c_dihedral_angle_d      ?     ? ? ? 'X-RAY DIFFRACTION' ? 
c_dihedral_angle_d_na   ?     ? ? ? 'X-RAY DIFFRACTION' ? 
c_dihedral_angle_d_prot ?     ? ? ? 'X-RAY DIFFRACTION' ? 
c_improper_angle_d      ?     ? ? ? 'X-RAY DIFFRACTION' ? 
c_improper_angle_d_na   ?     ? ? ? 'X-RAY DIFFRACTION' ? 
c_improper_angle_d_prot ?     ? ? ? 'X-RAY DIFFRACTION' ? 
c_mcbond_it             ?     ? ? ? 'X-RAY DIFFRACTION' ? 
c_mcangle_it            ?     ? ? ? 'X-RAY DIFFRACTION' ? 
c_scbond_it             ?     ? ? ? 'X-RAY DIFFRACTION' ? 
c_scangle_it            ?     ? ? ? 'X-RAY DIFFRACTION' ? 
# 
loop_
_pdbx_xplor_file.pdbx_refine_id 
_pdbx_xplor_file.serial_no 
_pdbx_xplor_file.param_file 
_pdbx_xplor_file.topol_file 
'X-RAY DIFFRACTION' 1 PROTEIN_REP.PARAM ? 
'X-RAY DIFFRACTION' 2 WATER_REP.PARAM   ? 
'X-RAY DIFFRACTION' 3 ACE.PAR           ? 
# 
_struct.entry_id                  2CK2 
_struct.title                     'Structure of core-swapped mutant of fibronectin' 
_struct.pdbx_model_details        ? 
_struct.pdbx_CASP_flag            ? 
_struct.pdbx_model_type_details   ? 
# 
_struct_keywords.entry_id        2CK2 
_struct_keywords.pdbx_keywords   'SIGNALING PROTEIN' 
_struct_keywords.text            
;SULFATION, ACUTE PHASE, GLYCOPROTEIN, CELL ADHESION, PYRROLIDONE CARBOXYLIC ACID, HEPARIN-BINDING, PHOSPHORYLATION, ALTERNATIVE SPLICING, SIGNALING PROTEIN
;
# 
loop_
_struct_asym.id 
_struct_asym.pdbx_blank_PDB_chainid_flag 
_struct_asym.pdbx_modified 
_struct_asym.entity_id 
_struct_asym.details 
A N N 1 ? 
B N N 1 ? 
C N N 2 ? 
D N N 2 ? 
E N N 3 ? 
F N N 3 ? 
# 
_struct_biol.id   1 
# 
loop_
_struct_sheet.id 
_struct_sheet.type 
_struct_sheet.number_strands 
_struct_sheet.details 
AA ? 7 ? 
AB ? 7 ? 
AC ? 4 ? 
# 
loop_
_struct_sheet_order.sheet_id 
_struct_sheet_order.range_id_1 
_struct_sheet_order.range_id_2 
_struct_sheet_order.offset 
_struct_sheet_order.sense 
AA 1 2 ? anti-parallel 
AA 2 3 ? anti-parallel 
AA 3 4 ? parallel      
AA 4 5 ? anti-parallel 
AA 5 6 ? anti-parallel 
AA 6 7 ? anti-parallel 
AB 1 2 ? anti-parallel 
AB 2 3 ? anti-parallel 
AB 3 4 ? anti-parallel 
AB 4 5 ? parallel      
AB 5 6 ? anti-parallel 
AB 6 7 ? anti-parallel 
AC 1 2 ? anti-parallel 
AC 2 3 ? anti-parallel 
AC 3 4 ? anti-parallel 
# 
loop_
_struct_sheet_range.sheet_id 
_struct_sheet_range.id 
_struct_sheet_range.beg_label_comp_id 
_struct_sheet_range.beg_label_asym_id 
_struct_sheet_range.beg_label_seq_id 
_struct_sheet_range.pdbx_beg_PDB_ins_code 
_struct_sheet_range.end_label_comp_id 
_struct_sheet_range.end_label_asym_id 
_struct_sheet_range.end_label_seq_id 
_struct_sheet_range.pdbx_end_PDB_ins_code 
_struct_sheet_range.beg_auth_comp_id 
_struct_sheet_range.beg_auth_asym_id 
_struct_sheet_range.beg_auth_seq_id 
_struct_sheet_range.end_auth_comp_id 
_struct_sheet_range.end_auth_asym_id 
_struct_sheet_range.end_auth_seq_id 
AA 1 THR A 56 ? ILE A 59 ? THR A 56 ILE A 59 
AA 2 ALA A 18 ? ASP A 23 ? ALA A 18 ASP A 23 
AA 3 ARG A 6  ? VAL A 13 ? ARG A 6  VAL A 13 
AA 4 ALA B 88 ? ARG B 93 ? ALA B 88 ARG B 93 
AA 5 ASP B 67 ? VAL B 75 ? ASP B 67 VAL B 75 
AA 6 TYR B 31 ? GLU B 38 ? TYR B 31 GLU B 38 
AA 7 GLN B 46 ? PRO B 51 ? GLN B 46 PRO B 51 
AB 1 GLN A 46 ? PRO A 51 ? GLN A 46 PRO A 51 
AB 2 TYR A 31 ? GLU A 38 ? TYR A 31 GLU A 38 
AB 3 ASP A 67 ? THR A 76 ? ASP A 67 THR A 76 
AB 4 ALA A 88 ? ARG A 93 ? ALA A 88 ARG A 93 
AB 5 ARG B 6  ? VAL B 13 ? ARG B 6  VAL B 13 
AB 6 SER B 17 ? ASP B 23 ? SER B 17 ASP B 23 
AB 7 THR B 56 ? SER B 60 ? THR B 56 SER B 60 
AC 1 GLN A 46 ? PRO A 51 ? GLN A 46 PRO A 51 
AC 2 TYR A 31 ? GLU A 38 ? TYR A 31 GLU A 38 
AC 3 ASP A 67 ? THR A 76 ? ASP A 67 THR A 76 
AC 4 ALA A 83 ? SER A 84 ? ALA A 83 SER A 84 
# 
loop_
_pdbx_struct_sheet_hbond.sheet_id 
_pdbx_struct_sheet_hbond.range_id_1 
_pdbx_struct_sheet_hbond.range_id_2 
_pdbx_struct_sheet_hbond.range_1_label_atom_id 
_pdbx_struct_sheet_hbond.range_1_label_comp_id 
_pdbx_struct_sheet_hbond.range_1_label_asym_id 
_pdbx_struct_sheet_hbond.range_1_label_seq_id 
_pdbx_struct_sheet_hbond.range_1_PDB_ins_code 
_pdbx_struct_sheet_hbond.range_1_auth_atom_id 
_pdbx_struct_sheet_hbond.range_1_auth_comp_id 
_pdbx_struct_sheet_hbond.range_1_auth_asym_id 
_pdbx_struct_sheet_hbond.range_1_auth_seq_id 
_pdbx_struct_sheet_hbond.range_2_label_atom_id 
_pdbx_struct_sheet_hbond.range_2_label_comp_id 
_pdbx_struct_sheet_hbond.range_2_label_asym_id 
_pdbx_struct_sheet_hbond.range_2_label_seq_id 
_pdbx_struct_sheet_hbond.range_2_PDB_ins_code 
_pdbx_struct_sheet_hbond.range_2_auth_atom_id 
_pdbx_struct_sheet_hbond.range_2_auth_comp_id 
_pdbx_struct_sheet_hbond.range_2_auth_asym_id 
_pdbx_struct_sheet_hbond.range_2_auth_seq_id 
AA 1 2 N ILE A 59 ? N ILE A 59 O ALA A 18 ? O ALA A 18 
AA 2 3 N ASP A 23 ? N ASP A 23 O ARG A 6  ? O ARG A 6  
AA 3 4 N VAL A 10 ? N VAL A 10 O ASN B 91 ? O ASN B 91 
AA 4 5 N PHE B 92 ? N PHE B 92 O TYR B 68 ? O TYR B 68 
AA 5 6 N VAL B 75 ? N VAL B 75 O TYR B 31 ? O TYR B 31 
AA 6 7 N TYR B 36 ? N TYR B 36 O GLN B 46 ? O GLN B 46 
AB 1 2 N LEU A 50 ? N LEU A 50 O ILE A 32 ? O ILE A 32 
AB 2 3 N GLY A 37 ? N GLY A 37 O THR A 69 ? O THR A 69 
AB 3 4 N LEU A 72 ? N LEU A 72 O ALA A 88 ? O ALA A 88 
AB 4 5 N ASN A 91 ? N ASN A 91 O ILE B 8  ? O ILE B 8  
AB 5 6 N VAL B 11 ? N VAL B 11 O LEU B 19 ? O LEU B 19 
AB 6 7 N ILE B 20 ? N ILE B 20 O TYR B 57 ? O TYR B 57 
AC 1 2 N LEU A 50 ? N LEU A 50 O ILE A 32 ? O ILE A 32 
AC 2 3 N GLY A 37 ? N GLY A 37 O THR A 69 ? O THR A 69 
AC 3 4 N THR A 76 ? N THR A 76 O ALA A 83 ? O ALA A 83 
# 
loop_
_struct_site.id 
_struct_site.pdbx_evidence_code 
_struct_site.pdbx_auth_asym_id 
_struct_site.pdbx_auth_comp_id 
_struct_site.pdbx_auth_seq_id 
_struct_site.pdbx_auth_ins_code 
_struct_site.pdbx_num_residues 
_struct_site.details 
AC1 Software A ACE 1097 ? 2 'BINDING SITE FOR RESIDUE ACE A 1097' 
AC2 Software B ACE 1097 ? 3 'BINDING SITE FOR RESIDUE ACE B 1097' 
# 
loop_
_struct_site_gen.id 
_struct_site_gen.site_id 
_struct_site_gen.pdbx_num_res 
_struct_site_gen.label_comp_id 
_struct_site_gen.label_asym_id 
_struct_site_gen.label_seq_id 
_struct_site_gen.pdbx_auth_ins_code 
_struct_site_gen.auth_comp_id 
_struct_site_gen.auth_asym_id 
_struct_site_gen.auth_seq_id 
_struct_site_gen.label_atom_id 
_struct_site_gen.label_alt_id 
_struct_site_gen.symmetry 
_struct_site_gen.details 
1 AC1 2 VAL A 45 ? VAL A 45 . ? 1_555 ? 
2 AC1 2 THR A 69 ? THR A 69 . ? 1_555 ? 
3 AC2 3 LYS B 54 ? LYS B 54 . ? 1_555 ? 
4 AC2 3 SER B 55 ? SER B 55 . ? 1_555 ? 
5 AC2 3 THR B 56 ? THR B 56 . ? 1_555 ? 
# 
_atom_sites.entry_id                    2CK2 
_atom_sites.fract_transf_matrix[1][1]   -0.01965191 
_atom_sites.fract_transf_matrix[1][2]   -0.00900321 
_atom_sites.fract_transf_matrix[1][3]   0.01658581 
_atom_sites.fract_transf_matrix[2][1]   0.00352591 
_atom_sites.fract_transf_matrix[2][2]   0.02142865 
_atom_sites.fract_transf_matrix[2][3]   0.01580975 
_atom_sites.fract_transf_matrix[3][1]   -0.00493410 
_atom_sites.fract_transf_matrix[3][2]   0.00365953 
_atom_sites.fract_transf_matrix[3][3]   -0.00385974 
_atom_sites.fract_transf_vector[1]      0.310886 
_atom_sites.fract_transf_vector[2]      -0.436470 
_atom_sites.fract_transf_vector[3]      -0.123416 
# 
loop_
_atom_type.symbol 
C 
N 
O 
# 
loop_
_atom_site.group_PDB 
_atom_site.id 
_atom_site.type_symbol 
_atom_site.label_atom_id 
_atom_site.label_alt_id 
_atom_site.label_comp_id 
_atom_site.label_asym_id 
_atom_site.label_entity_id 
_atom_site.label_seq_id 
_atom_site.pdbx_PDB_ins_code 
_atom_site.Cartn_x 
_atom_site.Cartn_y 
_atom_site.Cartn_z 
_atom_site.occupancy 
_atom_site.B_iso_or_equiv 
_atom_site.pdbx_formal_charge 
_atom_site.auth_seq_id 
_atom_site.auth_comp_id 
_atom_site.auth_asym_id 
_atom_site.auth_atom_id 
_atom_site.pdbx_PDB_model_num 
ATOM   1    N N   . VAL A 1 1  ? 11.791  -6.969  -7.474  1.00 40.42 ? 1    VAL A N   1 
ATOM   2    C CA  . VAL A 1 1  ? 12.171  -8.404  -7.552  1.00 39.92 ? 1    VAL A CA  1 
ATOM   3    C C   . VAL A 1 1  ? 12.473  -8.940  -6.150  1.00 40.07 ? 1    VAL A C   1 
ATOM   4    O O   . VAL A 1 1  ? 11.853  -8.526  -5.173  1.00 39.79 ? 1    VAL A O   1 
ATOM   5    C CB  . VAL A 1 1  ? 13.415  -8.600  -8.462  1.00 40.33 ? 1    VAL A CB  1 
ATOM   6    C CG1 . VAL A 1 1  ? 13.497  -10.050 -8.939  1.00 39.37 ? 1    VAL A CG1 1 
ATOM   7    C CG2 . VAL A 1 1  ? 13.354  -7.642  -9.642  1.00 39.37 ? 1    VAL A CG2 1 
ATOM   8    N N   . SER A 1 2  ? 13.435  -9.852  -6.056  1.00 40.28 ? 2    SER A N   1 
ATOM   9    C CA  . SER A 1 2  ? 13.804  -10.463 -4.784  1.00 39.46 ? 2    SER A CA  1 
ATOM   10   C C   . SER A 1 2  ? 14.549  -9.530  -3.843  1.00 38.09 ? 2    SER A C   1 
ATOM   11   O O   . SER A 1 2  ? 14.848  -9.898  -2.704  1.00 39.25 ? 2    SER A O   1 
ATOM   12   C CB  . SER A 1 2  ? 14.651  -11.711 -5.031  1.00 40.96 ? 2    SER A CB  1 
ATOM   13   O OG  . SER A 1 2  ? 15.851  -11.386 -5.713  1.00 43.16 ? 2    SER A OG  1 
ATOM   14   N N   . ASP A 1 3  ? 14.850  -8.326  -4.317  1.00 35.75 ? 3    ASP A N   1 
ATOM   15   C CA  . ASP A 1 3  ? 15.558  -7.349  -3.502  1.00 33.28 ? 3    ASP A CA  1 
ATOM   16   C C   . ASP A 1 3  ? 14.618  -6.296  -2.937  1.00 30.55 ? 3    ASP A C   1 
ATOM   17   O O   . ASP A 1 3  ? 14.989  -5.551  -2.036  1.00 28.11 ? 3    ASP A O   1 
ATOM   18   C CB  . ASP A 1 3  ? 16.647  -6.657  -4.326  1.00 37.30 ? 3    ASP A CB  1 
ATOM   19   C CG  . ASP A 1 3  ? 16.141  -6.190  -5.675  1.00 40.49 ? 3    ASP A CG  1 
ATOM   20   O OD1 . ASP A 1 3  ? 14.997  -5.699  -5.752  1.00 43.18 ? 3    ASP A OD1 1 
ATOM   21   O OD2 . ASP A 1 3  ? 16.892  -6.309  -6.663  1.00 45.48 ? 3    ASP A OD2 1 
ATOM   22   N N   . VAL A 1 4  ? 13.399  -6.246  -3.466  1.00 28.12 ? 4    VAL A N   1 
ATOM   23   C CA  . VAL A 1 4  ? 12.402  -5.266  -3.037  1.00 26.80 ? 4    VAL A CA  1 
ATOM   24   C C   . VAL A 1 4  ? 11.765  -5.595  -1.683  1.00 26.13 ? 4    VAL A C   1 
ATOM   25   O O   . VAL A 1 4  ? 11.412  -6.747  -1.416  1.00 25.70 ? 4    VAL A O   1 
ATOM   26   C CB  . VAL A 1 4  ? 11.282  -5.132  -4.101  1.00 25.67 ? 4    VAL A CB  1 
ATOM   27   C CG1 . VAL A 1 4  ? 10.272  -4.074  -3.679  1.00 25.59 ? 4    VAL A CG1 1 
ATOM   28   C CG2 . VAL A 1 4  ? 11.891  -4.775  -5.446  1.00 24.86 ? 4    VAL A CG2 1 
ATOM   29   N N   . PRO A 1 5  ? 11.630  -4.583  -0.801  1.00 25.26 ? 5    PRO A N   1 
ATOM   30   C CA  . PRO A 1 5  ? 11.023  -4.796  0.519   1.00 24.48 ? 5    PRO A CA  1 
ATOM   31   C C   . PRO A 1 5  ? 9.633   -5.398  0.337   1.00 24.94 ? 5    PRO A C   1 
ATOM   32   O O   . PRO A 1 5  ? 8.883   -5.012  -0.559  1.00 23.95 ? 5    PRO A O   1 
ATOM   33   C CB  . PRO A 1 5  ? 10.989  -3.393  1.113   1.00 24.42 ? 5    PRO A CB  1 
ATOM   34   C CG  . PRO A 1 5  ? 12.233  -2.772  0.528   1.00 24.70 ? 5    PRO A CG  1 
ATOM   35   C CD  . PRO A 1 5  ? 12.154  -3.209  -0.920  1.00 24.34 ? 5    PRO A CD  1 
ATOM   36   N N   . ARG A 1 6  ? 9.287   -6.336  1.203   1.00 26.41 ? 6    ARG A N   1 
ATOM   37   C CA  . ARG A 1 6  ? 8.016   -7.031  1.091   1.00 27.68 ? 6    ARG A CA  1 
ATOM   38   C C   . ARG A 1 6  ? 6.862   -6.534  1.960   1.00 26.34 ? 6    ARG A C   1 
ATOM   39   O O   . ARG A 1 6  ? 7.051   -6.049  3.075   1.00 24.69 ? 6    ARG A O   1 
ATOM   40   C CB  . ARG A 1 6  ? 8.278   -8.520  1.334   1.00 30.49 ? 6    ARG A CB  1 
ATOM   41   C CG  . ARG A 1 6  ? 9.368   -9.029  0.404   1.00 37.56 ? 6    ARG A CG  1 
ATOM   42   C CD  . ARG A 1 6  ? 9.985   -10.356 0.801   1.00 41.89 ? 6    ARG A CD  1 
ATOM   43   N NE  . ARG A 1 6  ? 11.075  -10.677 -0.124  1.00 47.97 ? 6    ARG A NE  1 
ATOM   44   C CZ  . ARG A 1 6  ? 11.722  -11.839 -0.174  1.00 48.71 ? 6    ARG A CZ  1 
ATOM   45   N NH1 . ARG A 1 6  ? 12.696  -12.015 -1.065  1.00 47.36 ? 6    ARG A NH1 1 
ATOM   46   N NH2 . ARG A 1 6  ? 11.394  -12.822 0.657   1.00 49.09 ? 6    ARG A NH2 1 
ATOM   47   N N   . ASP A 1 7  ? 5.660   -6.670  1.411   1.00 26.00 ? 7    ASP A N   1 
ATOM   48   C CA  . ASP A 1 7  ? 4.425   -6.275  2.072   1.00 25.92 ? 7    ASP A CA  1 
ATOM   49   C C   . ASP A 1 7  ? 4.538   -5.036  2.945   1.00 24.28 ? 7    ASP A C   1 
ATOM   50   O O   . ASP A 1 7  ? 4.383   -5.122  4.164   1.00 25.73 ? 7    ASP A O   1 
ATOM   51   C CB  . ASP A 1 7  ? 3.876   -7.434  2.911   1.00 27.77 ? 7    ASP A CB  1 
ATOM   52   C CG  . ASP A 1 7  ? 3.578   -8.675  2.073   1.00 30.43 ? 7    ASP A CG  1 
ATOM   53   O OD1 . ASP A 1 7  ? 4.429   -9.589  2.066   1.00 30.74 ? 7    ASP A OD1 1 
ATOM   54   O OD2 . ASP A 1 7  ? 2.504   -8.730  1.421   1.00 29.40 ? 7    ASP A OD2 1 
ATOM   55   N N   . ILE A 1 8  ? 4.811   -3.891  2.320   1.00 21.75 ? 8    ILE A N   1 
ATOM   56   C CA  . ILE A 1 8  ? 4.910   -2.628  3.044   1.00 19.36 ? 8    ILE A CA  1 
ATOM   57   C C   . ILE A 1 8  ? 3.511   -2.391  3.597   1.00 16.97 ? 8    ILE A C   1 
ATOM   58   O O   . ILE A 1 8  ? 2.511   -2.515  2.879   1.00 16.72 ? 8    ILE A O   1 
ATOM   59   C CB  . ILE A 1 8  ? 5.312   -1.464  2.116   1.00 19.27 ? 8    ILE A CB  1 
ATOM   60   C CG1 . ILE A 1 8  ? 6.626   -1.803  1.409   1.00 21.65 ? 8    ILE A CG1 1 
ATOM   61   C CG2 . ILE A 1 8  ? 5.462   -0.185  2.921   1.00 16.66 ? 8    ILE A CG2 1 
ATOM   62   C CD1 . ILE A 1 8  ? 7.113   -0.732  0.457   1.00 23.98 ? 8    ILE A CD1 1 
ATOM   63   N N   . GLU A 1 9  ? 3.447   -2.033  4.870   1.00 14.55 ? 9    GLU A N   1 
ATOM   64   C CA  . GLU A 1 9  ? 2.170   -1.862  5.537   1.00 15.47 ? 9    GLU A CA  1 
ATOM   65   C C   . GLU A 1 9  ? 2.046   -0.619  6.400   1.00 15.32 ? 9    GLU A C   1 
ATOM   66   O O   . GLU A 1 9  ? 3.024   -0.144  6.971   1.00 14.93 ? 9    GLU A O   1 
ATOM   67   C CB  . GLU A 1 9  ? 1.919   -3.109  6.402   1.00 16.02 ? 9    GLU A CB  1 
ATOM   68   C CG  . GLU A 1 9  ? 0.689   -3.069  7.295   1.00 18.37 ? 9    GLU A CG  1 
ATOM   69   C CD  . GLU A 1 9  ? 0.598   -4.284  8.211   1.00 20.63 ? 9    GLU A CD  1 
ATOM   70   O OE1 . GLU A 1 9  ? -0.371  -4.386  8.992   1.00 20.59 ? 9    GLU A OE1 1 
ATOM   71   O OE2 . GLU A 1 9  ? 1.498   -5.140  8.151   1.00 21.56 ? 9    GLU A OE2 1 
ATOM   72   N N   . VAL A 1 10 ? 0.825   -0.093  6.472   1.00 15.18 ? 10   VAL A N   1 
ATOM   73   C CA  . VAL A 1 10 ? 0.521   1.052   7.320   1.00 16.34 ? 10   VAL A CA  1 
ATOM   74   C C   . VAL A 1 10 ? -0.077  0.339   8.530   1.00 16.32 ? 10   VAL A C   1 
ATOM   75   O O   . VAL A 1 10 ? -1.247  -0.047  8.521   1.00 16.84 ? 10   VAL A O   1 
ATOM   76   C CB  . VAL A 1 10 ? -0.554  1.983   6.695   1.00 17.30 ? 10   VAL A CB  1 
ATOM   77   C CG1 . VAL A 1 10 ? -0.837  3.176   7.629   1.00 15.29 ? 10   VAL A CG1 1 
ATOM   78   C CG2 . VAL A 1 10 ? -0.088  2.480   5.339   1.00 20.74 ? 10   VAL A CG2 1 
ATOM   79   N N   . VAL A 1 11 ? 0.736   0.138   9.558   1.00 16.72 ? 11   VAL A N   1 
ATOM   80   C CA  . VAL A 1 11 ? 0.287   -0.563  10.757  1.00 18.55 ? 11   VAL A CA  1 
ATOM   81   C C   . VAL A 1 11 ? -0.711  0.224   11.593  1.00 19.60 ? 11   VAL A C   1 
ATOM   82   O O   . VAL A 1 11 ? -1.750  -0.304  12.003  1.00 20.74 ? 11   VAL A O   1 
ATOM   83   C CB  . VAL A 1 11 ? 1.485   -0.958  11.652  1.00 15.87 ? 11   VAL A CB  1 
ATOM   84   C CG1 . VAL A 1 11 ? 0.979   -1.540  12.965  1.00 15.25 ? 11   VAL A CG1 1 
ATOM   85   C CG2 . VAL A 1 11 ? 2.365   -1.971  10.914  1.00 13.85 ? 11   VAL A CG2 1 
ATOM   86   N N   . ALA A 1 12 ? -0.383  1.487   11.842  1.00 21.44 ? 12   ALA A N   1 
ATOM   87   C CA  . ALA A 1 12 ? -1.230  2.372   12.631  1.00 21.49 ? 12   ALA A CA  1 
ATOM   88   C C   . ALA A 1 12 ? -0.875  3.815   12.313  1.00 21.28 ? 12   ALA A C   1 
ATOM   89   O O   . ALA A 1 12 ? 0.277   4.139   12.008  1.00 20.34 ? 12   ALA A O   1 
ATOM   90   C CB  . ALA A 1 12 ? -1.036  2.094   14.128  1.00 21.63 ? 12   ALA A CB  1 
ATOM   91   N N   . VAL A 1 13 ? -1.880  4.676   12.392  1.00 21.18 ? 13   VAL A N   1 
ATOM   92   C CA  . VAL A 1 13 ? -1.725  6.092   12.110  1.00 21.28 ? 13   VAL A CA  1 
ATOM   93   C C   . VAL A 1 13 ? -2.329  6.936   13.228  1.00 21.24 ? 13   VAL A C   1 
ATOM   94   O O   . VAL A 1 13 ? -3.210  6.475   13.953  1.00 21.34 ? 13   VAL A O   1 
ATOM   95   C CB  . VAL A 1 13 ? -2.422  6.451   10.768  1.00 21.31 ? 13   VAL A CB  1 
ATOM   96   C CG1 . VAL A 1 13 ? -2.608  7.938   10.652  1.00 22.98 ? 13   VAL A CG1 1 
ATOM   97   C CG2 . VAL A 1 13 ? -1.598  5.942   9.607   1.00 17.99 ? 13   VAL A CG2 1 
ATOM   98   N N   . THR A 1 14 ? -1.827  8.160   13.376  1.00 21.29 ? 14   THR A N   1 
ATOM   99   C CA  . THR A 1 14 ? -2.336  9.107   14.366  1.00 19.53 ? 14   THR A CA  1 
ATOM   100  C C   . THR A 1 14 ? -2.422  10.416  13.583  1.00 19.43 ? 14   THR A C   1 
ATOM   101  O O   . THR A 1 14 ? -2.155  10.427  12.377  1.00 20.29 ? 14   THR A O   1 
ATOM   102  C CB  . THR A 1 14 ? -1.380  9.270   15.570  1.00 19.40 ? 14   THR A CB  1 
ATOM   103  O OG1 . THR A 1 14 ? -0.176  9.922   15.150  1.00 16.79 ? 14   THR A OG1 1 
ATOM   104  C CG2 . THR A 1 14 ? -1.044  7.906   16.172  1.00 15.50 ? 14   THR A CG2 1 
ATOM   105  N N   . PRO A 1 15 ? -2.809  11.526  14.236  1.00 18.33 ? 15   PRO A N   1 
ATOM   106  C CA  . PRO A 1 15 ? -2.898  12.797  13.505  1.00 16.27 ? 15   PRO A CA  1 
ATOM   107  C C   . PRO A 1 15 ? -1.565  13.317  12.971  1.00 16.00 ? 15   PRO A C   1 
ATOM   108  O O   . PRO A 1 15 ? -1.535  14.077  12.015  1.00 18.73 ? 15   PRO A O   1 
ATOM   109  C CB  . PRO A 1 15 ? -3.501  13.743  14.536  1.00 15.69 ? 15   PRO A CB  1 
ATOM   110  C CG  . PRO A 1 15 ? -4.350  12.825  15.371  1.00 16.17 ? 15   PRO A CG  1 
ATOM   111  C CD  . PRO A 1 15 ? -3.443  11.641  15.562  1.00 16.38 ? 15   PRO A CD  1 
ATOM   112  N N   . THR A 1 16 ? -0.462  12.903  13.580  1.00 16.43 ? 16   THR A N   1 
ATOM   113  C CA  . THR A 1 16 ? 0.846   13.389  13.154  1.00 16.55 ? 16   THR A CA  1 
ATOM   114  C C   . THR A 1 16 ? 1.931   12.328  12.983  1.00 16.89 ? 16   THR A C   1 
ATOM   115  O O   . THR A 1 16 ? 3.110   12.665  12.853  1.00 16.02 ? 16   THR A O   1 
ATOM   116  C CB  . THR A 1 16 ? 1.383   14.427  14.150  1.00 18.96 ? 16   THR A CB  1 
ATOM   117  O OG1 . THR A 1 16 ? 1.623   13.786  15.409  1.00 19.06 ? 16   THR A OG1 1 
ATOM   118  C CG2 . THR A 1 16 ? 0.379   15.569  14.337  1.00 17.53 ? 16   THR A CG2 1 
ATOM   119  N N   . SER A 1 17 ? 1.549   11.055  12.986  1.00 17.18 ? 17   SER A N   1 
ATOM   120  C CA  . SER A 1 17 ? 2.526   9.986   12.832  1.00 17.13 ? 17   SER A CA  1 
ATOM   121  C C   . SER A 1 17 ? 1.942   8.749   12.182  1.00 16.26 ? 17   SER A C   1 
ATOM   122  O O   . SER A 1 17 ? 0.726   8.613   12.061  1.00 15.68 ? 17   SER A O   1 
ATOM   123  C CB  . SER A 1 17 ? 3.089   9.594   14.188  1.00 20.49 ? 17   SER A CB  1 
ATOM   124  O OG  . SER A 1 17 ? 2.086   8.966   14.962  1.00 24.18 ? 17   SER A OG  1 
ATOM   125  N N   . ALA A 1 18 ? 2.826   7.845   11.767  1.00 15.68 ? 18   ALA A N   1 
ATOM   126  C CA  . ALA A 1 18 ? 2.410   6.600   11.134  1.00 15.82 ? 18   ALA A CA  1 
ATOM   127  C C   . ALA A 1 18 ? 3.481   5.538   11.297  1.00 15.43 ? 18   ALA A C   1 
ATOM   128  O O   . ALA A 1 18 ? 4.662   5.794   11.075  1.00 15.12 ? 18   ALA A O   1 
ATOM   129  C CB  . ALA A 1 18 ? 2.119   6.825   9.649   1.00 14.15 ? 18   ALA A CB  1 
ATOM   130  N N   . LEU A 1 19 ? 3.054   4.347   11.700  1.00 15.64 ? 19   LEU A N   1 
ATOM   131  C CA  . LEU A 1 19 ? 3.960   3.233   11.877  1.00 15.72 ? 19   LEU A CA  1 
ATOM   132  C C   . LEU A 1 19 ? 3.954   2.430   10.591  1.00 16.00 ? 19   LEU A C   1 
ATOM   133  O O   . LEU A 1 19 ? 2.926   1.876   10.198  1.00 15.89 ? 19   LEU A O   1 
ATOM   134  C CB  . LEU A 1 19 ? 3.508   2.357   13.047  1.00 15.16 ? 19   LEU A CB  1 
ATOM   135  C CG  . LEU A 1 19 ? 4.257   1.032   13.208  1.00 15.84 ? 19   LEU A CG  1 
ATOM   136  C CD1 . LEU A 1 19 ? 5.777   1.240   13.128  1.00 14.26 ? 19   LEU A CD1 1 
ATOM   137  C CD2 . LEU A 1 19 ? 3.842   0.419   14.536  1.00 16.20 ? 19   LEU A CD2 1 
ATOM   138  N N   . ILE A 1 20 ? 5.106   2.384   9.932   1.00 17.02 ? 20   ILE A N   1 
ATOM   139  C CA  . ILE A 1 20 ? 5.245   1.658   8.681   1.00 16.56 ? 20   ILE A CA  1 
ATOM   140  C C   . ILE A 1 20 ? 6.014   0.376   8.950   1.00 17.37 ? 20   ILE A C   1 
ATOM   141  O O   . ILE A 1 20 ? 6.978   0.366   9.714   1.00 17.23 ? 20   ILE A O   1 
ATOM   142  C CB  . ILE A 1 20 ? 5.988   2.514   7.608   1.00 15.31 ? 20   ILE A CB  1 
ATOM   143  C CG1 . ILE A 1 20 ? 5.246   3.833   7.390   1.00 14.15 ? 20   ILE A CG1 1 
ATOM   144  C CG2 . ILE A 1 20 ? 6.097   1.751   6.296   1.00 15.27 ? 20   ILE A CG2 1 
ATOM   145  C CD1 . ILE A 1 20 ? 3.783   3.667   7.063   1.00 13.84 ? 20   ILE A CD1 1 
ATOM   146  N N   . SER A 1 21 ? 5.570   -0.702  8.316   1.00 17.74 ? 21   SER A N   1 
ATOM   147  C CA  . SER A 1 21 ? 6.192   -2.003  8.485   1.00 19.21 ? 21   SER A CA  1 
ATOM   148  C C   . SER A 1 21 ? 6.387   -2.670  7.131   1.00 18.85 ? 21   SER A C   1 
ATOM   149  O O   . SER A 1 21 ? 5.755   -2.287  6.154   1.00 18.66 ? 21   SER A O   1 
ATOM   150  C CB  . SER A 1 21 ? 5.301   -2.890  9.352   1.00 19.55 ? 21   SER A CB  1 
ATOM   151  O OG  . SER A 1 21 ? 5.981   -4.078  9.700   1.00 26.34 ? 21   SER A OG  1 
ATOM   152  N N   . TRP A 1 22 ? 7.258   -3.676  7.087   1.00 20.22 ? 22   TRP A N   1 
ATOM   153  C CA  . TRP A 1 22 ? 7.545   -4.421  5.862   1.00 19.98 ? 22   TRP A CA  1 
ATOM   154  C C   . TRP A 1 22 ? 8.411   -5.605  6.243   1.00 22.22 ? 22   TRP A C   1 
ATOM   155  O O   . TRP A 1 22 ? 8.930   -5.669  7.358   1.00 21.14 ? 22   TRP A O   1 
ATOM   156  C CB  . TRP A 1 22 ? 8.298   -3.547  4.850   1.00 19.18 ? 22   TRP A CB  1 
ATOM   157  C CG  . TRP A 1 22 ? 9.642   -3.066  5.340   1.00 20.48 ? 22   TRP A CG  1 
ATOM   158  C CD1 . TRP A 1 22 ? 10.853  -3.691  5.182   1.00 20.95 ? 22   TRP A CD1 1 
ATOM   159  C CD2 . TRP A 1 22 ? 9.902   -1.890  6.119   1.00 20.43 ? 22   TRP A CD2 1 
ATOM   160  N NE1 . TRP A 1 22 ? 11.845  -2.981  5.815   1.00 19.30 ? 22   TRP A NE1 1 
ATOM   161  C CE2 . TRP A 1 22 ? 11.291  -1.869  6.398   1.00 20.75 ? 22   TRP A CE2 1 
ATOM   162  C CE3 . TRP A 1 22 ? 9.097   -0.849  6.607   1.00 21.20 ? 22   TRP A CE3 1 
ATOM   163  C CZ2 . TRP A 1 22 ? 11.892  -0.851  7.149   1.00 21.07 ? 22   TRP A CZ2 1 
ATOM   164  C CZ3 . TRP A 1 22 ? 9.695   0.167   7.356   1.00 20.63 ? 22   TRP A CZ3 1 
ATOM   165  C CH2 . TRP A 1 22 ? 11.082  0.157   7.617   1.00 22.42 ? 22   TRP A CH2 1 
ATOM   166  N N   . ASP A 1 23 ? 8.562   -6.541  5.313   1.00 24.89 ? 23   ASP A N   1 
ATOM   167  C CA  . ASP A 1 23 ? 9.389   -7.719  5.534   1.00 27.18 ? 23   ASP A CA  1 
ATOM   168  C C   . ASP A 1 23 ? 10.695  -7.544  4.770   1.00 27.51 ? 23   ASP A C   1 
ATOM   169  O O   . ASP A 1 23 ? 10.711  -7.037  3.647   1.00 26.53 ? 23   ASP A O   1 
ATOM   170  C CB  . ASP A 1 23 ? 8.678   -8.983  5.041   1.00 30.28 ? 23   ASP A CB  1 
ATOM   171  C CG  . ASP A 1 23 ? 7.387   -9.264  5.796   1.00 34.39 ? 23   ASP A CG  1 
ATOM   172  O OD1 . ASP A 1 23 ? 7.417   -9.282  7.051   1.00 35.65 ? 23   ASP A OD1 1 
ATOM   173  O OD2 . ASP A 1 23 ? 6.346   -9.472  5.134   1.00 35.12 ? 23   ASP A OD2 1 
ATOM   174  N N   . ALA A 1 24 ? 11.794  -7.952  5.388   1.00 29.12 ? 24   ALA A N   1 
ATOM   175  C CA  . ALA A 1 24 ? 13.096  -7.848  4.746   1.00 30.58 ? 24   ALA A CA  1 
ATOM   176  C C   . ALA A 1 24 ? 13.115  -8.791  3.546   1.00 30.10 ? 24   ALA A C   1 
ATOM   177  O O   . ALA A 1 24 ? 12.592  -9.907  3.617   1.00 30.27 ? 24   ALA A O   1 
ATOM   178  C CB  . ALA A 1 24 ? 14.201  -8.225  5.738   1.00 30.20 ? 24   ALA A CB  1 
ATOM   179  N N   . PRO A 1 25 ? 13.700  -8.349  2.417   1.00 30.47 ? 25   PRO A N   1 
ATOM   180  C CA  . PRO A 1 25 ? 13.741  -9.232  1.245   1.00 30.11 ? 25   PRO A CA  1 
ATOM   181  C C   . PRO A 1 25 ? 14.513  -10.501 1.594   1.00 28.60 ? 25   PRO A C   1 
ATOM   182  O O   . PRO A 1 25 ? 15.227  -10.533 2.590   1.00 27.03 ? 25   PRO A O   1 
ATOM   183  C CB  . PRO A 1 25 ? 14.434  -8.372  0.186   1.00 29.40 ? 25   PRO A CB  1 
ATOM   184  C CG  . PRO A 1 25 ? 15.262  -7.415  0.991   1.00 28.01 ? 25   PRO A CG  1 
ATOM   185  C CD  . PRO A 1 25 ? 14.349  -7.057  2.130   1.00 29.53 ? 25   PRO A CD  1 
ATOM   186  N N   . ALA A 1 26 ? 14.360  -11.548 0.792   1.00 30.03 ? 26   ALA A N   1 
ATOM   187  C CA  . ALA A 1 26 ? 15.054  -12.805 1.070   1.00 30.98 ? 26   ALA A CA  1 
ATOM   188  C C   . ALA A 1 26 ? 16.555  -12.659 0.892   1.00 31.20 ? 26   ALA A C   1 
ATOM   189  O O   . ALA A 1 26 ? 17.334  -13.343 1.554   1.00 32.27 ? 26   ALA A O   1 
ATOM   190  C CB  . ALA A 1 26 ? 14.534  -13.909 0.169   1.00 32.16 ? 26   ALA A CB  1 
ATOM   191  N N   . VAL A 1 27 ? 16.952  -11.758 0.000   1.00 31.32 ? 27   VAL A N   1 
ATOM   192  C CA  . VAL A 1 27 ? 18.361  -11.524 -0.268  1.00 30.52 ? 27   VAL A CA  1 
ATOM   193  C C   . VAL A 1 27 ? 18.974  -10.545 0.720   1.00 30.99 ? 27   VAL A C   1 
ATOM   194  O O   . VAL A 1 27 ? 18.287  -9.695  1.286   1.00 32.45 ? 27   VAL A O   1 
ATOM   195  C CB  . VAL A 1 27 ? 18.574  -10.995 -1.691  1.00 30.12 ? 27   VAL A CB  1 
ATOM   196  C CG1 . VAL A 1 27 ? 18.188  -12.066 -2.699  1.00 29.07 ? 27   VAL A CG1 1 
ATOM   197  C CG2 . VAL A 1 27 ? 17.757  -9.737  -1.901  1.00 31.17 ? 27   VAL A CG2 1 
ATOM   198  N N   . THR A 1 28 ? 20.278  -10.679 0.920   1.00 29.50 ? 28   THR A N   1 
ATOM   199  C CA  . THR A 1 28 ? 21.025  -9.833  1.834   1.00 28.02 ? 28   THR A CA  1 
ATOM   200  C C   . THR A 1 28 ? 21.107  -8.400  1.306   1.00 28.88 ? 28   THR A C   1 
ATOM   201  O O   . THR A 1 28 ? 21.478  -8.184  0.155   1.00 29.28 ? 28   THR A O   1 
ATOM   202  C CB  . THR A 1 28 ? 22.446  -10.392 2.001   1.00 27.58 ? 28   THR A CB  1 
ATOM   203  O OG1 . THR A 1 28 ? 22.357  -11.770 2.376   1.00 26.44 ? 28   THR A OG1 1 
ATOM   204  C CG2 . THR A 1 28 ? 23.213  -9.628  3.069   1.00 26.48 ? 28   THR A CG2 1 
ATOM   205  N N   . ILE A 1 29 ? 20.755  -7.424  2.141   1.00 27.76 ? 29   ILE A N   1 
ATOM   206  C CA  . ILE A 1 29 ? 20.817  -6.022  1.731   1.00 27.31 ? 29   ILE A CA  1 
ATOM   207  C C   . ILE A 1 29 ? 21.553  -5.223  2.799   1.00 27.31 ? 29   ILE A C   1 
ATOM   208  O O   . ILE A 1 29 ? 21.622  -5.646  3.949   1.00 27.71 ? 29   ILE A O   1 
ATOM   209  C CB  . ILE A 1 29 ? 19.411  -5.406  1.539   1.00 26.27 ? 29   ILE A CB  1 
ATOM   210  C CG1 . ILE A 1 29 ? 18.738  -5.205  2.894   1.00 26.07 ? 29   ILE A CG1 1 
ATOM   211  C CG2 . ILE A 1 29 ? 18.560  -6.311  0.661   1.00 26.69 ? 29   ILE A CG2 1 
ATOM   212  C CD1 . ILE A 1 29 ? 17.497  -4.360  2.836   1.00 25.87 ? 29   ILE A CD1 1 
ATOM   213  N N   . ARG A 1 30 ? 22.099  -4.071  2.424   1.00 26.30 ? 30   ARG A N   1 
ATOM   214  C CA  . ARG A 1 30 ? 22.826  -3.247  3.376   1.00 25.91 ? 30   ARG A CA  1 
ATOM   215  C C   . ARG A 1 30 ? 21.965  -2.187  4.038   1.00 24.60 ? 30   ARG A C   1 
ATOM   216  O O   . ARG A 1 30 ? 22.009  -2.014  5.258   1.00 25.32 ? 30   ARG A O   1 
ATOM   217  C CB  . ARG A 1 30 ? 24.026  -2.585  2.702   1.00 29.31 ? 30   ARG A CB  1 
ATOM   218  C CG  . ARG A 1 30 ? 25.243  -3.489  2.610   1.00 35.03 ? 30   ARG A CG  1 
ATOM   219  C CD  . ARG A 1 30 ? 26.501  -2.665  2.458   1.00 41.24 ? 30   ARG A CD  1 
ATOM   220  N NE  . ARG A 1 30 ? 27.669  -3.343  3.011   1.00 45.83 ? 30   ARG A NE  1 
ATOM   221  C CZ  . ARG A 1 30 ? 28.862  -2.770  3.146   1.00 48.20 ? 30   ARG A CZ  1 
ATOM   222  N NH1 . ARG A 1 30 ? 29.036  -1.506  2.764   1.00 48.17 ? 30   ARG A NH1 1 
ATOM   223  N NH2 . ARG A 1 30 ? 29.876  -3.451  3.668   1.00 49.01 ? 30   ARG A NH2 1 
ATOM   224  N N   . TYR A 1 31 ? 21.178  -1.480  3.234   1.00 22.60 ? 31   TYR A N   1 
ATOM   225  C CA  . TYR A 1 31 ? 20.322  -0.429  3.756   1.00 20.94 ? 31   TYR A CA  1 
ATOM   226  C C   . TYR A 1 31 ? 18.947  -0.434  3.136   1.00 19.81 ? 31   TYR A C   1 
ATOM   227  O O   . TYR A 1 31 ? 18.716  -0.996  2.067   1.00 17.86 ? 31   TYR A O   1 
ATOM   228  C CB  . TYR A 1 31 ? 20.918  0.952   3.479   1.00 23.50 ? 31   TYR A CB  1 
ATOM   229  C CG  . TYR A 1 31 ? 22.393  1.063   3.725   1.00 26.83 ? 31   TYR A CG  1 
ATOM   230  C CD1 . TYR A 1 31 ? 23.289  1.178   2.662   1.00 28.08 ? 31   TYR A CD1 1 
ATOM   231  C CD2 . TYR A 1 31 ? 22.902  1.016   5.019   1.00 28.81 ? 31   TYR A CD2 1 
ATOM   232  C CE1 . TYR A 1 31 ? 24.666  1.240   2.890   1.00 32.12 ? 31   TYR A CE1 1 
ATOM   233  C CE2 . TYR A 1 31 ? 24.273  1.077   5.258   1.00 31.42 ? 31   TYR A CE2 1 
ATOM   234  C CZ  . TYR A 1 31 ? 25.148  1.184   4.195   1.00 31.81 ? 31   TYR A CZ  1 
ATOM   235  O OH  . TYR A 1 31 ? 26.500  1.226   4.445   1.00 35.32 ? 31   TYR A OH  1 
ATOM   236  N N   . ILE A 1 32 ? 18.042  0.237   3.833   1.00 18.24 ? 32   ILE A N   1 
ATOM   237  C CA  . ILE A 1 32 ? 16.684  0.425   3.374   1.00 16.82 ? 32   ILE A CA  1 
ATOM   238  C C   . ILE A 1 32 ? 16.577  1.947   3.246   1.00 15.42 ? 32   ILE A C   1 
ATOM   239  O O   . ILE A 1 32 ? 16.912  2.676   4.179   1.00 13.13 ? 32   ILE A O   1 
ATOM   240  C CB  . ILE A 1 32 ? 15.645  -0.061  4.411   1.00 16.12 ? 32   ILE A CB  1 
ATOM   241  C CG1 . ILE A 1 32 ? 15.619  -1.590  4.468   1.00 17.65 ? 32   ILE A CG1 1 
ATOM   242  C CG2 . ILE A 1 32 ? 14.265  0.508   4.059   1.00 15.45 ? 32   ILE A CG2 1 
ATOM   243  C CD1 . ILE A 1 32 ? 15.050  -2.238  3.220   1.00 17.19 ? 32   ILE A CD1 1 
ATOM   244  N N   . ARG A 1 33 ? 16.161  2.420   2.078   1.00 15.94 ? 33   ARG A N   1 
ATOM   245  C CA  . ARG A 1 33 ? 15.976  3.848   1.852   1.00 18.25 ? 33   ARG A CA  1 
ATOM   246  C C   . ARG A 1 33 ? 14.471  4.092   1.887   1.00 16.22 ? 33   ARG A C   1 
ATOM   247  O O   . ARG A 1 33 ? 13.720  3.559   1.072   1.00 15.80 ? 33   ARG A O   1 
ATOM   248  C CB  . ARG A 1 33 ? 16.547  4.266   0.495   1.00 19.87 ? 33   ARG A CB  1 
ATOM   249  C CG  . ARG A 1 33 ? 18.066  4.342   0.444   1.00 21.07 ? 33   ARG A CG  1 
ATOM   250  C CD  . ARG A 1 33 ? 18.577  5.712   0.871   1.00 22.05 ? 33   ARG A CD  1 
ATOM   251  N NE  . ARG A 1 33 ? 20.036  5.746   0.967   1.00 25.99 ? 33   ARG A NE  1 
ATOM   252  C CZ  . ARG A 1 33 ? 20.870  5.539   -0.049  1.00 26.18 ? 33   ARG A CZ  1 
ATOM   253  N NH1 . ARG A 1 33 ? 22.179  5.587   0.151   1.00 27.63 ? 33   ARG A NH1 1 
ATOM   254  N NH2 . ARG A 1 33 ? 20.407  5.291   -1.265  1.00 26.03 ? 33   ARG A NH2 1 
ATOM   255  N N   . LEU A 1 34 ? 14.037  4.882   2.855   1.00 16.60 ? 34   LEU A N   1 
ATOM   256  C CA  . LEU A 1 34 ? 12.628  5.185   3.015   1.00 14.91 ? 34   LEU A CA  1 
ATOM   257  C C   . LEU A 1 34 ? 12.377  6.669   2.778   1.00 15.66 ? 34   LEU A C   1 
ATOM   258  O O   . LEU A 1 34 ? 12.918  7.526   3.470   1.00 15.24 ? 34   LEU A O   1 
ATOM   259  C CB  . LEU A 1 34 ? 12.175  4.777   4.422   1.00 14.68 ? 34   LEU A CB  1 
ATOM   260  C CG  . LEU A 1 34 ? 10.700  4.916   4.823   1.00 13.33 ? 34   LEU A CG  1 
ATOM   261  C CD1 . LEU A 1 34 ? 10.455  4.034   6.042   1.00 10.98 ? 34   LEU A CD1 1 
ATOM   262  C CD2 . LEU A 1 34 ? 10.324  6.378   5.083   1.00 12.26 ? 34   LEU A CD2 1 
ATOM   263  N N   . THR A 1 35 ? 11.549  6.967   1.792   1.00 15.78 ? 35   THR A N   1 
ATOM   264  C CA  . THR A 1 35 ? 11.233  8.345   1.479   1.00 16.53 ? 35   THR A CA  1 
ATOM   265  C C   . THR A 1 35 ? 9.744   8.584   1.663   1.00 17.71 ? 35   THR A C   1 
ATOM   266  O O   . THR A 1 35 ? 8.920   7.765   1.246   1.00 17.82 ? 35   THR A O   1 
ATOM   267  C CB  . THR A 1 35 ? 11.613  8.672   0.025   1.00 16.63 ? 35   THR A CB  1 
ATOM   268  O OG1 . THR A 1 35 ? 12.977  8.296   -0.202  1.00 16.83 ? 35   THR A OG1 1 
ATOM   269  C CG2 . THR A 1 35 ? 11.456  10.163  -0.245  1.00 18.43 ? 35   THR A CG2 1 
ATOM   270  N N   . TYR A 1 36 ? 9.394   9.690   2.308   1.00 16.03 ? 36   TYR A N   1 
ATOM   271  C CA  . TYR A 1 36 ? 7.985   10.009  2.488   1.00 17.95 ? 36   TYR A CA  1 
ATOM   272  C C   . TYR A 1 36 ? 7.722   11.483  2.202   1.00 18.22 ? 36   TYR A C   1 
ATOM   273  O O   . TYR A 1 36 ? 8.616   12.329  2.328   1.00 17.35 ? 36   TYR A O   1 
ATOM   274  C CB  . TYR A 1 36 ? 7.501   9.647   3.901   1.00 16.16 ? 36   TYR A CB  1 
ATOM   275  C CG  . TYR A 1 36 ? 8.144   10.441  5.015   1.00 17.90 ? 36   TYR A CG  1 
ATOM   276  C CD1 . TYR A 1 36 ? 9.296   9.979   5.653   1.00 17.15 ? 36   TYR A CD1 1 
ATOM   277  C CD2 . TYR A 1 36 ? 7.598   11.652  5.438   1.00 19.76 ? 36   TYR A CD2 1 
ATOM   278  C CE1 . TYR A 1 36 ? 9.885   10.699  6.682   1.00 18.62 ? 36   TYR A CE1 1 
ATOM   279  C CE2 . TYR A 1 36 ? 8.185   12.390  6.475   1.00 18.63 ? 36   TYR A CE2 1 
ATOM   280  C CZ  . TYR A 1 36 ? 9.323   11.906  7.091   1.00 19.51 ? 36   TYR A CZ  1 
ATOM   281  O OH  . TYR A 1 36 ? 9.888   12.611  8.134   1.00 21.22 ? 36   TYR A OH  1 
ATOM   282  N N   . GLY A 1 37 ? 6.487   11.778  1.810   1.00 17.95 ? 37   GLY A N   1 
ATOM   283  C CA  . GLY A 1 37 ? 6.111   13.143  1.507   1.00 17.42 ? 37   GLY A CA  1 
ATOM   284  C C   . GLY A 1 37 ? 4.630   13.165  1.245   1.00 17.50 ? 37   GLY A C   1 
ATOM   285  O O   . GLY A 1 37 ? 4.020   12.111  1.114   1.00 17.31 ? 37   GLY A O   1 
ATOM   286  N N   . GLU A 1 38 ? 4.048   14.356  1.177   1.00 18.04 ? 38   GLU A N   1 
ATOM   287  C CA  . GLU A 1 38 ? 2.626   14.488  0.919   1.00 18.86 ? 38   GLU A CA  1 
ATOM   288  C C   . GLU A 1 38 ? 2.354   13.990  -0.492  1.00 20.21 ? 38   GLU A C   1 
ATOM   289  O O   . GLU A 1 38 ? 3.055   14.352  -1.428  1.00 20.54 ? 38   GLU A O   1 
ATOM   290  C CB  . GLU A 1 38 ? 2.201   15.952  1.063   1.00 19.30 ? 38   GLU A CB  1 
ATOM   291  C CG  . GLU A 1 38 ? 2.589   16.574  2.406   1.00 22.03 ? 38   GLU A CG  1 
ATOM   292  C CD  . GLU A 1 38 ? 1.999   17.962  2.624   1.00 23.97 ? 38   GLU A CD  1 
ATOM   293  O OE1 . GLU A 1 38 ? 2.395   18.642  3.590   1.00 26.71 ? 38   GLU A OE1 1 
ATOM   294  O OE2 . GLU A 1 38 ? 1.129   18.372  1.837   1.00 25.88 ? 38   GLU A OE2 1 
ATOM   295  N N   . THR A 1 39 ? 1.350   13.137  -0.639  1.00 23.19 ? 39   THR A N   1 
ATOM   296  C CA  . THR A 1 39 ? 0.996   12.593  -1.945  1.00 25.47 ? 39   THR A CA  1 
ATOM   297  C C   . THR A 1 39 ? 0.620   13.740  -2.870  1.00 29.43 ? 39   THR A C   1 
ATOM   298  O O   . THR A 1 39 ? -0.133  14.634  -2.487  1.00 29.76 ? 39   THR A O   1 
ATOM   299  C CB  . THR A 1 39 ? -0.193  11.626  -1.836  1.00 23.03 ? 39   THR A CB  1 
ATOM   300  O OG1 . THR A 1 39 ? 0.029   10.728  -0.748  1.00 20.75 ? 39   THR A OG1 1 
ATOM   301  C CG2 . THR A 1 39 ? -0.333  10.811  -3.111  1.00 23.04 ? 39   THR A CG2 1 
ATOM   302  N N   . GLY A 1 40 ? 1.139   13.715  -4.090  1.00 33.38 ? 40   GLY A N   1 
ATOM   303  C CA  . GLY A 1 40 ? 0.836   14.791  -5.009  1.00 39.94 ? 40   GLY A CA  1 
ATOM   304  C C   . GLY A 1 40 ? 0.956   16.121  -4.289  1.00 44.28 ? 40   GLY A C   1 
ATOM   305  O O   . GLY A 1 40 ? -0.034  16.649  -3.782  1.00 44.90 ? 40   GLY A O   1 
ATOM   306  N N   . GLY A 1 41 ? 2.170   16.661  -4.226  1.00 47.86 ? 41   GLY A N   1 
ATOM   307  C CA  . GLY A 1 41 ? 2.363   17.930  -3.553  1.00 51.90 ? 41   GLY A CA  1 
ATOM   308  C C   . GLY A 1 41 ? 3.701   18.585  -3.825  1.00 54.91 ? 41   GLY A C   1 
ATOM   309  O O   . GLY A 1 41 ? 4.636   17.944  -4.310  1.00 54.30 ? 41   GLY A O   1 
ATOM   310  N N   . ASN A 1 42 ? 3.782   19.876  -3.517  1.00 57.94 ? 42   ASN A N   1 
ATOM   311  C CA  . ASN A 1 42 ? 5.007   20.643  -3.708  1.00 60.74 ? 42   ASN A CA  1 
ATOM   312  C C   . ASN A 1 42 ? 5.757   20.745  -2.394  1.00 61.30 ? 42   ASN A C   1 
ATOM   313  O O   . ASN A 1 42 ? 6.748   21.467  -2.292  1.00 62.75 ? 42   ASN A O   1 
ATOM   314  C CB  . ASN A 1 42 ? 4.701   22.054  -4.229  1.00 63.13 ? 42   ASN A CB  1 
ATOM   315  C CG  . ASN A 1 42 ? 4.813   22.159  -5.741  1.00 64.62 ? 42   ASN A CG  1 
ATOM   316  O OD1 . ASN A 1 42 ? 5.849   21.826  -6.322  1.00 65.44 ? 42   ASN A OD1 1 
ATOM   317  N ND2 . ASN A 1 42 ? 3.746   22.629  -6.387  1.00 64.64 ? 42   ASN A ND2 1 
ATOM   318  N N   . SER A 1 43 ? 5.278   20.030  -1.382  1.00 61.06 ? 43   SER A N   1 
ATOM   319  C CA  . SER A 1 43 ? 5.945   20.049  -0.093  1.00 60.77 ? 43   SER A CA  1 
ATOM   320  C C   . SER A 1 43 ? 7.164   19.128  -0.158  1.00 59.92 ? 43   SER A C   1 
ATOM   321  O O   . SER A 1 43 ? 7.140   18.086  -0.825  1.00 59.67 ? 43   SER A O   1 
ATOM   322  C CB  . SER A 1 43 ? 4.991   19.584  1.009   1.00 61.32 ? 43   SER A CB  1 
ATOM   323  O OG  . SER A 1 43 ? 5.610   19.674  2.280   1.00 62.24 ? 43   SER A OG  1 
ATOM   324  N N   . PRO A 1 44 ? 8.254   19.507  0.527   1.00 58.90 ? 44   PRO A N   1 
ATOM   325  C CA  . PRO A 1 44 ? 9.479   18.700  0.533   1.00 57.45 ? 44   PRO A CA  1 
ATOM   326  C C   . PRO A 1 44 ? 9.263   17.211  0.851   1.00 55.29 ? 44   PRO A C   1 
ATOM   327  O O   . PRO A 1 44 ? 8.365   16.838  1.607   1.00 55.31 ? 44   PRO A O   1 
ATOM   328  C CB  . PRO A 1 44 ? 10.357  19.414  1.569   1.00 58.16 ? 44   PRO A CB  1 
ATOM   329  C CG  . PRO A 1 44 ? 9.352   20.117  2.465   1.00 59.14 ? 44   PRO A CG  1 
ATOM   330  C CD  . PRO A 1 44 ? 8.362   20.641  1.461   1.00 59.16 ? 44   PRO A CD  1 
ATOM   331  N N   . VAL A 1 45 ? 10.103  16.373  0.261   1.00 52.41 ? 45   VAL A N   1 
ATOM   332  C CA  . VAL A 1 45 ? 10.033  14.927  0.442   1.00 50.10 ? 45   VAL A CA  1 
ATOM   333  C C   . VAL A 1 45 ? 11.253  14.461  1.237   1.00 47.69 ? 45   VAL A C   1 
ATOM   334  O O   . VAL A 1 45 ? 12.368  14.493  0.712   1.00 49.11 ? 45   VAL A O   1 
ATOM   335  C CB  . VAL A 1 45 ? 10.057  14.219  -0.928  1.00 50.24 ? 45   VAL A CB  1 
ATOM   336  C CG1 . VAL A 1 45 ? 9.686   12.767  -0.768  1.00 51.78 ? 45   VAL A CG1 1 
ATOM   337  C CG2 . VAL A 1 45 ? 9.125   14.928  -1.899  1.00 50.96 ? 45   VAL A CG2 1 
ATOM   338  N N   . GLN A 1 46 ? 11.068  14.019  2.481   1.00 42.62 ? 46   GLN A N   1 
ATOM   339  C CA  . GLN A 1 46 ? 12.225  13.577  3.259   1.00 37.92 ? 46   GLN A CA  1 
ATOM   340  C C   . GLN A 1 46 ? 12.590  12.111  3.117   1.00 33.03 ? 46   GLN A C   1 
ATOM   341  O O   . GLN A 1 46 ? 11.729  11.238  3.082   1.00 30.85 ? 46   GLN A O   1 
ATOM   342  C CB  . GLN A 1 46 ? 12.067  13.890  4.749   1.00 40.26 ? 46   GLN A CB  1 
ATOM   343  C CG  . GLN A 1 46 ? 13.377  13.667  5.517   1.00 42.25 ? 46   GLN A CG  1 
ATOM   344  C CD  . GLN A 1 46 ? 13.337  14.180  6.940   1.00 44.23 ? 46   GLN A CD  1 
ATOM   345  O OE1 . GLN A 1 46 ? 12.763  15.238  7.214   1.00 45.29 ? 46   GLN A OE1 1 
ATOM   346  N NE2 . GLN A 1 46 ? 13.966  13.444  7.858   1.00 44.60 ? 46   GLN A NE2 1 
ATOM   347  N N   . GLU A 1 47 ? 13.893  11.861  3.053   1.00 29.16 ? 47   GLU A N   1 
ATOM   348  C CA  . GLU A 1 47 ? 14.427  10.518  2.918   1.00 27.36 ? 47   GLU A CA  1 
ATOM   349  C C   . GLU A 1 47 ? 15.349  10.119  4.074   1.00 26.28 ? 47   GLU A C   1 
ATOM   350  O O   . GLU A 1 47 ? 16.185  10.904  4.518   1.00 26.68 ? 47   GLU A O   1 
ATOM   351  C CB  . GLU A 1 47 ? 15.187  10.379  1.596   1.00 25.46 ? 47   GLU A CB  1 
ATOM   352  C CG  . GLU A 1 47 ? 16.135  9.196   1.579   1.00 26.81 ? 47   GLU A CG  1 
ATOM   353  C CD  . GLU A 1 47 ? 16.689  8.899   0.211   1.00 27.54 ? 47   GLU A CD  1 
ATOM   354  O OE1 . GLU A 1 47 ? 15.975  8.287   -0.606  1.00 29.32 ? 47   GLU A OE1 1 
ATOM   355  O OE2 . GLU A 1 47 ? 17.840  9.284   -0.049  1.00 29.53 ? 47   GLU A OE2 1 
ATOM   356  N N   . ILE A 1 48 ? 15.186  8.885   4.547   1.00 24.29 ? 48   ILE A N   1 
ATOM   357  C CA  . ILE A 1 48 ? 15.997  8.342   5.632   1.00 23.07 ? 48   ILE A CA  1 
ATOM   358  C C   . ILE A 1 48 ? 16.585  6.992   5.200   1.00 22.25 ? 48   ILE A C   1 
ATOM   359  O O   . ILE A 1 48 ? 15.942  6.221   4.482   1.00 20.75 ? 48   ILE A O   1 
ATOM   360  C CB  . ILE A 1 48 ? 15.160  8.092   6.910   1.00 24.41 ? 48   ILE A CB  1 
ATOM   361  C CG1 . ILE A 1 48 ? 14.148  6.990   6.639   1.00 23.61 ? 48   ILE A CG1 1 
ATOM   362  C CG2 . ILE A 1 48 ? 14.429  9.363   7.334   1.00 24.53 ? 48   ILE A CG2 1 
ATOM   363  C CD1 . ILE A 1 48 ? 13.597  6.379   7.875   1.00 27.59 ? 48   ILE A CD1 1 
ATOM   364  N N   . THR A 1 49 ? 17.805  6.710   5.639   1.00 20.67 ? 49   THR A N   1 
ATOM   365  C CA  . THR A 1 49 ? 18.454  5.446   5.315   1.00 19.40 ? 49   THR A CA  1 
ATOM   366  C C   . THR A 1 49 ? 18.429  4.642   6.601   1.00 19.51 ? 49   THR A C   1 
ATOM   367  O O   . THR A 1 49 ? 18.800  5.144   7.663   1.00 19.57 ? 49   THR A O   1 
ATOM   368  C CB  . THR A 1 49 ? 19.911  5.654   4.843   1.00 17.54 ? 49   THR A CB  1 
ATOM   369  O OG1 . THR A 1 49 ? 19.913  6.458   3.660   1.00 17.09 ? 49   THR A OG1 1 
ATOM   370  C CG2 . THR A 1 49 ? 20.565  4.330   4.520   1.00 17.40 ? 49   THR A CG2 1 
ATOM   371  N N   . LEU A 1 50 ? 17.963  3.405   6.505   1.00 20.15 ? 50   LEU A N   1 
ATOM   372  C CA  . LEU A 1 50 ? 17.861  2.534   7.667   1.00 20.82 ? 50   LEU A CA  1 
ATOM   373  C C   . LEU A 1 50 ? 18.716  1.305   7.513   1.00 21.44 ? 50   LEU A C   1 
ATOM   374  O O   . LEU A 1 50 ? 19.106  0.938   6.407   1.00 21.92 ? 50   LEU A O   1 
ATOM   375  C CB  . LEU A 1 50 ? 16.417  2.077   7.863   1.00 19.85 ? 50   LEU A CB  1 
ATOM   376  C CG  . LEU A 1 50 ? 15.374  3.163   8.074   1.00 19.06 ? 50   LEU A CG  1 
ATOM   377  C CD1 . LEU A 1 50 ? 13.985  2.576   7.877   1.00 20.36 ? 50   LEU A CD1 1 
ATOM   378  C CD2 . LEU A 1 50 ? 15.542  3.759   9.460   1.00 18.79 ? 50   LEU A CD2 1 
ATOM   379  N N   . PRO A 1 51 ? 19.045  0.660   8.634   1.00 23.94 ? 51   PRO A N   1 
ATOM   380  C CA  . PRO A 1 51 ? 19.859  -0.552  8.552   1.00 24.95 ? 51   PRO A CA  1 
ATOM   381  C C   . PRO A 1 51 ? 19.015  -1.588  7.806   1.00 24.55 ? 51   PRO A C   1 
ATOM   382  O O   . PRO A 1 51 ? 17.809  -1.684  8.034   1.00 23.81 ? 51   PRO A O   1 
ATOM   383  C CB  . PRO A 1 51 ? 20.064  -0.923  10.021  1.00 25.56 ? 51   PRO A CB  1 
ATOM   384  C CG  . PRO A 1 51 ? 20.091  0.413   10.694  1.00 26.24 ? 51   PRO A CG  1 
ATOM   385  C CD  . PRO A 1 51 ? 18.947  1.142   10.024  1.00 24.53 ? 51   PRO A CD  1 
ATOM   386  N N   . GLY A 1 52 ? 19.644  -2.346  6.915   1.00 25.36 ? 52   GLY A N   1 
ATOM   387  C CA  . GLY A 1 52 ? 18.921  -3.350  6.155   1.00 22.85 ? 52   GLY A CA  1 
ATOM   388  C C   . GLY A 1 52 ? 18.153  -4.348  7.000   1.00 22.41 ? 52   GLY A C   1 
ATOM   389  O O   . GLY A 1 52 ? 17.282  -5.050  6.494   1.00 25.11 ? 52   GLY A O   1 
ATOM   390  N N   . SER A 1 53 ? 18.454  -4.408  8.290   1.00 21.42 ? 53   SER A N   1 
ATOM   391  C CA  . SER A 1 53 ? 17.779  -5.350  9.174   1.00 22.78 ? 53   SER A CA  1 
ATOM   392  C C   . SER A 1 53 ? 16.571  -4.759  9.899   1.00 23.06 ? 53   SER A C   1 
ATOM   393  O O   . SER A 1 53 ? 15.839  -5.474  10.585  1.00 24.37 ? 53   SER A O   1 
ATOM   394  C CB  . SER A 1 53 ? 18.771  -5.893  10.203  1.00 22.17 ? 53   SER A CB  1 
ATOM   395  O OG  . SER A 1 53 ? 19.309  -4.840  10.981  1.00 25.39 ? 53   SER A OG  1 
ATOM   396  N N   . LYS A 1 54 ? 16.363  -3.456  9.754   1.00 23.63 ? 54   LYS A N   1 
ATOM   397  C CA  . LYS A 1 54 ? 15.238  -2.807  10.406  1.00 22.68 ? 54   LYS A CA  1 
ATOM   398  C C   . LYS A 1 54 ? 13.992  -3.113  9.592   1.00 22.18 ? 54   LYS A C   1 
ATOM   399  O O   . LYS A 1 54 ? 14.005  -2.996  8.370   1.00 21.54 ? 54   LYS A O   1 
ATOM   400  C CB  . LYS A 1 54 ? 15.474  -1.300  10.491  1.00 24.32 ? 54   LYS A CB  1 
ATOM   401  C CG  . LYS A 1 54 ? 14.404  -0.572  11.278  1.00 26.97 ? 54   LYS A CG  1 
ATOM   402  C CD  . LYS A 1 54 ? 14.827  0.837   11.635  1.00 27.86 ? 54   LYS A CD  1 
ATOM   403  C CE  . LYS A 1 54 ? 13.713  1.563   12.379  1.00 25.76 ? 54   LYS A CE  1 
ATOM   404  N NZ  . LYS A 1 54 ? 13.174  0.726   13.495  1.00 24.50 ? 54   LYS A NZ  1 
ATOM   405  N N   . SER A 1 55 ? 12.916  -3.508  10.267  1.00 23.24 ? 55   SER A N   1 
ATOM   406  C CA  . SER A 1 55 ? 11.683  -3.856  9.572   1.00 23.04 ? 55   SER A CA  1 
ATOM   407  C C   . SER A 1 55 ? 10.494  -2.940  9.857   1.00 22.25 ? 55   SER A C   1 
ATOM   408  O O   . SER A 1 55 ? 9.379   -3.205  9.396   1.00 21.77 ? 55   SER A O   1 
ATOM   409  C CB  . SER A 1 55 ? 11.297  -5.302  9.891   1.00 25.48 ? 55   SER A CB  1 
ATOM   410  O OG  . SER A 1 55 ? 10.887  -5.436  11.244  1.00 31.66 ? 55   SER A OG  1 
ATOM   411  N N   . THR A 1 56 ? 10.716  -1.878  10.625  1.00 20.26 ? 56   THR A N   1 
ATOM   412  C CA  . THR A 1 56 ? 9.650   -0.922  10.920  1.00 20.63 ? 56   THR A CA  1 
ATOM   413  C C   . THR A 1 56 ? 10.226  0.475   11.030  1.00 19.78 ? 56   THR A C   1 
ATOM   414  O O   . THR A 1 56 ? 11.420  0.655   11.222  1.00 18.95 ? 56   THR A O   1 
ATOM   415  C CB  . THR A 1 56 ? 8.907   -1.192  12.263  1.00 20.75 ? 56   THR A CB  1 
ATOM   416  O OG1 . THR A 1 56 ? 9.786   -0.929  13.365  1.00 21.77 ? 56   THR A OG1 1 
ATOM   417  C CG2 . THR A 1 56 ? 8.399   -2.620  12.329  1.00 19.36 ? 56   THR A CG2 1 
ATOM   418  N N   . TYR A 1 57 ? 9.357   1.465   10.899  1.00 18.96 ? 57   TYR A N   1 
ATOM   419  C CA  . TYR A 1 57 ? 9.775   2.845   11.021  1.00 18.83 ? 57   TYR A CA  1 
ATOM   420  C C   . TYR A 1 57 ? 8.550   3.704   11.293  1.00 18.53 ? 57   TYR A C   1 
ATOM   421  O O   . TYR A 1 57 ? 7.504   3.522   10.673  1.00 17.56 ? 57   TYR A O   1 
ATOM   422  C CB  . TYR A 1 57 ? 10.474  3.335   9.746   1.00 18.13 ? 57   TYR A CB  1 
ATOM   423  C CG  . TYR A 1 57 ? 10.964  4.764   9.868   1.00 20.35 ? 57   TYR A CG  1 
ATOM   424  C CD1 . TYR A 1 57 ? 12.059  5.080   10.683  1.00 20.44 ? 57   TYR A CD1 1 
ATOM   425  C CD2 . TYR A 1 57 ? 10.292  5.810   9.231   1.00 20.89 ? 57   TYR A CD2 1 
ATOM   426  C CE1 . TYR A 1 57 ? 12.473  6.406   10.861  1.00 21.79 ? 57   TYR A CE1 1 
ATOM   427  C CE2 . TYR A 1 57 ? 10.693  7.140   9.399   1.00 22.36 ? 57   TYR A CE2 1 
ATOM   428  C CZ  . TYR A 1 57 ? 11.783  7.433   10.220  1.00 24.13 ? 57   TYR A CZ  1 
ATOM   429  O OH  . TYR A 1 57 ? 12.181  8.745   10.398  1.00 24.38 ? 57   TYR A OH  1 
ATOM   430  N N   . THR A 1 58 ? 8.691   4.623   12.240  1.00 17.16 ? 58   THR A N   1 
ATOM   431  C CA  . THR A 1 58 ? 7.625   5.536   12.589  1.00 18.48 ? 58   THR A CA  1 
ATOM   432  C C   . THR A 1 58 ? 7.924   6.933   12.043  1.00 18.86 ? 58   THR A C   1 
ATOM   433  O O   . THR A 1 58 ? 8.936   7.556   12.375  1.00 17.45 ? 58   THR A O   1 
ATOM   434  C CB  . THR A 1 58 ? 7.430   5.615   14.114  1.00 19.39 ? 58   THR A CB  1 
ATOM   435  O OG1 . THR A 1 58 ? 6.936   4.359   14.591  1.00 19.88 ? 58   THR A OG1 1 
ATOM   436  C CG2 . THR A 1 58 ? 6.437   6.721   14.477  1.00 20.52 ? 58   THR A CG2 1 
ATOM   437  N N   . ILE A 1 59 ? 7.033   7.400   11.179  1.00 18.32 ? 59   ILE A N   1 
ATOM   438  C CA  . ILE A 1 59 ? 7.155   8.710   10.580  1.00 17.89 ? 59   ILE A CA  1 
ATOM   439  C C   . ILE A 1 59 ? 6.379   9.612   11.524  1.00 18.40 ? 59   ILE A C   1 
ATOM   440  O O   . ILE A 1 59 ? 5.255   9.291   11.903  1.00 18.04 ? 59   ILE A O   1 
ATOM   441  C CB  . ILE A 1 59 ? 6.499   8.741   9.178   1.00 16.32 ? 59   ILE A CB  1 
ATOM   442  C CG1 . ILE A 1 59 ? 7.045   7.594   8.324   1.00 15.63 ? 59   ILE A CG1 1 
ATOM   443  C CG2 . ILE A 1 59 ? 6.773   10.068  8.513   1.00 15.95 ? 59   ILE A CG2 1 
ATOM   444  C CD1 . ILE A 1 59 ? 6.326   7.387   7.016   1.00 14.98 ? 59   ILE A CD1 1 
ATOM   445  N N   . SER A 1 60 ? 6.986   10.720  11.928  1.00 18.15 ? 60   SER A N   1 
ATOM   446  C CA  . SER A 1 60 ? 6.320   11.647  12.821  1.00 17.68 ? 60   SER A CA  1 
ATOM   447  C C   . SER A 1 60 ? 6.450   13.065  12.286  1.00 18.00 ? 60   SER A C   1 
ATOM   448  O O   . SER A 1 60 ? 7.056   13.286  11.236  1.00 18.48 ? 60   SER A O   1 
ATOM   449  C CB  . SER A 1 60 ? 6.908   11.535  14.233  1.00 18.70 ? 60   SER A CB  1 
ATOM   450  O OG  . SER A 1 60 ? 8.320   11.613  14.205  1.00 20.36 ? 60   SER A OG  1 
ATOM   451  N N   . GLY A 1 61 ? 5.869   14.023  12.998  1.00 18.01 ? 61   GLY A N   1 
ATOM   452  C CA  . GLY A 1 61 ? 5.931   15.404  12.549  1.00 18.58 ? 61   GLY A CA  1 
ATOM   453  C C   . GLY A 1 61 ? 5.069   15.639  11.323  1.00 19.14 ? 61   GLY A C   1 
ATOM   454  O O   . GLY A 1 61 ? 5.321   16.566  10.558  1.00 20.82 ? 61   GLY A O   1 
ATOM   455  N N   . LEU A 1 62 ? 4.054   14.794  11.130  1.00 18.79 ? 62   LEU A N   1 
ATOM   456  C CA  . LEU A 1 62 ? 3.143   14.901  9.990   1.00 17.20 ? 62   LEU A CA  1 
ATOM   457  C C   . LEU A 1 62 ? 1.962   15.817  10.326  1.00 17.69 ? 62   LEU A C   1 
ATOM   458  O O   . LEU A 1 62 ? 1.734   16.131  11.492  1.00 19.80 ? 62   LEU A O   1 
ATOM   459  C CB  . LEU A 1 62 ? 2.631   13.506  9.600   1.00 14.19 ? 62   LEU A CB  1 
ATOM   460  C CG  . LEU A 1 62 ? 3.684   12.419  9.318   1.00 13.98 ? 62   LEU A CG  1 
ATOM   461  C CD1 . LEU A 1 62 ? 2.988   11.120  8.916   1.00 12.18 ? 62   LEU A CD1 1 
ATOM   462  C CD2 . LEU A 1 62 ? 4.644   12.876  8.212   1.00 12.59 ? 62   LEU A CD2 1 
ATOM   463  N N   . LYS A 1 63 ? 1.221   16.245  9.305   1.00 17.18 ? 63   LYS A N   1 
ATOM   464  C CA  . LYS A 1 63 ? 0.062   17.118  9.485   1.00 15.11 ? 63   LYS A CA  1 
ATOM   465  C C   . LYS A 1 63 ? -1.205  16.269  9.571   1.00 16.46 ? 63   LYS A C   1 
ATOM   466  O O   . LYS A 1 63 ? -1.345  15.278  8.853   1.00 16.19 ? 63   LYS A O   1 
ATOM   467  C CB  . LYS A 1 63 ? -0.076  18.067  8.297   1.00 16.05 ? 63   LYS A CB  1 
ATOM   468  C CG  . LYS A 1 63 ? 1.184   18.816  7.921   1.00 15.14 ? 63   LYS A CG  1 
ATOM   469  C CD  . LYS A 1 63 ? 0.970   19.588  6.633   1.00 18.28 ? 63   LYS A CD  1 
ATOM   470  C CE  . LYS A 1 63 ? 2.209   20.378  6.234   1.00 19.11 ? 63   LYS A CE  1 
ATOM   471  N NZ  . LYS A 1 63 ? 2.049   21.031  4.900   1.00 20.16 ? 63   LYS A NZ  1 
ATOM   472  N N   . PRO A 1 64 ? -2.154  16.647  10.443  1.00 15.85 ? 64   PRO A N   1 
ATOM   473  C CA  . PRO A 1 64 ? -3.403  15.882  10.581  1.00 15.88 ? 64   PRO A CA  1 
ATOM   474  C C   . PRO A 1 64 ? -4.210  15.832  9.267   1.00 17.25 ? 64   PRO A C   1 
ATOM   475  O O   . PRO A 1 64 ? -4.086  16.722  8.422   1.00 17.96 ? 64   PRO A O   1 
ATOM   476  C CB  . PRO A 1 64 ? -4.147  16.640  11.678  1.00 15.03 ? 64   PRO A CB  1 
ATOM   477  C CG  . PRO A 1 64 ? -3.042  17.249  12.491  1.00 14.02 ? 64   PRO A CG  1 
ATOM   478  C CD  . PRO A 1 64 ? -2.082  17.729  11.440  1.00 14.00 ? 64   PRO A CD  1 
ATOM   479  N N   . GLY A 1 65 ? -5.025  14.788  9.109   1.00 17.82 ? 65   GLY A N   1 
ATOM   480  C CA  . GLY A 1 65 ? -5.861  14.618  7.921   1.00 17.39 ? 65   GLY A CA  1 
ATOM   481  C C   . GLY A 1 65 ? -5.201  14.877  6.578   1.00 17.80 ? 65   GLY A C   1 
ATOM   482  O O   . GLY A 1 65 ? -5.798  15.493  5.692   1.00 16.27 ? 65   GLY A O   1 
ATOM   483  N N   . THR A 1 66 ? -3.975  14.384  6.417   1.00 17.61 ? 66   THR A N   1 
ATOM   484  C CA  . THR A 1 66 ? -3.210  14.602  5.194   1.00 16.15 ? 66   THR A CA  1 
ATOM   485  C C   . THR A 1 66 ? -2.795  13.310  4.508   1.00 15.63 ? 66   THR A C   1 
ATOM   486  O O   . THR A 1 66 ? -2.464  12.324  5.158   1.00 14.18 ? 66   THR A O   1 
ATOM   487  C CB  . THR A 1 66 ? -1.937  15.438  5.497   1.00 17.79 ? 66   THR A CB  1 
ATOM   488  O OG1 . THR A 1 66 ? -2.322  16.712  6.036   1.00 18.40 ? 66   THR A OG1 1 
ATOM   489  C CG2 . THR A 1 66 ? -1.097  15.643  4.237   1.00 16.40 ? 66   THR A CG2 1 
ATOM   490  N N   . ASP A 1 67 ? -2.813  13.330  3.181   1.00 15.82 ? 67   ASP A N   1 
ATOM   491  C CA  . ASP A 1 67 ? -2.422  12.172  2.393   1.00 17.17 ? 67   ASP A CA  1 
ATOM   492  C C   . ASP A 1 67 ? -0.912  12.191  2.225   1.00 17.18 ? 67   ASP A C   1 
ATOM   493  O O   . ASP A 1 67 ? -0.340  13.199  1.808   1.00 17.09 ? 67   ASP A O   1 
ATOM   494  C CB  . ASP A 1 67 ? -3.076  12.220  1.017   1.00 15.38 ? 67   ASP A CB  1 
ATOM   495  C CG  . ASP A 1 67 ? -4.574  12.198  1.091   1.00 15.51 ? 67   ASP A CG  1 
ATOM   496  O OD1 . ASP A 1 67 ? -5.196  12.969  0.336   1.00 16.18 ? 67   ASP A OD1 1 
ATOM   497  O OD2 . ASP A 1 67 ? -5.129  11.410  1.890   1.00 12.86 ? 67   ASP A OD2 1 
ATOM   498  N N   . TYR A 1 68 ? -0.280  11.070  2.557   1.00 16.85 ? 68   TYR A N   1 
ATOM   499  C CA  . TYR A 1 68 ? 1.162   10.931  2.451   1.00 15.45 ? 68   TYR A CA  1 
ATOM   500  C C   . TYR A 1 68 ? 1.518   9.706   1.629   1.00 15.05 ? 68   TYR A C   1 
ATOM   501  O O   . TYR A 1 68 ? 0.762   8.736   1.581   1.00 14.12 ? 68   TYR A O   1 
ATOM   502  C CB  . TYR A 1 68 ? 1.792   10.791  3.843   1.00 16.53 ? 68   TYR A CB  1 
ATOM   503  C CG  . TYR A 1 68 ? 1.832   12.075  4.636   1.00 15.76 ? 68   TYR A CG  1 
ATOM   504  C CD1 . TYR A 1 68 ? 0.822   12.394  5.551   1.00 14.58 ? 68   TYR A CD1 1 
ATOM   505  C CD2 . TYR A 1 68 ? 2.869   12.994  4.448   1.00 15.91 ? 68   TYR A CD2 1 
ATOM   506  C CE1 . TYR A 1 68 ? 0.846   13.609  6.256   1.00 13.59 ? 68   TYR A CE1 1 
ATOM   507  C CE2 . TYR A 1 68 ? 2.896   14.205  5.139   1.00 14.68 ? 68   TYR A CE2 1 
ATOM   508  C CZ  . TYR A 1 68 ? 1.884   14.500  6.039   1.00 12.47 ? 68   TYR A CZ  1 
ATOM   509  O OH  . TYR A 1 68 ? 1.919   15.694  6.705   1.00 14.24 ? 68   TYR A OH  1 
ATOM   510  N N   . THR A 1 69 ? 2.671   9.764   0.974   1.00 14.72 ? 69   THR A N   1 
ATOM   511  C CA  . THR A 1 69 ? 3.163   8.649   0.182   1.00 14.52 ? 69   THR A CA  1 
ATOM   512  C C   . THR A 1 69 ? 4.507   8.262   0.781   1.00 13.54 ? 69   THR A C   1 
ATOM   513  O O   . THR A 1 69 ? 5.292   9.126   1.157   1.00 12.73 ? 69   THR A O   1 
ATOM   514  C CB  . THR A 1 69 ? 3.360   9.035   -1.305  1.00 13.72 ? 69   THR A CB  1 
ATOM   515  O OG1 . THR A 1 69 ? 2.085   9.254   -1.921  1.00 15.51 ? 69   THR A OG1 1 
ATOM   516  C CG2 . THR A 1 69 ? 4.078   7.929   -2.049  1.00 13.27 ? 69   THR A CG2 1 
ATOM   517  N N   . VAL A 1 70 ? 4.742   6.962   0.896   1.00 12.85 ? 70   VAL A N   1 
ATOM   518  C CA  . VAL A 1 70 ? 5.991   6.443   1.435   1.00 14.89 ? 70   VAL A CA  1 
ATOM   519  C C   . VAL A 1 70 ? 6.536   5.431   0.442   1.00 16.10 ? 70   VAL A C   1 
ATOM   520  O O   . VAL A 1 70 ? 5.842   4.489   0.067   1.00 15.15 ? 70   VAL A O   1 
ATOM   521  C CB  . VAL A 1 70 ? 5.785   5.716   2.775   1.00 16.38 ? 70   VAL A CB  1 
ATOM   522  C CG1 . VAL A 1 70 ? 7.070   4.977   3.159   1.00 17.12 ? 70   VAL A CG1 1 
ATOM   523  C CG2 . VAL A 1 70 ? 5.396   6.712   3.864   1.00 18.25 ? 70   VAL A CG2 1 
ATOM   524  N N   . THR A 1 71 ? 7.776   5.632   0.010   1.00 17.35 ? 71   THR A N   1 
ATOM   525  C CA  . THR A 1 71 ? 8.401   4.729   -0.942  1.00 17.60 ? 71   THR A CA  1 
ATOM   526  C C   . THR A 1 71 ? 9.628   4.088   -0.314  1.00 17.08 ? 71   THR A C   1 
ATOM   527  O O   . THR A 1 71 ? 10.393  4.754   0.374   1.00 17.57 ? 71   THR A O   1 
ATOM   528  C CB  . THR A 1 71 ? 8.777   5.488   -2.221  1.00 18.33 ? 71   THR A CB  1 
ATOM   529  O OG1 . THR A 1 71 ? 7.579   5.811   -2.933  1.00 22.00 ? 71   THR A OG1 1 
ATOM   530  C CG2 . THR A 1 71 ? 9.679   4.662   -3.102  1.00 19.42 ? 71   THR A CG2 1 
ATOM   531  N N   . LEU A 1 72 ? 9.796   2.788   -0.535  1.00 17.65 ? 72   LEU A N   1 
ATOM   532  C CA  . LEU A 1 72 ? 10.922  2.048   0.021   1.00 18.36 ? 72   LEU A CA  1 
ATOM   533  C C   . LEU A 1 72 ? 11.689  1.298   -1.053  1.00 19.20 ? 72   LEU A C   1 
ATOM   534  O O   . LEU A 1 72 ? 11.112  0.777   -1.999  1.00 19.94 ? 72   LEU A O   1 
ATOM   535  C CB  . LEU A 1 72 ? 10.444  1.013   1.047   1.00 21.08 ? 72   LEU A CB  1 
ATOM   536  C CG  . LEU A 1 72 ? 9.550   1.360   2.241   1.00 22.56 ? 72   LEU A CG  1 
ATOM   537  C CD1 . LEU A 1 72 ? 9.489   0.173   3.197   1.00 22.24 ? 72   LEU A CD1 1 
ATOM   538  C CD2 . LEU A 1 72 ? 10.104  2.553   2.958   1.00 24.01 ? 72   LEU A CD2 1 
ATOM   539  N N   . TYR A 1 73 ? 13.001  1.248   -0.906  1.00 18.64 ? 73   TYR A N   1 
ATOM   540  C CA  . TYR A 1 73 ? 13.828  0.499   -1.831  1.00 17.67 ? 73   TYR A CA  1 
ATOM   541  C C   . TYR A 1 73 ? 15.072  0.085   -1.050  1.00 18.29 ? 73   TYR A C   1 
ATOM   542  O O   . TYR A 1 73 ? 15.510  0.780   -0.131  1.00 15.82 ? 73   TYR A O   1 
ATOM   543  C CB  . TYR A 1 73 ? 14.144  1.332   -3.088  1.00 17.09 ? 73   TYR A CB  1 
ATOM   544  C CG  . TYR A 1 73 ? 15.189  2.416   -2.955  1.00 18.79 ? 73   TYR A CG  1 
ATOM   545  C CD1 . TYR A 1 73 ? 16.549  2.101   -2.967  1.00 20.26 ? 73   TYR A CD1 1 
ATOM   546  C CD2 . TYR A 1 73 ? 14.824  3.763   -2.858  1.00 17.02 ? 73   TYR A CD2 1 
ATOM   547  C CE1 . TYR A 1 73 ? 17.524  3.096   -2.891  1.00 18.75 ? 73   TYR A CE1 1 
ATOM   548  C CE2 . TYR A 1 73 ? 15.795  4.767   -2.775  1.00 16.31 ? 73   TYR A CE2 1 
ATOM   549  C CZ  . TYR A 1 73 ? 17.144  4.420   -2.796  1.00 18.37 ? 73   TYR A CZ  1 
ATOM   550  O OH  . TYR A 1 73 ? 18.128  5.380   -2.732  1.00 18.41 ? 73   TYR A OH  1 
ATOM   551  N N   . SER A 1 74 ? 15.615  -1.074  -1.385  1.00 19.30 ? 74   SER A N   1 
ATOM   552  C CA  . SER A 1 74 ? 16.785  -1.577  -0.684  1.00 22.98 ? 74   SER A CA  1 
ATOM   553  C C   . SER A 1 74 ? 18.091  -1.292  -1.419  1.00 22.66 ? 74   SER A C   1 
ATOM   554  O O   . SER A 1 74 ? 18.102  -1.132  -2.634  1.00 22.20 ? 74   SER A O   1 
ATOM   555  C CB  . SER A 1 74 ? 16.629  -3.079  -0.467  1.00 23.95 ? 74   SER A CB  1 
ATOM   556  O OG  . SER A 1 74 ? 16.344  -3.711  -1.696  1.00 28.19 ? 74   SER A OG  1 
ATOM   557  N N   . VAL A 1 75 ? 19.185  -1.213  -0.667  1.00 23.91 ? 75   VAL A N   1 
ATOM   558  C CA  . VAL A 1 75 ? 20.501  -0.964  -1.253  1.00 24.69 ? 75   VAL A CA  1 
ATOM   559  C C   . VAL A 1 75 ? 21.444  -2.093  -0.849  1.00 27.23 ? 75   VAL A C   1 
ATOM   560  O O   . VAL A 1 75 ? 21.642  -2.358  0.337   1.00 25.60 ? 75   VAL A O   1 
ATOM   561  C CB  . VAL A 1 75 ? 21.112  0.381   -0.784  1.00 23.57 ? 75   VAL A CB  1 
ATOM   562  C CG1 . VAL A 1 75 ? 22.440  0.616   -1.489  1.00 20.39 ? 75   VAL A CG1 1 
ATOM   563  C CG2 . VAL A 1 75 ? 20.160  1.524   -1.068  1.00 18.22 ? 75   VAL A CG2 1 
ATOM   564  N N   . THR A 1 76 ? 22.017  -2.763  -1.841  1.00 30.20 ? 76   THR A N   1 
ATOM   565  C CA  . THR A 1 76 ? 22.931  -3.866  -1.582  1.00 34.27 ? 76   THR A CA  1 
ATOM   566  C C   . THR A 1 76 ? 24.303  -3.559  -2.169  1.00 37.39 ? 76   THR A C   1 
ATOM   567  O O   . THR A 1 76 ? 24.409  -2.855  -3.165  1.00 38.04 ? 76   THR A O   1 
ATOM   568  C CB  . THR A 1 76 ? 22.399  -5.156  -2.211  1.00 34.57 ? 76   THR A CB  1 
ATOM   569  O OG1 . THR A 1 76 ? 22.198  -4.945  -3.615  1.00 35.02 ? 76   THR A OG1 1 
ATOM   570  C CG2 . THR A 1 76 ? 21.073  -5.559  -1.571  1.00 34.87 ? 76   THR A CG2 1 
ATOM   571  N N   . GLY A 1 77 ? 25.355  -4.077  -1.546  1.00 41.19 ? 77   GLY A N   1 
ATOM   572  C CA  . GLY A 1 77 ? 26.688  -3.829  -2.059  1.00 46.79 ? 77   GLY A CA  1 
ATOM   573  C C   . GLY A 1 77 ? 27.536  -2.818  -1.300  1.00 51.04 ? 77   GLY A C   1 
ATOM   574  O O   . GLY A 1 77 ? 27.081  -2.186  -0.341  1.00 51.91 ? 77   GLY A O   1 
ATOM   575  N N   . ARG A 1 78 ? 28.776  -2.657  -1.764  1.00 54.16 ? 78   ARG A N   1 
ATOM   576  C CA  . ARG A 1 78 ? 29.753  -1.743  -1.173  1.00 56.36 ? 78   ARG A CA  1 
ATOM   577  C C   . ARG A 1 78 ? 29.768  -0.419  -1.938  1.00 56.91 ? 78   ARG A C   1 
ATOM   578  O O   . ARG A 1 78 ? 29.214  -0.316  -3.030  1.00 57.63 ? 78   ARG A O   1 
ATOM   579  C CB  . ARG A 1 78 ? 31.141  -2.357  -1.265  1.00 58.44 ? 78   ARG A CB  1 
ATOM   580  C CG  . ARG A 1 78 ? 31.672  -2.345  -2.699  1.00 62.99 ? 78   ARG A CG  1 
ATOM   581  C CD  . ARG A 1 78 ? 32.352  -3.650  -3.089  1.00 65.16 ? 78   ARG A CD  1 
ATOM   582  N NE  . ARG A 1 78 ? 32.379  -3.797  -4.541  1.00 65.96 ? 78   ARG A NE  1 
ATOM   583  C CZ  . ARG A 1 78 ? 32.822  -4.879  -5.169  1.00 66.78 ? 78   ARG A CZ  1 
ATOM   584  N NH1 . ARG A 1 78 ? 32.813  -4.939  -6.493  1.00 66.95 ? 78   ARG A NH1 1 
ATOM   585  N NH2 . ARG A 1 78 ? 33.275  -5.908  -4.469  1.00 67.76 ? 78   ARG A NH2 1 
ATOM   586  N N   . GLY A 1 79 ? 30.418  0.587   -1.365  1.00 57.24 ? 79   GLY A N   1 
ATOM   587  C CA  . GLY A 1 79 ? 30.494  1.879   -2.023  1.00 57.35 ? 79   GLY A CA  1 
ATOM   588  C C   . GLY A 1 79 ? 29.127  2.431   -2.376  1.00 57.42 ? 79   GLY A C   1 
ATOM   589  O O   . GLY A 1 79 ? 28.485  3.081   -1.548  1.00 58.19 ? 79   GLY A O   1 
ATOM   590  N N   . PRO A 1 82 ? 26.379  1.553   -4.942  1.00 47.38 ? 82   PRO A N   1 
ATOM   591  C CA  . PRO A 1 82 ? 25.808  0.212   -4.770  1.00 46.34 ? 82   PRO A CA  1 
ATOM   592  C C   . PRO A 1 82 ? 24.634  -0.002  -5.716  1.00 45.12 ? 82   PRO A C   1 
ATOM   593  O O   . PRO A 1 82 ? 24.342  0.856   -6.553  1.00 46.77 ? 82   PRO A O   1 
ATOM   594  C CB  . PRO A 1 82 ? 25.356  0.208   -3.311  1.00 48.12 ? 82   PRO A CB  1 
ATOM   595  C CG  . PRO A 1 82 ? 26.229  1.238   -2.665  1.00 49.83 ? 82   PRO A CG  1 
ATOM   596  C CD  . PRO A 1 82 ? 26.277  2.325   -3.694  1.00 48.85 ? 82   PRO A CD  1 
ATOM   597  N N   . ALA A 1 83 ? 23.956  -1.139  -5.575  1.00 41.70 ? 83   ALA A N   1 
ATOM   598  C CA  . ALA A 1 83 ? 22.804  -1.450  -6.418  1.00 38.60 ? 83   ALA A CA  1 
ATOM   599  C C   . ALA A 1 83 ? 21.493  -1.224  -5.658  1.00 36.62 ? 83   ALA A C   1 
ATOM   600  O O   . ALA A 1 83 ? 21.385  -1.564  -4.478  1.00 36.48 ? 83   ALA A O   1 
ATOM   601  C CB  . ALA A 1 83 ? 22.891  -2.897  -6.909  1.00 38.22 ? 83   ALA A CB  1 
ATOM   602  N N   . SER A 1 84 ? 20.502  -0.656  -6.341  1.00 33.41 ? 84   SER A N   1 
ATOM   603  C CA  . SER A 1 84 ? 19.203  -0.384  -5.734  1.00 31.09 ? 84   SER A CA  1 
ATOM   604  C C   . SER A 1 84 ? 18.090  -1.246  -6.319  1.00 28.29 ? 84   SER A C   1 
ATOM   605  O O   . SER A 1 84 ? 18.141  -1.637  -7.488  1.00 26.89 ? 84   SER A O   1 
ATOM   606  C CB  . SER A 1 84 ? 18.828  1.086   -5.921  1.00 29.59 ? 84   SER A CB  1 
ATOM   607  O OG  . SER A 1 84 ? 19.790  1.926   -5.313  1.00 34.46 ? 84   SER A OG  1 
ATOM   608  N N   . SER A 1 85 ? 17.085  -1.542  -5.498  1.00 24.34 ? 85   SER A N   1 
ATOM   609  C CA  . SER A 1 85 ? 15.950  -2.328  -5.955  1.00 21.18 ? 85   SER A CA  1 
ATOM   610  C C   . SER A 1 85 ? 14.960  -1.323  -6.512  1.00 20.35 ? 85   SER A C   1 
ATOM   611  O O   . SER A 1 85 ? 15.128  -0.120  -6.318  1.00 17.83 ? 85   SER A O   1 
ATOM   612  C CB  . SER A 1 85 ? 15.303  -3.082  -4.787  1.00 19.37 ? 85   SER A CB  1 
ATOM   613  O OG  . SER A 1 85 ? 14.585  -2.208  -3.933  1.00 16.95 ? 85   SER A OG  1 
ATOM   614  N N   . LYS A 1 86 ? 13.946  -1.804  -7.224  1.00 22.68 ? 86   LYS A N   1 
ATOM   615  C CA  . LYS A 1 86 ? 12.922  -0.908  -7.733  1.00 24.70 ? 86   LYS A CA  1 
ATOM   616  C C   . LYS A 1 86 ? 12.177  -0.519  -6.454  1.00 26.12 ? 86   LYS A C   1 
ATOM   617  O O   . LYS A 1 86 ? 12.053  -1.335  -5.534  1.00 26.46 ? 86   LYS A O   1 
ATOM   618  C CB  . LYS A 1 86 ? 11.966  -1.634  -8.681  1.00 27.65 ? 86   LYS A CB  1 
ATOM   619  C CG  . LYS A 1 86 ? 11.106  -2.671  -7.990  1.00 33.47 ? 86   LYS A CG  1 
ATOM   620  C CD  . LYS A 1 86 ? 9.860   -3.027  -8.795  1.00 37.12 ? 86   LYS A CD  1 
ATOM   621  C CE  . LYS A 1 86 ? 8.957   -3.979  -8.009  1.00 38.72 ? 86   LYS A CE  1 
ATOM   622  N NZ  . LYS A 1 86 ? 7.728   -4.370  -8.755  1.00 40.68 ? 86   LYS A NZ  1 
ATOM   623  N N   . PRO A 1 87 ? 11.690  0.729   -6.366  1.00 24.96 ? 87   PRO A N   1 
ATOM   624  C CA  . PRO A 1 87 ? 10.969  1.164   -5.168  1.00 24.09 ? 87   PRO A CA  1 
ATOM   625  C C   . PRO A 1 87 ? 9.570   0.567   -5.018  1.00 24.05 ? 87   PRO A C   1 
ATOM   626  O O   . PRO A 1 87 ? 8.947   0.131   -5.991  1.00 25.54 ? 87   PRO A O   1 
ATOM   627  C CB  . PRO A 1 87 ? 10.933  2.677   -5.325  1.00 24.47 ? 87   PRO A CB  1 
ATOM   628  C CG  . PRO A 1 87 ? 10.854  2.845   -6.810  1.00 26.77 ? 87   PRO A CG  1 
ATOM   629  C CD  . PRO A 1 87 ? 11.883  1.854   -7.296  1.00 26.25 ? 87   PRO A CD  1 
ATOM   630  N N   . ALA A 1 88 ? 9.094   0.534   -3.781  1.00 21.83 ? 88   ALA A N   1 
ATOM   631  C CA  . ALA A 1 88 ? 7.766   0.027   -3.466  1.00 21.11 ? 88   ALA A CA  1 
ATOM   632  C C   . ALA A 1 88 ? 7.145   1.104   -2.601  1.00 19.70 ? 88   ALA A C   1 
ATOM   633  O O   . ALA A 1 88 ? 7.812   1.658   -1.744  1.00 20.78 ? 88   ALA A O   1 
ATOM   634  C CB  . ALA A 1 88 ? 7.864   -1.274  -2.692  1.00 20.66 ? 88   ALA A CB  1 
ATOM   635  N N   . SER A 1 89 ? 5.879   1.424   -2.819  1.00 20.19 ? 89   SER A N   1 
ATOM   636  C CA  . SER A 1 89 ? 5.275   2.460   -2.005  1.00 21.13 ? 89   SER A CA  1 
ATOM   637  C C   . SER A 1 89 ? 3.832   2.193   -1.609  1.00 20.35 ? 89   SER A C   1 
ATOM   638  O O   . SER A 1 89 ? 3.182   1.285   -2.127  1.00 18.43 ? 89   SER A O   1 
ATOM   639  C CB  . SER A 1 89 ? 5.376   3.811   -2.718  1.00 22.29 ? 89   SER A CB  1 
ATOM   640  O OG  . SER A 1 89 ? 4.639   3.803   -3.920  1.00 27.79 ? 89   SER A OG  1 
ATOM   641  N N   . ILE A 1 90 ? 3.357   2.988   -0.658  1.00 18.93 ? 90   ILE A N   1 
ATOM   642  C CA  . ILE A 1 90 ? 1.991   2.905   -0.169  1.00 19.40 ? 90   ILE A CA  1 
ATOM   643  C C   . ILE A 1 90 ? 1.562   4.328   0.168   1.00 16.81 ? 90   ILE A C   1 
ATOM   644  O O   . ILE A 1 90 ? 2.402   5.198   0.386   1.00 16.81 ? 90   ILE A O   1 
ATOM   645  C CB  . ILE A 1 90 ? 1.876   2.012   1.112   1.00 21.20 ? 90   ILE A CB  1 
ATOM   646  C CG1 . ILE A 1 90 ? 2.818   2.523   2.203   1.00 21.69 ? 90   ILE A CG1 1 
ATOM   647  C CG2 . ILE A 1 90 ? 2.200   0.566   0.773   1.00 22.79 ? 90   ILE A CG2 1 
ATOM   648  C CD1 . ILE A 1 90 ? 2.591   1.880   3.549   1.00 24.64 ? 90   ILE A CD1 1 
ATOM   649  N N   . ASN A 1 91 ? 0.257   4.561   0.189   1.00 16.54 ? 91   ASN A N   1 
ATOM   650  C CA  . ASN A 1 91 ? -0.287  5.873   0.515   1.00 15.87 ? 91   ASN A CA  1 
ATOM   651  C C   . ASN A 1 91 ? -1.190  5.677   1.714   1.00 13.96 ? 91   ASN A C   1 
ATOM   652  O O   . ASN A 1 91 ? -1.813  4.638   1.854   1.00 13.70 ? 91   ASN A O   1 
ATOM   653  C CB  . ASN A 1 91 ? -1.123  6.432   -0.644  1.00 17.87 ? 91   ASN A CB  1 
ATOM   654  C CG  . ASN A 1 91 ? -0.350  6.512   -1.942  1.00 19.27 ? 91   ASN A CG  1 
ATOM   655  O OD1 . ASN A 1 91 ? 0.732   7.081   -1.997  1.00 21.67 ? 91   ASN A OD1 1 
ATOM   656  N ND2 . ASN A 1 91 ? -0.910  5.942   -3.000  1.00 23.38 ? 91   ASN A ND2 1 
ATOM   657  N N   . PHE A 1 92 ? -1.249  6.666   2.590   1.00 13.46 ? 92   PHE A N   1 
ATOM   658  C CA  . PHE A 1 92 ? -2.115  6.580   3.754   1.00 13.92 ? 92   PHE A CA  1 
ATOM   659  C C   . PHE A 1 92 ? -2.498  8.008   4.098   1.00 15.02 ? 92   PHE A C   1 
ATOM   660  O O   . PHE A 1 92 ? -1.929  8.963   3.560   1.00 15.29 ? 92   PHE A O   1 
ATOM   661  C CB  . PHE A 1 92 ? -1.387  5.908   4.940   1.00 12.82 ? 92   PHE A CB  1 
ATOM   662  C CG  . PHE A 1 92 ? -0.276  6.745   5.539   1.00 13.48 ? 92   PHE A CG  1 
ATOM   663  C CD1 . PHE A 1 92 ? -0.553  7.703   6.515   1.00 12.31 ? 92   PHE A CD1 1 
ATOM   664  C CD2 . PHE A 1 92 ? 1.036   6.618   5.082   1.00 14.06 ? 92   PHE A CD2 1 
ATOM   665  C CE1 . PHE A 1 92 ? 0.448   8.522   7.020   1.00 10.38 ? 92   PHE A CE1 1 
ATOM   666  C CE2 . PHE A 1 92 ? 2.050   7.440   5.584   1.00 15.01 ? 92   PHE A CE2 1 
ATOM   667  C CZ  . PHE A 1 92 ? 1.748   8.397   6.557   1.00 12.45 ? 92   PHE A CZ  1 
ATOM   668  N N   . ARG A 1 93 ? -3.479  8.161   4.975   1.00 14.90 ? 93   ARG A N   1 
ATOM   669  C CA  . ARG A 1 93 ? -3.869  9.486   5.388   1.00 16.42 ? 93   ARG A CA  1 
ATOM   670  C C   . ARG A 1 93 ? -3.748  9.502   6.906   1.00 16.91 ? 93   ARG A C   1 
ATOM   671  O O   . ARG A 1 93 ? -4.115  8.523   7.570   1.00 15.48 ? 93   ARG A O   1 
ATOM   672  C CB  . ARG A 1 93 ? -5.312  9.776   4.974   1.00 18.24 ? 93   ARG A CB  1 
ATOM   673  C CG  . ARG A 1 93 ? -5.659  11.263  4.941   1.00 23.21 ? 93   ARG A CG  1 
ATOM   674  C CD  . ARG A 1 93 ? -7.156  11.468  4.969   1.00 24.91 ? 93   ARG A CD  1 
ATOM   675  N NE  . ARG A 1 93 ? -7.684  11.208  6.303   1.00 29.61 ? 93   ARG A NE  1 
ATOM   676  C CZ  . ARG A 1 93 ? -8.973  11.247  6.627   1.00 33.02 ? 93   ARG A CZ  1 
ATOM   677  N NH1 . ARG A 1 93 ? -9.889  11.532  5.707   1.00 34.16 ? 93   ARG A NH1 1 
ATOM   678  N NH2 . ARG A 1 93 ? -9.343  11.014  7.879   1.00 33.88 ? 93   ARG A NH2 1 
ATOM   679  N N   . THR A 1 94 ? -3.204  10.585  7.457   1.00 16.42 ? 94   THR A N   1 
ATOM   680  C CA  . THR A 1 94 ? -3.096  10.698  8.907   1.00 18.16 ? 94   THR A CA  1 
ATOM   681  C C   . THR A 1 94 ? -4.497  10.988  9.433   1.00 19.99 ? 94   THR A C   1 
ATOM   682  O O   . THR A 1 94 ? -5.393  11.345  8.668   1.00 18.83 ? 94   THR A O   1 
ATOM   683  C CB  . THR A 1 94 ? -2.176  11.859  9.341   1.00 16.65 ? 94   THR A CB  1 
ATOM   684  O OG1 . THR A 1 94 ? -2.507  13.027  8.587   1.00 15.79 ? 94   THR A OG1 1 
ATOM   685  C CG2 . THR A 1 94 ? -0.718  11.502  9.148   1.00 14.44 ? 94   THR A CG2 1 
ATOM   686  N N   . GLU A 1 95 ? -4.691  10.839  10.736  1.00 22.45 ? 95   GLU A N   1 
ATOM   687  C CA  . GLU A 1 95 ? -6.000  11.115  11.299  1.00 25.35 ? 95   GLU A CA  1 
ATOM   688  C C   . GLU A 1 95 ? -6.222  12.617  11.363  1.00 26.04 ? 95   GLU A C   1 
ATOM   689  O O   . GLU A 1 95 ? -5.270  13.407  11.309  1.00 23.79 ? 95   GLU A O   1 
ATOM   690  C CB  . GLU A 1 95 ? -6.127  10.506  12.692  1.00 25.99 ? 95   GLU A CB  1 
ATOM   691  C CG  . GLU A 1 95 ? -5.795  9.034   12.727  1.00 29.66 ? 95   GLU A CG  1 
ATOM   692  C CD  . GLU A 1 95 ? -6.211  8.386   14.026  1.00 32.60 ? 95   GLU A CD  1 
ATOM   693  O OE1 . GLU A 1 95 ? -5.933  8.973   15.099  1.00 33.31 ? 95   GLU A OE1 1 
ATOM   694  O OE2 . GLU A 1 95 ? -6.809  7.289   13.973  1.00 31.85 ? 95   GLU A OE2 1 
ATOM   695  N N   . ILE A 1 96 ? -7.492  12.989  11.469  1.00 28.20 ? 96   ILE A N   1 
ATOM   696  C CA  . ILE A 1 96 ? -7.904  14.380  11.543  1.00 32.10 ? 96   ILE A CA  1 
ATOM   697  C C   . ILE A 1 96 ? -8.019  14.778  13.014  1.00 33.65 ? 96   ILE A C   1 
ATOM   698  O O   . ILE A 1 96 ? -9.154  14.815  13.543  1.00 36.73 ? 96   ILE A O   1 
ATOM   699  C CB  . ILE A 1 96 ? -9.276  14.586  10.845  1.00 34.14 ? 96   ILE A CB  1 
ATOM   700  C CG1 . ILE A 1 96 ? -9.295  13.820  9.510   1.00 35.79 ? 96   ILE A CG1 1 
ATOM   701  C CG2 . ILE A 1 96 ? -9.528  16.079  10.607  1.00 34.35 ? 96   ILE A CG2 1 
ATOM   702  C CD1 . ILE A 1 96 ? -10.646 13.760  8.813   1.00 35.63 ? 96   ILE A CD1 1 
ATOM   703  O OXT . ILE A 1 96 ? -6.969  15.029  13.640  1.00 33.45 ? 96   ILE A OXT 1 
ATOM   704  N N   . VAL B 1 1  ? 2.324   1.387   -20.675 1.00 54.97 ? 1    VAL B N   1 
ATOM   705  C CA  . VAL B 1 1  ? 2.257   0.072   -19.971 1.00 54.87 ? 1    VAL B CA  1 
ATOM   706  C C   . VAL B 1 1  ? 1.582   0.230   -18.607 1.00 54.20 ? 1    VAL B C   1 
ATOM   707  O O   . VAL B 1 1  ? 1.597   1.311   -18.021 1.00 54.61 ? 1    VAL B O   1 
ATOM   708  C CB  . VAL B 1 1  ? 3.678   -0.525  -19.752 1.00 54.91 ? 1    VAL B CB  1 
ATOM   709  C CG1 . VAL B 1 1  ? 3.579   -1.918  -19.139 1.00 55.28 ? 1    VAL B CG1 1 
ATOM   710  C CG2 . VAL B 1 1  ? 4.425   -0.582  -21.069 1.00 55.28 ? 1    VAL B CG2 1 
ATOM   711  N N   . SER B 1 2  ? 0.983   -0.856  -18.125 1.00 53.12 ? 2    SER B N   1 
ATOM   712  C CA  . SER B 1 2  ? 0.311   -0.898  -16.824 1.00 51.31 ? 2    SER B CA  1 
ATOM   713  C C   . SER B 1 2  ? -0.674  0.226   -16.501 1.00 48.41 ? 2    SER B C   1 
ATOM   714  O O   . SER B 1 2  ? -0.282  1.362   -16.231 1.00 48.40 ? 2    SER B O   1 
ATOM   715  C CB  . SER B 1 2  ? 1.352   -0.977  -15.700 1.00 52.70 ? 2    SER B CB  1 
ATOM   716  O OG  . SER B 1 2  ? 2.202   0.160   -15.700 1.00 54.28 ? 2    SER B OG  1 
ATOM   717  N N   . ASP B 1 3  ? -1.958  -0.108  -16.522 1.00 44.47 ? 3    ASP B N   1 
ATOM   718  C CA  . ASP B 1 3  ? -3.000  0.850   -16.197 1.00 40.70 ? 3    ASP B CA  1 
ATOM   719  C C   . ASP B 1 3  ? -3.838  0.258   -15.075 1.00 36.97 ? 3    ASP B C   1 
ATOM   720  O O   . ASP B 1 3  ? -5.034  0.009   -15.200 1.00 35.77 ? 3    ASP B O   1 
ATOM   721  C CB  . ASP B 1 3  ? -3.846  1.172   -17.429 1.00 42.36 ? 3    ASP B CB  1 
ATOM   722  C CG  . ASP B 1 3  ? -3.565  2.567   -17.973 1.00 43.36 ? 3    ASP B CG  1 
ATOM   723  O OD1 . ASP B 1 3  ? -4.086  3.549   -17.398 1.00 42.46 ? 3    ASP B OD1 1 
ATOM   724  O OD2 . ASP B 1 3  ? -2.807  2.685   -18.966 1.00 46.60 ? 3    ASP B OD2 1 
ATOM   725  N N   . VAL B 1 4  ? -3.157  0.023   -13.967 1.00 33.96 ? 4    VAL B N   1 
ATOM   726  C CA  . VAL B 1 4  ? -3.753  -0.530  -12.770 1.00 31.67 ? 4    VAL B CA  1 
ATOM   727  C C   . VAL B 1 4  ? -4.332  0.667   -12.016 1.00 27.27 ? 4    VAL B C   1 
ATOM   728  O O   . VAL B 1 4  ? -4.048  1.814   -12.366 1.00 24.12 ? 4    VAL B O   1 
ATOM   729  C CB  . VAL B 1 4  ? -2.659  -1.206  -11.894 1.00 33.18 ? 4    VAL B CB  1 
ATOM   730  C CG1 . VAL B 1 4  ? -3.237  -2.391  -11.145 1.00 35.02 ? 4    VAL B CG1 1 
ATOM   731  C CG2 . VAL B 1 4  ? -1.483  -1.641  -12.766 1.00 34.54 ? 4    VAL B CG2 1 
ATOM   732  N N   . PRO B 1 5  ? -5.186  0.421   -11.007 1.00 24.38 ? 5    PRO B N   1 
ATOM   733  C CA  . PRO B 1 5  ? -5.733  1.557   -10.269 1.00 23.61 ? 5    PRO B CA  1 
ATOM   734  C C   . PRO B 1 5  ? -4.531  2.313   -9.710  1.00 23.76 ? 5    PRO B C   1 
ATOM   735  O O   . PRO B 1 5  ? -3.524  1.705   -9.353  1.00 21.76 ? 5    PRO B O   1 
ATOM   736  C CB  . PRO B 1 5  ? -6.558  0.886   -9.176  1.00 24.09 ? 5    PRO B CB  1 
ATOM   737  C CG  . PRO B 1 5  ? -7.061  -0.337  -9.852  1.00 23.29 ? 5    PRO B CG  1 
ATOM   738  C CD  . PRO B 1 5  ? -5.845  -0.835  -10.601 1.00 24.59 ? 5    PRO B CD  1 
ATOM   739  N N   . ARG B 1 6  ? -4.633  3.631   -9.627  1.00 25.49 ? 6    ARG B N   1 
ATOM   740  C CA  . ARG B 1 6  ? -3.512  4.434   -9.150  1.00 27.98 ? 6    ARG B CA  1 
ATOM   741  C C   . ARG B 1 6  ? -3.659  4.960   -7.720  1.00 27.29 ? 6    ARG B C   1 
ATOM   742  O O   . ARG B 1 6  ? -4.768  5.147   -7.224  1.00 26.44 ? 6    ARG B O   1 
ATOM   743  C CB  . ARG B 1 6  ? -3.280  5.597   -10.130 1.00 30.72 ? 6    ARG B CB  1 
ATOM   744  C CG  . ARG B 1 6  ? -2.890  5.141   -11.536 1.00 35.73 ? 6    ARG B CG  1 
ATOM   745  C CD  . ARG B 1 6  ? -2.968  6.260   -12.569 1.00 40.64 ? 6    ARG B CD  1 
ATOM   746  N NE  . ARG B 1 6  ? -2.750  5.742   -13.922 1.00 45.67 ? 6    ARG B NE  1 
ATOM   747  C CZ  . ARG B 1 6  ? -2.758  6.480   -15.029 1.00 47.84 ? 6    ARG B CZ  1 
ATOM   748  N NH1 . ARG B 1 6  ? -2.550  5.908   -16.211 1.00 49.32 ? 6    ARG B NH1 1 
ATOM   749  N NH2 . ARG B 1 6  ? -2.978  7.787   -14.961 1.00 48.97 ? 6    ARG B NH2 1 
ATOM   750  N N   . ASP B 1 7  ? -2.527  5.196   -7.066  1.00 26.18 ? 7    ASP B N   1 
ATOM   751  C CA  . ASP B 1 7  ? -2.513  5.709   -5.700  1.00 26.97 ? 7    ASP B CA  1 
ATOM   752  C C   . ASP B 1 7  ? -3.482  4.999   -4.754  1.00 24.07 ? 7    ASP B C   1 
ATOM   753  O O   . ASP B 1 7  ? -4.400  5.633   -4.223  1.00 23.34 ? 7    ASP B O   1 
ATOM   754  C CB  . ASP B 1 7  ? -2.818  7.218   -5.686  1.00 29.78 ? 7    ASP B CB  1 
ATOM   755  C CG  . ASP B 1 7  ? -1.757  8.043   -6.407  1.00 34.57 ? 7    ASP B CG  1 
ATOM   756  O OD1 . ASP B 1 7  ? -1.804  8.128   -7.651  1.00 36.88 ? 7    ASP B OD1 1 
ATOM   757  O OD2 . ASP B 1 7  ? -0.865  8.603   -5.726  1.00 37.25 ? 7    ASP B OD2 1 
ATOM   758  N N   . ILE B 1 8  ? -3.285  3.697   -4.547  1.00 21.66 ? 8    ILE B N   1 
ATOM   759  C CA  . ILE B 1 8  ? -4.149  2.948   -3.634  1.00 20.88 ? 8    ILE B CA  1 
ATOM   760  C C   . ILE B 1 8  ? -3.783  3.485   -2.261  1.00 18.97 ? 8    ILE B C   1 
ATOM   761  O O   . ILE B 1 8  ? -2.603  3.556   -1.925  1.00 19.30 ? 8    ILE B O   1 
ATOM   762  C CB  . ILE B 1 8  ? -3.868  1.410   -3.636  1.00 22.46 ? 8    ILE B CB  1 
ATOM   763  C CG1 . ILE B 1 8  ? -3.774  0.869   -5.065  1.00 25.23 ? 8    ILE B CG1 1 
ATOM   764  C CG2 . ILE B 1 8  ? -4.998  0.681   -2.900  1.00 20.80 ? 8    ILE B CG2 1 
ATOM   765  C CD1 . ILE B 1 8  ? -4.970  1.181   -5.925  1.00 26.01 ? 8    ILE B CD1 1 
ATOM   766  N N   . GLU B 1 9  ? -4.782  3.851   -1.467  1.00 17.22 ? 9    GLU B N   1 
ATOM   767  C CA  . GLU B 1 9  ? -4.519  4.412   -0.145  1.00 15.56 ? 9    GLU B CA  1 
ATOM   768  C C   . GLU B 1 9  ? -5.424  3.895   0.972   1.00 15.33 ? 9    GLU B C   1 
ATOM   769  O O   . GLU B 1 9  ? -6.606  3.644   0.751   1.00 13.73 ? 9    GLU B O   1 
ATOM   770  C CB  . GLU B 1 9  ? -4.633  5.939   -0.216  1.00 14.93 ? 9    GLU B CB  1 
ATOM   771  C CG  . GLU B 1 9  ? -4.752  6.628   1.132   1.00 18.27 ? 9    GLU B CG  1 
ATOM   772  C CD  . GLU B 1 9  ? -4.920  8.120   0.992   1.00 18.10 ? 9    GLU B CD  1 
ATOM   773  O OE1 . GLU B 1 9  ? -5.356  8.545   -0.085  1.00 23.16 ? 9    GLU B OE1 1 
ATOM   774  O OE2 . GLU B 1 9  ? -4.638  8.867   1.947   1.00 19.57 ? 9    GLU B OE2 1 
ATOM   775  N N   . VAL B 1 10 ? -4.843  3.716   2.162   1.00 14.03 ? 10   VAL B N   1 
ATOM   776  C CA  . VAL B 1 10 ? -5.596  3.286   3.340   1.00 15.52 ? 10   VAL B CA  1 
ATOM   777  C C   . VAL B 1 10 ? -5.989  4.628   3.936   1.00 17.27 ? 10   VAL B C   1 
ATOM   778  O O   . VAL B 1 10 ? -5.169  5.291   4.575   1.00 17.79 ? 10   VAL B O   1 
ATOM   779  C CB  . VAL B 1 10 ? -4.714  2.543   4.373   1.00 15.15 ? 10   VAL B CB  1 
ATOM   780  C CG1 . VAL B 1 10 ? -5.541  2.168   5.580   1.00 15.21 ? 10   VAL B CG1 1 
ATOM   781  C CG2 . VAL B 1 10 ? -4.109  1.303   3.760   1.00 17.09 ? 10   VAL B CG2 1 
ATOM   782  N N   . VAL B 1 11 ? -7.234  5.030   3.710   1.00 18.76 ? 11   VAL B N   1 
ATOM   783  C CA  . VAL B 1 11 ? -7.728  6.315   4.186   1.00 19.45 ? 11   VAL B CA  1 
ATOM   784  C C   . VAL B 1 11 ? -7.968  6.360   5.690   1.00 20.73 ? 11   VAL B C   1 
ATOM   785  O O   . VAL B 1 11 ? -7.480  7.261   6.381   1.00 20.08 ? 11   VAL B O   1 
ATOM   786  C CB  . VAL B 1 11 ? -9.019  6.698   3.438   1.00 20.15 ? 11   VAL B CB  1 
ATOM   787  C CG1 . VAL B 1 11 ? -9.540  8.038   3.947   1.00 21.02 ? 11   VAL B CG1 1 
ATOM   788  C CG2 . VAL B 1 11 ? -8.733  6.772   1.926   1.00 18.09 ? 11   VAL B CG2 1 
ATOM   789  N N   . ALA B 1 12 ? -8.718  5.384   6.193   1.00 20.06 ? 12   ALA B N   1 
ATOM   790  C CA  . ALA B 1 12 ? -9.016  5.306   7.617   1.00 18.85 ? 12   ALA B CA  1 
ATOM   791  C C   . ALA B 1 12 ? -9.212  3.847   7.982   1.00 18.77 ? 12   ALA B C   1 
ATOM   792  O O   . ALA B 1 12 ? -9.494  3.013   7.121   1.00 16.54 ? 12   ALA B O   1 
ATOM   793  C CB  . ALA B 1 12 ? -10.272 6.114   7.941   1.00 16.62 ? 12   ALA B CB  1 
ATOM   794  N N   . VAL B 1 13 ? -9.064  3.539   9.264   1.00 20.01 ? 13   VAL B N   1 
ATOM   795  C CA  . VAL B 1 13 ? -9.209  2.167   9.734   1.00 22.39 ? 13   VAL B CA  1 
ATOM   796  C C   . VAL B 1 13 ? -9.859  2.066   11.113  1.00 22.67 ? 13   VAL B C   1 
ATOM   797  O O   . VAL B 1 13 ? -9.691  2.951   11.950  1.00 25.48 ? 13   VAL B O   1 
ATOM   798  C CB  . VAL B 1 13 ? -7.827  1.483   9.806   1.00 21.81 ? 13   VAL B CB  1 
ATOM   799  C CG1 . VAL B 1 13 ? -7.927  0.194   10.563  1.00 24.78 ? 13   VAL B CG1 1 
ATOM   800  C CG2 . VAL B 1 13 ? -7.296  1.227   8.407   1.00 23.70 ? 13   VAL B CG2 1 
ATOM   801  N N   . THR B 1 14 ? -10.615 0.994   11.339  1.00 23.14 ? 14   THR B N   1 
ATOM   802  C CA  . THR B 1 14 ? -11.227 0.750   12.648  1.00 23.26 ? 14   THR B CA  1 
ATOM   803  C C   . THR B 1 14 ? -10.864 -0.682  13.029  1.00 24.14 ? 14   THR B C   1 
ATOM   804  O O   . THR B 1 14 ? -10.076 -1.337  12.336  1.00 22.91 ? 14   THR B O   1 
ATOM   805  C CB  . THR B 1 14 ? -12.780 0.882   12.642  1.00 22.19 ? 14   THR B CB  1 
ATOM   806  O OG1 . THR B 1 14 ? -13.355 -0.141  11.822  1.00 22.62 ? 14   THR B OG1 1 
ATOM   807  C CG2 . THR B 1 14 ? -13.199 2.237   12.136  1.00 22.67 ? 14   THR B CG2 1 
ATOM   808  N N   . PRO B 1 15 ? -11.401 -1.182  14.153  1.00 23.80 ? 15   PRO B N   1 
ATOM   809  C CA  . PRO B 1 15 ? -11.060 -2.558  14.514  1.00 23.37 ? 15   PRO B CA  1 
ATOM   810  C C   . PRO B 1 15 ? -11.613 -3.572  13.512  1.00 23.24 ? 15   PRO B C   1 
ATOM   811  O O   . PRO B 1 15 ? -11.016 -4.623  13.291  1.00 23.36 ? 15   PRO B O   1 
ATOM   812  C CB  . PRO B 1 15 ? -11.699 -2.714  15.891  1.00 24.41 ? 15   PRO B CB  1 
ATOM   813  C CG  . PRO B 1 15 ? -11.572 -1.342  16.462  1.00 24.18 ? 15   PRO B CG  1 
ATOM   814  C CD  . PRO B 1 15 ? -11.985 -0.470  15.303  1.00 23.38 ? 15   PRO B CD  1 
ATOM   815  N N   . THR B 1 16 ? -12.747 -3.240  12.897  1.00 22.74 ? 16   THR B N   1 
ATOM   816  C CA  . THR B 1 16 ? -13.406 -4.145  11.958  1.00 22.94 ? 16   THR B CA  1 
ATOM   817  C C   . THR B 1 16 ? -13.558 -3.665  10.513  1.00 21.44 ? 16   THR B C   1 
ATOM   818  O O   . THR B 1 16 ? -14.277 -4.281  9.729   1.00 19.06 ? 16   THR B O   1 
ATOM   819  C CB  . THR B 1 16 ? -14.825 -4.532  12.480  1.00 24.57 ? 16   THR B CB  1 
ATOM   820  O OG1 . THR B 1 16 ? -15.593 -3.344  12.724  1.00 21.80 ? 16   THR B OG1 1 
ATOM   821  C CG2 . THR B 1 16 ? -14.719 -5.354  13.769  1.00 24.01 ? 16   THR B CG2 1 
ATOM   822  N N   . SER B 1 17 ? -12.902 -2.576  10.141  1.00 20.97 ? 17   SER B N   1 
ATOM   823  C CA  . SER B 1 17 ? -13.045 -2.112  8.770   1.00 20.94 ? 17   SER B CA  1 
ATOM   824  C C   . SER B 1 17 ? -11.896 -1.244  8.299   1.00 20.15 ? 17   SER B C   1 
ATOM   825  O O   . SER B 1 17 ? -10.997 -0.904  9.066   1.00 19.24 ? 17   SER B O   1 
ATOM   826  C CB  . SER B 1 17 ? -14.360 -1.336  8.607   1.00 21.65 ? 17   SER B CB  1 
ATOM   827  O OG  . SER B 1 17 ? -14.378 -0.165  9.407   1.00 20.42 ? 17   SER B OG  1 
ATOM   828  N N   . ALA B 1 18 ? -11.945 -0.885  7.022   1.00 19.67 ? 18   ALA B N   1 
ATOM   829  C CA  . ALA B 1 18 ? -10.921 -0.042  6.427   1.00 18.30 ? 18   ALA B CA  1 
ATOM   830  C C   . ALA B 1 18 ? -11.483 0.667   5.200   1.00 17.79 ? 18   ALA B C   1 
ATOM   831  O O   . ALA B 1 18 ? -12.113 0.034   4.350   1.00 17.25 ? 18   ALA B O   1 
ATOM   832  C CB  . ALA B 1 18 ? -9.709  -0.883  6.035   1.00 15.13 ? 18   ALA B CB  1 
ATOM   833  N N   . LEU B 1 19 ? -11.280 1.986   5.136   1.00 16.69 ? 19   LEU B N   1 
ATOM   834  C CA  . LEU B 1 19 ? -11.712 2.777   3.989   1.00 15.11 ? 19   LEU B CA  1 
ATOM   835  C C   . LEU B 1 19 ? -10.502 2.830   3.071   1.00 15.50 ? 19   LEU B C   1 
ATOM   836  O O   . LEU B 1 19 ? -9.440  3.348   3.453   1.00 13.59 ? 19   LEU B O   1 
ATOM   837  C CB  . LEU B 1 19 ? -12.098 4.205   4.386   1.00 14.44 ? 19   LEU B CB  1 
ATOM   838  C CG  . LEU B 1 19 ? -12.287 5.175   3.208   1.00 14.04 ? 19   LEU B CG  1 
ATOM   839  C CD1 . LEU B 1 19 ? -13.447 4.726   2.316   1.00 13.58 ? 19   LEU B CD1 1 
ATOM   840  C CD2 . LEU B 1 19 ? -12.544 6.565   3.730   1.00 11.95 ? 19   LEU B CD2 1 
ATOM   841  N N   . ILE B 1 20 ? -10.663 2.270   1.877   1.00 14.04 ? 20   ILE B N   1 
ATOM   842  C CA  . ILE B 1 20 ? -9.597  2.240   0.889   1.00 14.38 ? 20   ILE B CA  1 
ATOM   843  C C   . ILE B 1 20 ? -9.991  3.149   -0.271  1.00 15.13 ? 20   ILE B C   1 
ATOM   844  O O   . ILE B 1 20 ? -11.170 3.247   -0.613  1.00 14.04 ? 20   ILE B O   1 
ATOM   845  C CB  . ILE B 1 20 ? -9.383  0.808   0.349   1.00 14.76 ? 20   ILE B CB  1 
ATOM   846  C CG1 . ILE B 1 20 ? -9.212  -0.178  1.522   1.00 10.81 ? 20   ILE B CG1 1 
ATOM   847  C CG2 . ILE B 1 20 ? -8.174  0.784   -0.596  1.00 14.80 ? 20   ILE B CG2 1 
ATOM   848  C CD1 . ILE B 1 20 ? -7.976  0.055   2.376   1.00 9.29  ? 20   ILE B CD1 1 
ATOM   849  N N   . SER B 1 21 ? -9.008  3.832   -0.861  1.00 16.34 ? 21   SER B N   1 
ATOM   850  C CA  . SER B 1 21 ? -9.282  4.711   -1.991  1.00 15.29 ? 21   SER B CA  1 
ATOM   851  C C   . SER B 1 21 ? -8.234  4.542   -3.085  1.00 14.71 ? 21   SER B C   1 
ATOM   852  O O   . SER B 1 21 ? -7.173  3.966   -2.862  1.00 12.83 ? 21   SER B O   1 
ATOM   853  C CB  . SER B 1 21 ? -9.348  6.180   -1.547  1.00 15.33 ? 21   SER B CB  1 
ATOM   854  O OG  . SER B 1 21 ? -8.061  6.749   -1.435  1.00 16.27 ? 21   SER B OG  1 
ATOM   855  N N   . TRP B 1 22 ? -8.550  5.048   -4.275  1.00 16.24 ? 22   TRP B N   1 
ATOM   856  C CA  . TRP B 1 22 ? -7.655  4.964   -5.430  1.00 17.71 ? 22   TRP B CA  1 
ATOM   857  C C   . TRP B 1 22 ? -8.174  5.879   -6.542  1.00 17.52 ? 22   TRP B C   1 
ATOM   858  O O   . TRP B 1 22 ? -9.303  6.365   -6.486  1.00 18.71 ? 22   TRP B O   1 
ATOM   859  C CB  . TRP B 1 22 ? -7.595  3.513   -5.947  1.00 16.73 ? 22   TRP B CB  1 
ATOM   860  C CG  . TRP B 1 22 ? -8.946  2.988   -6.375  1.00 15.92 ? 22   TRP B CG  1 
ATOM   861  C CD1 . TRP B 1 22 ? -9.558  3.177   -7.584  1.00 16.60 ? 22   TRP B CD1 1 
ATOM   862  C CD2 . TRP B 1 22 ? -9.900  2.303   -5.549  1.00 15.75 ? 22   TRP B CD2 1 
ATOM   863  N NE1 . TRP B 1 22 ? -10.836 2.662   -7.558  1.00 14.71 ? 22   TRP B NE1 1 
ATOM   864  C CE2 . TRP B 1 22 ? -11.071 2.123   -6.321  1.00 16.68 ? 22   TRP B CE2 1 
ATOM   865  C CE3 . TRP B 1 22 ? -9.880  1.831   -4.231  1.00 14.83 ? 22   TRP B CE3 1 
ATOM   866  C CZ2 . TRP B 1 22 ? -12.210 1.488   -5.816  1.00 17.12 ? 22   TRP B CZ2 1 
ATOM   867  C CZ3 . TRP B 1 22 ? -11.011 1.202   -3.729  1.00 14.49 ? 22   TRP B CZ3 1 
ATOM   868  C CH2 . TRP B 1 22 ? -12.160 1.038   -4.520  1.00 17.84 ? 22   TRP B CH2 1 
ATOM   869  N N   . ASP B 1 23 ? -7.336  6.108   -7.545  1.00 20.63 ? 23   ASP B N   1 
ATOM   870  C CA  . ASP B 1 23 ? -7.684  6.929   -8.697  1.00 21.49 ? 23   ASP B CA  1 
ATOM   871  C C   . ASP B 1 23 ? -7.739  5.973   -9.869  1.00 21.81 ? 23   ASP B C   1 
ATOM   872  O O   . ASP B 1 23 ? -6.863  5.124   -10.011 1.00 22.35 ? 23   ASP B O   1 
ATOM   873  C CB  . ASP B 1 23 ? -6.600  7.972   -8.970  1.00 22.94 ? 23   ASP B CB  1 
ATOM   874  C CG  . ASP B 1 23 ? -6.368  8.898   -7.795  1.00 24.61 ? 23   ASP B CG  1 
ATOM   875  O OD1 . ASP B 1 23 ? -7.346  9.529   -7.340  1.00 26.06 ? 23   ASP B OD1 1 
ATOM   876  O OD2 . ASP B 1 23 ? -5.210  8.994   -7.332  1.00 25.70 ? 23   ASP B OD2 1 
ATOM   877  N N   . ALA B 1 24 ? -8.764  6.095   -10.707 1.00 24.15 ? 24   ALA B N   1 
ATOM   878  C CA  . ALA B 1 24 ? -8.880  5.220   -11.868 1.00 24.30 ? 24   ALA B CA  1 
ATOM   879  C C   . ALA B 1 24 ? -7.763  5.573   -12.840 1.00 23.19 ? 24   ALA B C   1 
ATOM   880  O O   . ALA B 1 24 ? -7.318  6.719   -12.893 1.00 24.23 ? 24   ALA B O   1 
ATOM   881  C CB  . ALA B 1 24 ? -10.233 5.401   -12.536 1.00 24.34 ? 24   ALA B CB  1 
ATOM   882  N N   . PRO B 1 25 ? -7.288  4.590   -13.619 1.00 23.09 ? 25   PRO B N   1 
ATOM   883  C CA  . PRO B 1 25 ? -6.213  4.829   -14.590 1.00 22.81 ? 25   PRO B CA  1 
ATOM   884  C C   . PRO B 1 25 ? -6.684  5.661   -15.783 1.00 22.76 ? 25   PRO B C   1 
ATOM   885  O O   . PRO B 1 25 ? -7.831  6.109   -15.828 1.00 21.44 ? 25   PRO B O   1 
ATOM   886  C CB  . PRO B 1 25 ? -5.805  3.418   -14.993 1.00 21.69 ? 25   PRO B CB  1 
ATOM   887  C CG  . PRO B 1 25 ? -7.108  2.684   -14.928 1.00 21.59 ? 25   PRO B CG  1 
ATOM   888  C CD  . PRO B 1 25 ? -7.723  3.182   -13.648 1.00 21.69 ? 25   PRO B CD  1 
ATOM   889  N N   . ALA B 1 26 ? -5.796  5.863   -16.749 1.00 23.13 ? 26   ALA B N   1 
ATOM   890  C CA  . ALA B 1 26 ? -6.139  6.635   -17.935 1.00 23.95 ? 26   ALA B CA  1 
ATOM   891  C C   . ALA B 1 26 ? -7.122  5.887   -18.832 1.00 23.44 ? 26   ALA B C   1 
ATOM   892  O O   . ALA B 1 26 ? -8.020  6.493   -19.409 1.00 24.46 ? 26   ALA B O   1 
ATOM   893  C CB  . ALA B 1 26 ? -4.877  6.976   -18.715 1.00 25.93 ? 26   ALA B CB  1 
ATOM   894  N N   . VAL B 1 27 ? -6.955  4.572   -18.956 1.00 23.68 ? 27   VAL B N   1 
ATOM   895  C CA  . VAL B 1 27 ? -7.849  3.777   -19.798 1.00 22.82 ? 27   VAL B CA  1 
ATOM   896  C C   . VAL B 1 27 ? -9.185  3.524   -19.113 1.00 23.48 ? 27   VAL B C   1 
ATOM   897  O O   . VAL B 1 27 ? -9.253  3.399   -17.892 1.00 25.35 ? 27   VAL B O   1 
ATOM   898  C CB  . VAL B 1 27 ? -7.230  2.411   -20.176 1.00 21.97 ? 27   VAL B CB  1 
ATOM   899  C CG1 . VAL B 1 27 ? -5.899  2.621   -20.878 1.00 23.47 ? 27   VAL B CG1 1 
ATOM   900  C CG2 . VAL B 1 27 ? -7.057  1.555   -18.938 1.00 22.17 ? 27   VAL B CG2 1 
ATOM   901  N N   . THR B 1 28 ? -10.245 3.463   -19.915 1.00 22.95 ? 28   THR B N   1 
ATOM   902  C CA  . THR B 1 28 ? -11.595 3.210   -19.429 1.00 21.89 ? 28   THR B CA  1 
ATOM   903  C C   . THR B 1 28 ? -11.652 1.810   -18.820 1.00 23.17 ? 28   THR B C   1 
ATOM   904  O O   . THR B 1 28 ? -11.086 0.868   -19.373 1.00 24.18 ? 28   THR B O   1 
ATOM   905  C CB  . THR B 1 28 ? -12.614 3.257   -20.595 1.00 21.76 ? 28   THR B CB  1 
ATOM   906  O OG1 . THR B 1 28 ? -12.511 4.512   -21.270 1.00 19.41 ? 28   THR B OG1 1 
ATOM   907  C CG2 . THR B 1 28 ? -14.030 3.088   -20.082 1.00 21.68 ? 28   THR B CG2 1 
ATOM   908  N N   . ILE B 1 29 ? -12.322 1.665   -17.684 1.00 22.69 ? 29   ILE B N   1 
ATOM   909  C CA  . ILE B 1 29 ? -12.440 0.345   -17.072 1.00 24.05 ? 29   ILE B CA  1 
ATOM   910  C C   . ILE B 1 29 ? -13.916 -0.002  -16.926 1.00 24.02 ? 29   ILE B C   1 
ATOM   911  O O   . ILE B 1 29 ? -14.737 0.873   -16.669 1.00 24.25 ? 29   ILE B O   1 
ATOM   912  C CB  . ILE B 1 29 ? -11.731 0.276   -15.682 1.00 24.64 ? 29   ILE B CB  1 
ATOM   913  C CG1 . ILE B 1 29 ? -12.449 1.156   -14.667 1.00 25.90 ? 29   ILE B CG1 1 
ATOM   914  C CG2 . ILE B 1 29 ? -10.284 0.721   -15.816 1.00 23.50 ? 29   ILE B CG2 1 
ATOM   915  C CD1 . ILE B 1 29 ? -11.726 1.259   -13.349 1.00 29.28 ? 29   ILE B CD1 1 
ATOM   916  N N   . ARG B 1 30 ? -14.259 -1.271  -17.135 1.00 24.54 ? 30   ARG B N   1 
ATOM   917  C CA  . ARG B 1 30 ? -15.645 -1.699  -17.003 1.00 26.12 ? 30   ARG B CA  1 
ATOM   918  C C   . ARG B 1 30 ? -15.959 -1.867  -15.522 1.00 25.54 ? 30   ARG B C   1 
ATOM   919  O O   . ARG B 1 30 ? -17.074 -1.604  -15.084 1.00 27.25 ? 30   ARG B O   1 
ATOM   920  C CB  . ARG B 1 30 ? -15.896 -3.013  -17.756 1.00 29.37 ? 30   ARG B CB  1 
ATOM   921  C CG  . ARG B 1 30 ? -15.831 -2.895  -19.288 1.00 33.12 ? 30   ARG B CG  1 
ATOM   922  C CD  . ARG B 1 30 ? -16.965 -3.683  -19.948 1.00 36.59 ? 30   ARG B CD  1 
ATOM   923  N NE  . ARG B 1 30 ? -17.148 -4.980  -19.296 1.00 42.88 ? 30   ARG B NE  1 
ATOM   924  C CZ  . ARG B 1 30 ? -18.136 -5.830  -19.560 1.00 46.02 ? 30   ARG B CZ  1 
ATOM   925  N NH1 . ARG B 1 30 ? -19.053 -5.534  -20.475 1.00 47.64 ? 30   ARG B NH1 1 
ATOM   926  N NH2 . ARG B 1 30 ? -18.217 -6.977  -18.898 1.00 47.70 ? 30   ARG B NH2 1 
ATOM   927  N N   . TYR B 1 31 ? -14.971 -2.305  -14.751 1.00 24.72 ? 31   TYR B N   1 
ATOM   928  C CA  . TYR B 1 31 ? -15.154 -2.453  -13.321 1.00 24.88 ? 31   TYR B CA  1 
ATOM   929  C C   . TYR B 1 31 ? -13.868 -2.768  -12.576 1.00 23.84 ? 31   TYR B C   1 
ATOM   930  O O   . TYR B 1 31 ? -12.873 -3.167  -13.172 1.00 23.35 ? 31   TYR B O   1 
ATOM   931  C CB  . TYR B 1 31 ? -16.245 -3.494  -13.016 1.00 26.97 ? 31   TYR B CB  1 
ATOM   932  C CG  . TYR B 1 31 ? -16.104 -4.843  -13.686 1.00 30.13 ? 31   TYR B CG  1 
ATOM   933  C CD1 . TYR B 1 31 ? -15.350 -5.859  -13.102 1.00 32.52 ? 31   TYR B CD1 1 
ATOM   934  C CD2 . TYR B 1 31 ? -16.773 -5.124  -14.878 1.00 30.73 ? 31   TYR B CD2 1 
ATOM   935  C CE1 . TYR B 1 31 ? -15.272 -7.128  -13.681 1.00 34.82 ? 31   TYR B CE1 1 
ATOM   936  C CE2 . TYR B 1 31 ? -16.699 -6.386  -15.473 1.00 34.53 ? 31   TYR B CE2 1 
ATOM   937  C CZ  . TYR B 1 31 ? -15.948 -7.387  -14.865 1.00 35.78 ? 31   TYR B CZ  1 
ATOM   938  O OH  . TYR B 1 31 ? -15.877 -8.647  -15.432 1.00 37.62 ? 31   TYR B OH  1 
ATOM   939  N N   . ILE B 1 32 ? -13.896 -2.540  -11.267 1.00 22.64 ? 32   ILE B N   1 
ATOM   940  C CA  . ILE B 1 32 ? -12.755 -2.789  -10.400 1.00 21.03 ? 32   ILE B CA  1 
ATOM   941  C C   . ILE B 1 32 ? -12.977 -4.105  -9.672  1.00 20.46 ? 32   ILE B C   1 
ATOM   942  O O   . ILE B 1 32 ? -14.047 -4.347  -9.112  1.00 19.75 ? 32   ILE B O   1 
ATOM   943  C CB  . ILE B 1 32 ? -12.589 -1.678  -9.326  1.00 22.05 ? 32   ILE B CB  1 
ATOM   944  C CG1 . ILE B 1 32 ? -12.277 -0.328  -9.984  1.00 20.86 ? 32   ILE B CG1 1 
ATOM   945  C CG2 . ILE B 1 32 ? -11.483 -2.069  -8.339  1.00 21.63 ? 32   ILE B CG2 1 
ATOM   946  C CD1 . ILE B 1 32 ? -10.882 -0.232  -10.556 1.00 24.88 ? 32   ILE B CD1 1 
ATOM   947  N N   . ARG B 1 33 ? -11.960 -4.953  -9.690  1.00 19.47 ? 33   ARG B N   1 
ATOM   948  C CA  . ARG B 1 33 ? -12.015 -6.234  -9.013  1.00 19.62 ? 33   ARG B CA  1 
ATOM   949  C C   . ARG B 1 33 ? -11.165 -6.043  -7.751  1.00 19.79 ? 33   ARG B C   1 
ATOM   950  O O   . ARG B 1 33 ? -9.960  -5.802  -7.822  1.00 18.25 ? 33   ARG B O   1 
ATOM   951  C CB  . ARG B 1 33 ? -11.437 -7.317  -9.924  1.00 21.11 ? 33   ARG B CB  1 
ATOM   952  C CG  . ARG B 1 33 ? -11.862 -8.732  -9.587  1.00 24.56 ? 33   ARG B CG  1 
ATOM   953  C CD  . ARG B 1 33 ? -11.435 -9.702  -10.692 1.00 26.96 ? 33   ARG B CD  1 
ATOM   954  N NE  . ARG B 1 33 ? -12.496 -9.957  -11.666 1.00 29.30 ? 33   ARG B NE  1 
ATOM   955  C CZ  . ARG B 1 33 ? -12.296 -10.530 -12.849 1.00 30.18 ? 33   ARG B CZ  1 
ATOM   956  N NH1 . ARG B 1 33 ? -11.074 -10.905 -13.208 1.00 31.32 ? 33   ARG B NH1 1 
ATOM   957  N NH2 . ARG B 1 33 ? -13.315 -10.742 -13.672 1.00 32.06 ? 33   ARG B NH2 1 
ATOM   958  N N   . LEU B 1 34 ? -11.814 -6.111  -6.597  1.00 18.82 ? 34   LEU B N   1 
ATOM   959  C CA  . LEU B 1 34 ? -11.124 -5.920  -5.333  1.00 19.23 ? 34   LEU B CA  1 
ATOM   960  C C   . LEU B 1 34 ? -11.121 -7.202  -4.506  1.00 18.34 ? 34   LEU B C   1 
ATOM   961  O O   . LEU B 1 34 ? -12.154 -7.828  -4.314  1.00 17.91 ? 34   LEU B O   1 
ATOM   962  C CB  . LEU B 1 34 ? -11.790 -4.767  -4.557  1.00 17.44 ? 34   LEU B CB  1 
ATOM   963  C CG  . LEU B 1 34 ? -11.160 -4.289  -3.242  1.00 17.81 ? 34   LEU B CG  1 
ATOM   964  C CD1 . LEU B 1 34 ? -11.650 -2.882  -2.896  1.00 15.42 ? 34   LEU B CD1 1 
ATOM   965  C CD2 . LEU B 1 34 ? -11.499 -5.270  -2.132  1.00 17.11 ? 34   LEU B CD2 1 
ATOM   966  N N   . THR B 1 35 ? -9.948  -7.591  -4.027  1.00 18.14 ? 35   THR B N   1 
ATOM   967  C CA  . THR B 1 35 ? -9.815  -8.789  -3.215  1.00 16.83 ? 35   THR B CA  1 
ATOM   968  C C   . THR B 1 35 ? -9.122  -8.398  -1.927  1.00 17.12 ? 35   THR B C   1 
ATOM   969  O O   . THR B 1 35 ? -8.411  -7.395  -1.877  1.00 16.81 ? 35   THR B O   1 
ATOM   970  C CB  . THR B 1 35 ? -8.953  -9.846  -3.912  1.00 17.55 ? 35   THR B CB  1 
ATOM   971  O OG1 . THR B 1 35 ? -7.587  -9.424  -3.908  1.00 17.26 ? 35   THR B OG1 1 
ATOM   972  C CG2 . THR B 1 35 ? -9.398  -10.024 -5.351  1.00 17.89 ? 35   THR B CG2 1 
ATOM   973  N N   . TYR B 1 36 ? -9.340  -9.172  -0.875  1.00 17.38 ? 36   TYR B N   1 
ATOM   974  C CA  . TYR B 1 36 ? -8.694  -8.890  0.399   1.00 18.17 ? 36   TYR B CA  1 
ATOM   975  C C   . TYR B 1 36 ? -8.711  -10.110 1.312   1.00 17.28 ? 36   TYR B C   1 
ATOM   976  O O   . TYR B 1 36 ? -9.628  -10.922 1.277   1.00 16.31 ? 36   TYR B O   1 
ATOM   977  C CB  . TYR B 1 36 ? -9.357  -7.696  1.105   1.00 17.32 ? 36   TYR B CB  1 
ATOM   978  C CG  . TYR B 1 36 ? -10.795 -7.915  1.506   1.00 18.36 ? 36   TYR B CG  1 
ATOM   979  C CD1 . TYR B 1 36 ? -11.842 -7.663  0.613   1.00 19.45 ? 36   TYR B CD1 1 
ATOM   980  C CD2 . TYR B 1 36 ? -11.114 -8.392  2.780   1.00 20.08 ? 36   TYR B CD2 1 
ATOM   981  C CE1 . TYR B 1 36 ? -13.168 -7.878  0.982   1.00 19.55 ? 36   TYR B CE1 1 
ATOM   982  C CE2 . TYR B 1 36 ? -12.431 -8.614  3.159   1.00 18.82 ? 36   TYR B CE2 1 
ATOM   983  C CZ  . TYR B 1 36 ? -13.450 -8.354  2.258   1.00 20.55 ? 36   TYR B CZ  1 
ATOM   984  O OH  . TYR B 1 36 ? -14.753 -8.557  2.651   1.00 23.81 ? 36   TYR B OH  1 
ATOM   985  N N   . GLY B 1 37 ? -7.672  -10.235 2.119   1.00 18.10 ? 37   GLY B N   1 
ATOM   986  C CA  . GLY B 1 37 ? -7.570  -11.351 3.035   1.00 20.09 ? 37   GLY B CA  1 
ATOM   987  C C   . GLY B 1 37 ? -6.440  -11.087 4.004   1.00 21.85 ? 37   GLY B C   1 
ATOM   988  O O   . GLY B 1 37 ? -5.652  -10.158 3.810   1.00 20.78 ? 37   GLY B O   1 
ATOM   989  N N   . GLU B 1 38 ? -6.358  -11.891 5.058   1.00 23.56 ? 38   GLU B N   1 
ATOM   990  C CA  . GLU B 1 38 ? -5.299  -11.720 6.037   1.00 25.52 ? 38   GLU B CA  1 
ATOM   991  C C   . GLU B 1 38 ? -3.961  -11.943 5.357   1.00 26.13 ? 38   GLU B C   1 
ATOM   992  O O   . GLU B 1 38 ? -3.788  -12.919 4.632   1.00 26.53 ? 38   GLU B O   1 
ATOM   993  C CB  . GLU B 1 38 ? -5.469  -12.717 7.177   1.00 27.88 ? 38   GLU B CB  1 
ATOM   994  C CG  . GLU B 1 38 ? -6.553  -12.348 8.169   1.00 31.00 ? 38   GLU B CG  1 
ATOM   995  C CD  . GLU B 1 38 ? -6.672  -13.366 9.285   1.00 33.81 ? 38   GLU B CD  1 
ATOM   996  O OE1 . GLU B 1 38 ? -5.626  -13.732 9.864   1.00 34.42 ? 38   GLU B OE1 1 
ATOM   997  O OE2 . GLU B 1 38 ? -7.809  -13.791 9.589   1.00 34.95 ? 38   GLU B OE2 1 
ATOM   998  N N   . THR B 1 39 ? -3.018  -11.037 5.580   1.00 26.33 ? 39   THR B N   1 
ATOM   999  C CA  . THR B 1 39 ? -1.705  -11.171 4.962   1.00 27.69 ? 39   THR B CA  1 
ATOM   1000 C C   . THR B 1 39 ? -1.112  -12.525 5.332   1.00 31.72 ? 39   THR B C   1 
ATOM   1001 O O   . THR B 1 39 ? -1.135  -12.926 6.497   1.00 31.62 ? 39   THR B O   1 
ATOM   1002 C CB  . THR B 1 39 ? -0.753  -10.051 5.428   1.00 24.62 ? 39   THR B CB  1 
ATOM   1003 O OG1 . THR B 1 39 ? -1.391  -8.782  5.245   1.00 21.30 ? 39   THR B OG1 1 
ATOM   1004 C CG2 . THR B 1 39 ? 0.538   -10.077 4.615   1.00 23.28 ? 39   THR B CG2 1 
ATOM   1005 N N   . GLY B 1 40 ? -0.598  -13.241 4.338   1.00 35.90 ? 40   GLY B N   1 
ATOM   1006 C CA  . GLY B 1 40 ? -0.009  -14.543 4.604   1.00 42.33 ? 40   GLY B CA  1 
ATOM   1007 C C   . GLY B 1 40 ? -0.954  -15.541 5.259   1.00 46.44 ? 40   GLY B C   1 
ATOM   1008 O O   . GLY B 1 40 ? -0.514  -16.499 5.896   1.00 47.19 ? 40   GLY B O   1 
ATOM   1009 N N   . GLY B 1 41 ? -2.256  -15.319 5.108   1.00 49.77 ? 41   GLY B N   1 
ATOM   1010 C CA  . GLY B 1 41 ? -3.232  -16.230 5.681   1.00 53.13 ? 41   GLY B CA  1 
ATOM   1011 C C   . GLY B 1 41 ? -3.685  -17.255 4.655   1.00 55.22 ? 41   GLY B C   1 
ATOM   1012 O O   . GLY B 1 41 ? -4.279  -16.903 3.633   1.00 56.14 ? 41   GLY B O   1 
ATOM   1013 N N   . ASN B 1 42 ? -3.399  -18.526 4.921   1.00 57.02 ? 42   ASN B N   1 
ATOM   1014 C CA  . ASN B 1 42 ? -3.780  -19.600 4.011   1.00 58.75 ? 42   ASN B CA  1 
ATOM   1015 C C   . ASN B 1 42 ? -5.288  -19.843 4.064   1.00 59.12 ? 42   ASN B C   1 
ATOM   1016 O O   . ASN B 1 42 ? -5.748  -20.969 4.284   1.00 59.11 ? 42   ASN B O   1 
ATOM   1017 C CB  . ASN B 1 42 ? -3.024  -20.883 4.371   1.00 60.22 ? 42   ASN B CB  1 
ATOM   1018 C CG  . ASN B 1 42 ? -1.518  -20.700 4.346   1.00 62.19 ? 42   ASN B CG  1 
ATOM   1019 O OD1 . ASN B 1 42 ? -0.764  -21.648 4.571   1.00 64.31 ? 42   ASN B OD1 1 
ATOM   1020 N ND2 . ASN B 1 42 ? -1.070  -19.477 4.071   1.00 62.09 ? 42   ASN B ND2 1 
ATOM   1021 N N   . SER B 1 43 ? -6.048  -18.771 3.866   1.00 59.02 ? 43   SER B N   1 
ATOM   1022 C CA  . SER B 1 43 ? -7.504  -18.832 3.877   1.00 58.28 ? 43   SER B CA  1 
ATOM   1023 C C   . SER B 1 43 ? -8.051  -18.113 2.646   1.00 57.12 ? 43   SER B C   1 
ATOM   1024 O O   . SER B 1 43 ? -7.423  -17.192 2.121   1.00 57.13 ? 43   SER B O   1 
ATOM   1025 C CB  . SER B 1 43 ? -8.053  -18.194 5.155   1.00 58.87 ? 43   SER B CB  1 
ATOM   1026 O OG  . SER B 1 43 ? -7.654  -18.939 6.294   1.00 59.34 ? 43   SER B OG  1 
ATOM   1027 N N   . PRO B 1 44 ? -9.241  -18.518 2.180   1.00 56.04 ? 44   PRO B N   1 
ATOM   1028 C CA  . PRO B 1 44 ? -9.886  -17.929 1.001   1.00 53.35 ? 44   PRO B CA  1 
ATOM   1029 C C   . PRO B 1 44 ? -10.042 -16.418 1.034   1.00 49.41 ? 44   PRO B C   1 
ATOM   1030 O O   . PRO B 1 44 ? -10.673 -15.862 1.930   1.00 49.00 ? 44   PRO B O   1 
ATOM   1031 C CB  . PRO B 1 44 ? -11.231 -18.651 0.948   1.00 54.83 ? 44   PRO B CB  1 
ATOM   1032 C CG  . PRO B 1 44 ? -11.529 -18.884 2.403   1.00 56.75 ? 44   PRO B CG  1 
ATOM   1033 C CD  . PRO B 1 44 ? -10.191 -19.375 2.916   1.00 56.51 ? 44   PRO B CD  1 
ATOM   1034 N N   . VAL B 1 45 ? -9.457  -15.770 0.034   1.00 45.94 ? 45   VAL B N   1 
ATOM   1035 C CA  . VAL B 1 45 ? -9.515  -14.324 -0.111  1.00 41.54 ? 45   VAL B CA  1 
ATOM   1036 C C   . VAL B 1 45 ? -10.918 -13.893 -0.542  1.00 38.94 ? 45   VAL B C   1 
ATOM   1037 O O   . VAL B 1 45 ? -11.536 -14.523 -1.399  1.00 39.10 ? 45   VAL B O   1 
ATOM   1038 C CB  . VAL B 1 45 ? -8.485  -13.850 -1.161  1.00 41.08 ? 45   VAL B CB  1 
ATOM   1039 C CG1 . VAL B 1 45 ? -8.684  -12.384 -1.482  1.00 41.84 ? 45   VAL B CG1 1 
ATOM   1040 C CG2 . VAL B 1 45 ? -7.087  -14.077 -0.637  1.00 40.88 ? 45   VAL B CG2 1 
ATOM   1041 N N   . GLN B 1 46 ? -11.418 -12.824 0.069   1.00 36.31 ? 46   GLN B N   1 
ATOM   1042 C CA  . GLN B 1 46 ? -12.733 -12.289 -0.258  1.00 32.75 ? 46   GLN B CA  1 
ATOM   1043 C C   . GLN B 1 46 ? -12.585 -11.388 -1.468  1.00 29.52 ? 46   GLN B C   1 
ATOM   1044 O O   . GLN B 1 46 ? -11.722 -10.520 -1.492  1.00 27.22 ? 46   GLN B O   1 
ATOM   1045 C CB  . GLN B 1 46 ? -13.281 -11.465 0.906   1.00 34.63 ? 46   GLN B CB  1 
ATOM   1046 C CG  . GLN B 1 46 ? -13.516 -12.253 2.175   1.00 39.74 ? 46   GLN B CG  1 
ATOM   1047 C CD  . GLN B 1 46 ? -14.631 -13.269 2.024   1.00 44.24 ? 46   GLN B CD  1 
ATOM   1048 O OE1 . GLN B 1 46 ? -15.799 -12.909 1.834   1.00 46.23 ? 46   GLN B OE1 1 
ATOM   1049 N NE2 . GLN B 1 46 ? -14.276 -14.550 2.101   1.00 45.40 ? 46   GLN B NE2 1 
ATOM   1050 N N   . GLU B 1 47 ? -13.429 -11.595 -2.470  1.00 28.00 ? 47   GLU B N   1 
ATOM   1051 C CA  . GLU B 1 47 ? -13.384 -10.784 -3.679  1.00 27.51 ? 47   GLU B CA  1 
ATOM   1052 C C   . GLU B 1 47 ? -14.693 -10.010 -3.882  1.00 26.22 ? 47   GLU B C   1 
ATOM   1053 O O   . GLU B 1 47 ? -15.780 -10.477 -3.531  1.00 25.12 ? 47   GLU B O   1 
ATOM   1054 C CB  . GLU B 1 47 ? -13.087 -11.667 -4.889  1.00 28.77 ? 47   GLU B CB  1 
ATOM   1055 C CG  . GLU B 1 47 ? -12.546 -10.906 -6.083  1.00 35.57 ? 47   GLU B CG  1 
ATOM   1056 C CD  . GLU B 1 47 ? -13.568 -10.739 -7.181  1.00 38.30 ? 47   GLU B CD  1 
ATOM   1057 O OE1 . GLU B 1 47 ? -14.048 -11.771 -7.693  1.00 41.12 ? 47   GLU B OE1 1 
ATOM   1058 O OE2 . GLU B 1 47 ? -13.891 -9.583  -7.535  1.00 41.85 ? 47   GLU B OE2 1 
ATOM   1059 N N   . ILE B 1 48 ? -14.578 -8.815  -4.443  1.00 24.58 ? 48   ILE B N   1 
ATOM   1060 C CA  . ILE B 1 48 ? -15.727 -7.962  -4.675  1.00 24.04 ? 48   ILE B CA  1 
ATOM   1061 C C   . ILE B 1 48 ? -15.552 -7.161  -5.951  1.00 22.74 ? 48   ILE B C   1 
ATOM   1062 O O   . ILE B 1 48 ? -14.544 -6.476  -6.128  1.00 20.97 ? 48   ILE B O   1 
ATOM   1063 C CB  . ILE B 1 48 ? -15.910 -6.966  -3.516  1.00 26.42 ? 48   ILE B CB  1 
ATOM   1064 C CG1 . ILE B 1 48 ? -16.063 -7.723  -2.200  1.00 28.84 ? 48   ILE B CG1 1 
ATOM   1065 C CG2 . ILE B 1 48 ? -17.126 -6.085  -3.773  1.00 28.03 ? 48   ILE B CG2 1 
ATOM   1066 C CD1 . ILE B 1 48 ? -16.188 -6.834  -0.996  1.00 31.82 ? 48   ILE B CD1 1 
ATOM   1067 N N   . THR B 1 49 ? -16.531 -7.250  -6.843  1.00 21.37 ? 49   THR B N   1 
ATOM   1068 C CA  . THR B 1 49 ? -16.474 -6.500  -8.089  1.00 21.25 ? 49   THR B CA  1 
ATOM   1069 C C   . THR B 1 49 ? -17.274 -5.213  -7.907  1.00 20.68 ? 49   THR B C   1 
ATOM   1070 O O   . THR B 1 49 ? -18.425 -5.237  -7.472  1.00 20.87 ? 49   THR B O   1 
ATOM   1071 C CB  . THR B 1 49 ? -17.016 -7.336  -9.259  1.00 21.84 ? 49   THR B CB  1 
ATOM   1072 O OG1 . THR B 1 49 ? -16.131 -8.441  -9.492  1.00 23.01 ? 49   THR B OG1 1 
ATOM   1073 C CG2 . THR B 1 49 ? -17.094 -6.509  -10.520 1.00 23.48 ? 49   THR B CG2 1 
ATOM   1074 N N   . LEU B 1 50 ? -16.638 -4.092  -8.222  1.00 20.03 ? 50   LEU B N   1 
ATOM   1075 C CA  . LEU B 1 50 ? -17.241 -2.772  -8.064  1.00 20.19 ? 50   LEU B CA  1 
ATOM   1076 C C   . LEU B 1 50 ? -17.417 -2.054  -9.384  1.00 21.10 ? 50   LEU B C   1 
ATOM   1077 O O   . LEU B 1 50 ? -16.727 -2.349  -10.358 1.00 22.56 ? 50   LEU B O   1 
ATOM   1078 C CB  . LEU B 1 50 ? -16.343 -1.878  -7.203  1.00 17.58 ? 50   LEU B CB  1 
ATOM   1079 C CG  . LEU B 1 50 ? -15.795 -2.379  -5.875  1.00 17.64 ? 50   LEU B CG  1 
ATOM   1080 C CD1 . LEU B 1 50 ? -14.717 -1.432  -5.394  1.00 16.87 ? 50   LEU B CD1 1 
ATOM   1081 C CD2 . LEU B 1 50 ? -16.924 -2.490  -4.868  1.00 19.49 ? 50   LEU B CD2 1 
ATOM   1082 N N   . PRO B 1 51 ? -18.347 -1.086  -9.428  1.00 23.16 ? 51   PRO B N   1 
ATOM   1083 C CA  . PRO B 1 51 ? -18.590 -0.309  -10.648 1.00 23.44 ? 51   PRO B CA  1 
ATOM   1084 C C   . PRO B 1 51 ? -17.276 0.404   -10.990 1.00 24.69 ? 51   PRO B C   1 
ATOM   1085 O O   . PRO B 1 51 ? -16.652 1.000   -10.117 1.00 25.36 ? 51   PRO B O   1 
ATOM   1086 C CB  . PRO B 1 51 ? -19.670 0.674   -10.213 1.00 22.53 ? 51   PRO B CB  1 
ATOM   1087 C CG  . PRO B 1 51 ? -20.450 -0.118  -9.195  1.00 22.61 ? 51   PRO B CG  1 
ATOM   1088 C CD  . PRO B 1 51 ? -19.365 -0.792  -8.399  1.00 22.56 ? 51   PRO B CD  1 
ATOM   1089 N N   . GLY B 1 52 ? -16.854 0.335   -12.248 1.00 26.21 ? 52   GLY B N   1 
ATOM   1090 C CA  . GLY B 1 52 ? -15.609 0.972   -12.639 1.00 25.59 ? 52   GLY B CA  1 
ATOM   1091 C C   . GLY B 1 52 ? -15.493 2.422   -12.215 1.00 26.69 ? 52   GLY B C   1 
ATOM   1092 O O   . GLY B 1 52 ? -14.391 2.947   -12.105 1.00 26.96 ? 52   GLY B O   1 
ATOM   1093 N N   . SER B 1 53 ? -16.631 3.066   -11.968 1.00 28.64 ? 53   SER B N   1 
ATOM   1094 C CA  . SER B 1 53 ? -16.661 4.476   -11.567 1.00 29.45 ? 53   SER B CA  1 
ATOM   1095 C C   . SER B 1 53 ? -16.382 4.719   -10.087 1.00 29.56 ? 53   SER B C   1 
ATOM   1096 O O   . SER B 1 53 ? -16.219 5.868   -9.674  1.00 30.67 ? 53   SER B O   1 
ATOM   1097 C CB  . SER B 1 53 ? -18.011 5.095   -11.927 1.00 28.72 ? 53   SER B CB  1 
ATOM   1098 O OG  . SER B 1 53 ? -19.070 4.460   -11.229 1.00 31.76 ? 53   SER B OG  1 
ATOM   1099 N N   . LYS B 1 54 ? -16.342 3.650   -9.291  1.00 29.21 ? 54   LYS B N   1 
ATOM   1100 C CA  . LYS B 1 54 ? -16.063 3.778   -7.861  1.00 27.69 ? 54   LYS B CA  1 
ATOM   1101 C C   . LYS B 1 54 ? -14.594 4.111   -7.620  1.00 26.73 ? 54   LYS B C   1 
ATOM   1102 O O   . LYS B 1 54 ? -13.712 3.588   -8.296  1.00 28.33 ? 54   LYS B O   1 
ATOM   1103 C CB  . LYS B 1 54 ? -16.404 2.483   -7.116  1.00 27.45 ? 54   LYS B CB  1 
ATOM   1104 C CG  . LYS B 1 54 ? -17.879 2.281   -6.863  1.00 28.16 ? 54   LYS B CG  1 
ATOM   1105 C CD  . LYS B 1 54 ? -18.130 1.800   -5.440  1.00 27.01 ? 54   LYS B CD  1 
ATOM   1106 C CE  . LYS B 1 54 ? -17.889 2.909   -4.435  1.00 27.04 ? 54   LYS B CE  1 
ATOM   1107 N NZ  . LYS B 1 54 ? -18.134 2.463   -3.043  1.00 26.73 ? 54   LYS B NZ  1 
ATOM   1108 N N   . SER B 1 55 ? -14.334 4.990   -6.658  1.00 26.15 ? 55   SER B N   1 
ATOM   1109 C CA  . SER B 1 55 ? -12.962 5.362   -6.336  1.00 24.92 ? 55   SER B CA  1 
ATOM   1110 C C   . SER B 1 55 ? -12.659 5.068   -4.862  1.00 23.57 ? 55   SER B C   1 
ATOM   1111 O O   . SER B 1 55 ? -11.551 5.317   -4.381  1.00 21.27 ? 55   SER B O   1 
ATOM   1112 C CB  . SER B 1 55 ? -12.709 6.842   -6.673  1.00 26.34 ? 55   SER B CB  1 
ATOM   1113 O OG  . SER B 1 55 ? -13.629 7.715   -6.031  1.00 30.45 ? 55   SER B OG  1 
ATOM   1114 N N   . THR B 1 56 ? -13.652 4.526   -4.155  1.00 22.59 ? 56   THR B N   1 
ATOM   1115 C CA  . THR B 1 56 ? -13.503 4.162   -2.746  1.00 24.20 ? 56   THR B CA  1 
ATOM   1116 C C   . THR B 1 56 ? -14.310 2.919   -2.412  1.00 23.90 ? 56   THR B C   1 
ATOM   1117 O O   . THR B 1 56 ? -15.227 2.541   -3.132  1.00 24.12 ? 56   THR B O   1 
ATOM   1118 C CB  . THR B 1 56 ? -13.999 5.252   -1.784  1.00 25.07 ? 56   THR B CB  1 
ATOM   1119 O OG1 . THR B 1 56 ? -15.386 5.511   -2.041  1.00 28.52 ? 56   THR B OG1 1 
ATOM   1120 C CG2 . THR B 1 56 ? -13.192 6.527   -1.946  1.00 26.13 ? 56   THR B CG2 1 
ATOM   1121 N N   . TYR B 1 57 ? -13.952 2.292   -1.301  1.00 23.54 ? 57   TYR B N   1 
ATOM   1122 C CA  . TYR B 1 57 ? -14.635 1.105   -0.828  1.00 22.64 ? 57   TYR B CA  1 
ATOM   1123 C C   . TYR B 1 57 ? -14.302 0.880   0.638   1.00 23.42 ? 57   TYR B C   1 
ATOM   1124 O O   . TYR B 1 57 ? -13.144 0.976   1.053   1.00 23.27 ? 57   TYR B O   1 
ATOM   1125 C CB  . TYR B 1 57 ? -14.223 -0.134  -1.621  1.00 22.44 ? 57   TYR B CB  1 
ATOM   1126 C CG  . TYR B 1 57 ? -14.992 -1.353  -1.173  1.00 23.40 ? 57   TYR B CG  1 
ATOM   1127 C CD1 . TYR B 1 57 ? -16.376 -1.415  -1.334  1.00 24.74 ? 57   TYR B CD1 1 
ATOM   1128 C CD2 . TYR B 1 57 ? -14.356 -2.413  -0.530  1.00 23.83 ? 57   TYR B CD2 1 
ATOM   1129 C CE1 . TYR B 1 57 ? -17.111 -2.496  -0.866  1.00 25.26 ? 57   TYR B CE1 1 
ATOM   1130 C CE2 . TYR B 1 57 ? -15.085 -3.505  -0.054  1.00 24.19 ? 57   TYR B CE2 1 
ATOM   1131 C CZ  . TYR B 1 57 ? -16.463 -3.536  -0.227  1.00 25.89 ? 57   TYR B CZ  1 
ATOM   1132 O OH  . TYR B 1 57 ? -17.205 -4.598  0.234   1.00 26.27 ? 57   TYR B OH  1 
ATOM   1133 N N   . THR B 1 58 ? -15.326 0.582   1.426   1.00 24.06 ? 58   THR B N   1 
ATOM   1134 C CA  . THR B 1 58 ? -15.130 0.324   2.842   1.00 23.24 ? 58   THR B CA  1 
ATOM   1135 C C   . THR B 1 58 ? -15.210 -1.175  3.095   1.00 22.66 ? 58   THR B C   1 
ATOM   1136 O O   . THR B 1 58 ? -16.252 -1.799  2.899   1.00 22.33 ? 58   THR B O   1 
ATOM   1137 C CB  . THR B 1 58 ? -16.184 1.041   3.693   1.00 21.54 ? 58   THR B CB  1 
ATOM   1138 O OG1 . THR B 1 58 ? -16.127 2.451   3.438   1.00 22.61 ? 58   THR B OG1 1 
ATOM   1139 C CG2 . THR B 1 58 ? -15.923 0.792   5.153   1.00 20.48 ? 58   THR B CG2 1 
ATOM   1140 N N   . ILE B 1 59 ? -14.085 -1.751  3.497   1.00 22.96 ? 59   ILE B N   1 
ATOM   1141 C CA  . ILE B 1 59 ? -14.022 -3.172  3.781   1.00 23.01 ? 59   ILE B CA  1 
ATOM   1142 C C   . ILE B 1 59 ? -14.510 -3.321  5.213   1.00 24.14 ? 59   ILE B C   1 
ATOM   1143 O O   . ILE B 1 59 ? -14.073 -2.594  6.096   1.00 23.62 ? 59   ILE B O   1 
ATOM   1144 C CB  . ILE B 1 59 ? -12.575 -3.702  3.667   1.00 21.78 ? 59   ILE B CB  1 
ATOM   1145 C CG1 . ILE B 1 59 ? -12.041 -3.464  2.251   1.00 20.47 ? 59   ILE B CG1 1 
ATOM   1146 C CG2 . ILE B 1 59 ? -12.542 -5.179  3.979   1.00 21.20 ? 59   ILE B CG2 1 
ATOM   1147 C CD1 . ILE B 1 59 ? -10.576 -3.792  2.092   1.00 18.52 ? 59   ILE B CD1 1 
ATOM   1148 N N   . SER B 1 60 ? -15.432 -4.251  5.430   1.00 25.22 ? 60   SER B N   1 
ATOM   1149 C CA  . SER B 1 60 ? -15.983 -4.487  6.753   1.00 25.03 ? 60   SER B CA  1 
ATOM   1150 C C   . SER B 1 60 ? -16.016 -5.982  7.071   1.00 24.41 ? 60   SER B C   1 
ATOM   1151 O O   . SER B 1 60 ? -15.727 -6.811  6.212   1.00 22.62 ? 60   SER B O   1 
ATOM   1152 C CB  . SER B 1 60 ? -17.385 -3.873  6.838   1.00 27.06 ? 60   SER B CB  1 
ATOM   1153 O OG  . SER B 1 60 ? -18.108 -4.087  5.635   1.00 29.58 ? 60   SER B OG  1 
ATOM   1154 N N   . GLY B 1 61 ? -16.358 -6.316  8.314   1.00 25.69 ? 61   GLY B N   1 
ATOM   1155 C CA  . GLY B 1 61 ? -16.404 -7.708  8.731   1.00 25.61 ? 61   GLY B CA  1 
ATOM   1156 C C   . GLY B 1 61 ? -15.018 -8.297  8.937   1.00 26.34 ? 61   GLY B C   1 
ATOM   1157 O O   . GLY B 1 61 ? -14.814 -9.503  8.772   1.00 26.71 ? 61   GLY B O   1 
ATOM   1158 N N   . LEU B 1 62 ? -14.067 -7.445  9.307   1.00 25.49 ? 62   LEU B N   1 
ATOM   1159 C CA  . LEU B 1 62 ? -12.687 -7.867  9.523   1.00 24.69 ? 62   LEU B CA  1 
ATOM   1160 C C   . LEU B 1 62 ? -12.425 -8.117  11.002  1.00 24.92 ? 62   LEU B C   1 
ATOM   1161 O O   . LEU B 1 62 ? -13.210 -7.697  11.852  1.00 27.88 ? 62   LEU B O   1 
ATOM   1162 C CB  . LEU B 1 62 ? -11.730 -6.784  9.016   1.00 22.95 ? 62   LEU B CB  1 
ATOM   1163 C CG  . LEU B 1 62 ? -11.883 -6.342  7.559   1.00 19.31 ? 62   LEU B CG  1 
ATOM   1164 C CD1 . LEU B 1 62 ? -10.967 -5.157  7.273   1.00 17.61 ? 62   LEU B CD1 1 
ATOM   1165 C CD2 . LEU B 1 62 ? -11.567 -7.515  6.644   1.00 17.65 ? 62   LEU B CD2 1 
ATOM   1166 N N   . LYS B 1 63 ? -11.325 -8.802  11.304  1.00 23.25 ? 63   LYS B N   1 
ATOM   1167 C CA  . LYS B 1 63 ? -10.947 -9.088  12.689  1.00 21.22 ? 63   LYS B CA  1 
ATOM   1168 C C   . LYS B 1 63 ? -10.048 -7.952  13.147  1.00 20.86 ? 63   LYS B C   1 
ATOM   1169 O O   . LYS B 1 63 ? -9.233  -7.454  12.369  1.00 20.52 ? 63   LYS B O   1 
ATOM   1170 C CB  . LYS B 1 63 ? -10.160 -10.393 12.779  1.00 20.02 ? 63   LYS B CB  1 
ATOM   1171 C CG  . LYS B 1 63 ? -10.816 -11.567 12.112  1.00 21.44 ? 63   LYS B CG  1 
ATOM   1172 C CD  . LYS B 1 63 ? -9.870  -12.748 12.044  1.00 21.30 ? 63   LYS B CD  1 
ATOM   1173 C CE  . LYS B 1 63 ? -10.558 -13.928 11.401  1.00 25.81 ? 63   LYS B CE  1 
ATOM   1174 N NZ  . LYS B 1 63 ? -9.691  -15.133 11.409  1.00 30.83 ? 63   LYS B NZ  1 
ATOM   1175 N N   . PRO B 1 64 ? -10.173 -7.528  14.417  1.00 21.13 ? 64   PRO B N   1 
ATOM   1176 C CA  . PRO B 1 64 ? -9.355  -6.435  14.972  1.00 19.77 ? 64   PRO B CA  1 
ATOM   1177 C C   . PRO B 1 64 ? -7.861  -6.798  15.101  1.00 20.15 ? 64   PRO B C   1 
ATOM   1178 O O   . PRO B 1 64 ? -7.512  -7.982  15.181  1.00 19.74 ? 64   PRO B O   1 
ATOM   1179 C CB  . PRO B 1 64 ? -10.001 -6.180  16.336  1.00 19.73 ? 64   PRO B CB  1 
ATOM   1180 C CG  . PRO B 1 64 ? -11.418 -6.663  16.154  1.00 19.10 ? 64   PRO B CG  1 
ATOM   1181 C CD  . PRO B 1 64 ? -11.224 -7.927  15.368  1.00 19.52 ? 64   PRO B CD  1 
ATOM   1182 N N   . GLY B 1 65 ? -6.993  -5.782  15.123  1.00 17.30 ? 65   GLY B N   1 
ATOM   1183 C CA  . GLY B 1 65 ? -5.555  -5.999  15.242  1.00 16.92 ? 65   GLY B CA  1 
ATOM   1184 C C   . GLY B 1 65 ? -5.013  -7.057  14.293  1.00 17.87 ? 65   GLY B C   1 
ATOM   1185 O O   . GLY B 1 65 ? -4.115  -7.827  14.637  1.00 18.50 ? 65   GLY B O   1 
ATOM   1186 N N   . THR B 1 66 ? -5.561  -7.085  13.084  1.00 16.73 ? 66   THR B N   1 
ATOM   1187 C CA  . THR B 1 66 ? -5.171  -8.063  12.085  1.00 15.97 ? 66   THR B CA  1 
ATOM   1188 C C   . THR B 1 66 ? -4.559  -7.404  10.849  1.00 16.03 ? 66   THR B C   1 
ATOM   1189 O O   . THR B 1 66 ? -4.974  -6.324  10.443  1.00 15.51 ? 66   THR B O   1 
ATOM   1190 C CB  . THR B 1 66 ? -6.403  -8.899  11.652  1.00 15.44 ? 66   THR B CB  1 
ATOM   1191 O OG1 . THR B 1 66 ? -6.964  -9.548  12.799  1.00 15.79 ? 66   THR B OG1 1 
ATOM   1192 C CG2 . THR B 1 66 ? -6.012  -9.953  10.617  1.00 16.44 ? 66   THR B CG2 1 
ATOM   1193 N N   . ASP B 1 67 ? -3.569  -8.073  10.261  1.00 17.67 ? 67   ASP B N   1 
ATOM   1194 C CA  . ASP B 1 67 ? -2.894  -7.589  9.059   1.00 17.94 ? 67   ASP B CA  1 
ATOM   1195 C C   . ASP B 1 67 ? -3.622  -8.110  7.824   1.00 17.40 ? 67   ASP B C   1 
ATOM   1196 O O   . ASP B 1 67 ? -3.825  -9.318  7.673   1.00 17.70 ? 67   ASP B O   1 
ATOM   1197 C CB  . ASP B 1 67 ? -1.448  -8.072  9.036   1.00 17.44 ? 67   ASP B CB  1 
ATOM   1198 C CG  . ASP B 1 67 ? -0.646  -7.547  10.203  1.00 18.29 ? 67   ASP B CG  1 
ATOM   1199 O OD1 . ASP B 1 67 ? 0.039   -8.351  10.868  1.00 18.87 ? 67   ASP B OD1 1 
ATOM   1200 O OD2 . ASP B 1 67 ? -0.694  -6.327  10.450  1.00 18.96 ? 67   ASP B OD2 1 
ATOM   1201 N N   . TYR B 1 68 ? -4.016  -7.190  6.946   1.00 16.90 ? 68   TYR B N   1 
ATOM   1202 C CA  . TYR B 1 68 ? -4.724  -7.540  5.718   1.00 14.40 ? 68   TYR B CA  1 
ATOM   1203 C C   . TYR B 1 68 ? -4.053  -6.998  4.457   1.00 14.67 ? 68   TYR B C   1 
ATOM   1204 O O   . TYR B 1 68 ? -3.390  -5.952  4.485   1.00 12.42 ? 68   TYR B O   1 
ATOM   1205 C CB  . TYR B 1 68 ? -6.152  -6.992  5.751   1.00 14.40 ? 68   TYR B CB  1 
ATOM   1206 C CG  . TYR B 1 68 ? -7.092  -7.724  6.663   1.00 16.05 ? 68   TYR B CG  1 
ATOM   1207 C CD1 . TYR B 1 68 ? -7.303  -7.299  7.975   1.00 14.58 ? 68   TYR B CD1 1 
ATOM   1208 C CD2 . TYR B 1 68 ? -7.782  -8.851  6.210   1.00 16.17 ? 68   TYR B CD2 1 
ATOM   1209 C CE1 . TYR B 1 68 ? -8.182  -7.978  8.812   1.00 15.54 ? 68   TYR B CE1 1 
ATOM   1210 C CE2 . TYR B 1 68 ? -8.657  -9.538  7.037   1.00 16.74 ? 68   TYR B CE2 1 
ATOM   1211 C CZ  . TYR B 1 68 ? -8.854  -9.099  8.335   1.00 16.40 ? 68   TYR B CZ  1 
ATOM   1212 O OH  . TYR B 1 68 ? -9.729  -9.786  9.148   1.00 17.85 ? 68   TYR B OH  1 
ATOM   1213 N N   . THR B 1 69 ? -4.243  -7.719  3.354   1.00 13.84 ? 69   THR B N   1 
ATOM   1214 C CA  . THR B 1 69 ? -3.731  -7.309  2.057   1.00 13.01 ? 69   THR B CA  1 
ATOM   1215 C C   . THR B 1 69 ? -4.938  -7.062  1.167   1.00 15.30 ? 69   THR B C   1 
ATOM   1216 O O   . THR B 1 69 ? -5.828  -7.913  1.063   1.00 15.31 ? 69   THR B O   1 
ATOM   1217 C CB  . THR B 1 69 ? -2.906  -8.389  1.378   1.00 12.91 ? 69   THR B CB  1 
ATOM   1218 O OG1 . THR B 1 69 ? -1.774  -8.716  2.186   1.00 11.88 ? 69   THR B OG1 1 
ATOM   1219 C CG2 . THR B 1 69 ? -2.428  -7.895  0.022   1.00 14.05 ? 69   THR B CG2 1 
ATOM   1220 N N   . VAL B 1 70 ? -4.975  -5.893  0.539   1.00 15.04 ? 70   VAL B N   1 
ATOM   1221 C CA  . VAL B 1 70 ? -6.064  -5.541  -0.360  1.00 13.45 ? 70   VAL B CA  1 
ATOM   1222 C C   . VAL B 1 70 ? -5.436  -5.447  -1.730  1.00 14.32 ? 70   VAL B C   1 
ATOM   1223 O O   . VAL B 1 70 ? -4.366  -4.866  -1.886  1.00 14.52 ? 70   VAL B O   1 
ATOM   1224 C CB  . VAL B 1 70 ? -6.688  -4.190  0.010   1.00 14.21 ? 70   VAL B CB  1 
ATOM   1225 C CG1 . VAL B 1 70 ? -7.735  -3.798  -1.016  1.00 13.11 ? 70   VAL B CG1 1 
ATOM   1226 C CG2 . VAL B 1 70 ? -7.303  -4.283  1.393   1.00 14.75 ? 70   VAL B CG2 1 
ATOM   1227 N N   . THR B 1 71 ? -6.094  -6.029  -2.724  1.00 14.75 ? 71   THR B N   1 
ATOM   1228 C CA  . THR B 1 71 ? -5.563  -6.026  -4.081  1.00 15.14 ? 71   THR B CA  1 
ATOM   1229 C C   . THR B 1 71 ? -6.633  -5.586  -5.061  1.00 15.84 ? 71   THR B C   1 
ATOM   1230 O O   . THR B 1 71 ? -7.770  -6.050  -4.990  1.00 15.15 ? 71   THR B O   1 
ATOM   1231 C CB  . THR B 1 71 ? -5.065  -7.438  -4.477  1.00 16.22 ? 71   THR B CB  1 
ATOM   1232 O OG1 . THR B 1 71 ? -4.079  -7.878  -3.534  1.00 14.96 ? 71   THR B OG1 1 
ATOM   1233 C CG2 . THR B 1 71 ? -4.467  -7.427  -5.883  1.00 16.07 ? 71   THR B CG2 1 
ATOM   1234 N N   . LEU B 1 72 ? -6.260  -4.691  -5.974  1.00 15.34 ? 72   LEU B N   1 
ATOM   1235 C CA  . LEU B 1 72 ? -7.184  -4.174  -6.974  1.00 16.14 ? 72   LEU B CA  1 
ATOM   1236 C C   . LEU B 1 72 ? -6.728  -4.520  -8.388  1.00 16.97 ? 72   LEU B C   1 
ATOM   1237 O O   . LEU B 1 72 ? -5.531  -4.553  -8.678  1.00 17.75 ? 72   LEU B O   1 
ATOM   1238 C CB  . LEU B 1 72 ? -7.296  -2.646  -6.870  1.00 15.44 ? 72   LEU B CB  1 
ATOM   1239 C CG  . LEU B 1 72 ? -7.660  -1.971  -5.546  1.00 16.18 ? 72   LEU B CG  1 
ATOM   1240 C CD1 . LEU B 1 72 ? -7.665  -0.473  -5.747  1.00 15.36 ? 72   LEU B CD1 1 
ATOM   1241 C CD2 . LEU B 1 72 ? -9.027  -2.422  -5.076  1.00 16.77 ? 72   LEU B CD2 1 
ATOM   1242 N N   . TYR B 1 73 ? -7.698  -4.777  -9.256  1.00 17.53 ? 73   TYR B N   1 
ATOM   1243 C CA  . TYR B 1 73 ? -7.438  -5.064  -10.661 1.00 19.30 ? 73   TYR B CA  1 
ATOM   1244 C C   . TYR B 1 73 ? -8.448  -4.255  -11.474 1.00 20.47 ? 73   TYR B C   1 
ATOM   1245 O O   . TYR B 1 73 ? -9.621  -4.162  -11.104 1.00 20.58 ? 73   TYR B O   1 
ATOM   1246 C CB  . TYR B 1 73 ? -7.646  -6.541  -11.001 1.00 16.90 ? 73   TYR B CB  1 
ATOM   1247 C CG  . TYR B 1 73 ? -6.907  -7.539  -10.135 1.00 17.01 ? 73   TYR B CG  1 
ATOM   1248 C CD1 . TYR B 1 73 ? -7.443  -7.958  -8.916  1.00 16.13 ? 73   TYR B CD1 1 
ATOM   1249 C CD2 . TYR B 1 73 ? -5.699  -8.106  -10.560 1.00 15.32 ? 73   TYR B CD2 1 
ATOM   1250 C CE1 . TYR B 1 73 ? -6.801  -8.916  -8.139  1.00 15.33 ? 73   TYR B CE1 1 
ATOM   1251 C CE2 . TYR B 1 73 ? -5.044  -9.071  -9.787  1.00 15.42 ? 73   TYR B CE2 1 
ATOM   1252 C CZ  . TYR B 1 73 ? -5.608  -9.472  -8.574  1.00 15.33 ? 73   TYR B CZ  1 
ATOM   1253 O OH  . TYR B 1 73 ? -4.988  -10.430 -7.796  1.00 15.18 ? 73   TYR B OH  1 
ATOM   1254 N N   . SER B 1 74 ? -7.996  -3.649  -12.563 1.00 20.13 ? 74   SER B N   1 
ATOM   1255 C CA  . SER B 1 74 ? -8.912  -2.912  -13.416 1.00 19.26 ? 74   SER B CA  1 
ATOM   1256 C C   . SER B 1 74 ? -9.381  -3.945  -14.426 1.00 18.15 ? 74   SER B C   1 
ATOM   1257 O O   . SER B 1 74 ? -8.567  -4.639  -15.019 1.00 19.59 ? 74   SER B O   1 
ATOM   1258 C CB  . SER B 1 74 ? -8.205  -1.774  -14.168 1.00 18.28 ? 74   SER B CB  1 
ATOM   1259 O OG  . SER B 1 74 ? -7.668  -0.810  -13.286 1.00 18.69 ? 74   SER B OG  1 
ATOM   1260 N N   . VAL B 1 75 ? -10.686 -4.080  -14.598 1.00 18.79 ? 75   VAL B N   1 
ATOM   1261 C CA  . VAL B 1 75 ? -11.202 -5.016  -15.587 1.00 20.12 ? 75   VAL B CA  1 
ATOM   1262 C C   . VAL B 1 75 ? -11.676 -4.151  -16.757 1.00 19.89 ? 75   VAL B C   1 
ATOM   1263 O O   . VAL B 1 75 ? -12.649 -3.411  -16.645 1.00 19.18 ? 75   VAL B O   1 
ATOM   1264 C CB  . VAL B 1 75 ? -12.368 -5.878  -15.016 1.00 20.52 ? 75   VAL B CB  1 
ATOM   1265 C CG1 . VAL B 1 75 ? -12.908 -6.809  -16.101 1.00 20.33 ? 75   VAL B CG1 1 
ATOM   1266 C CG2 . VAL B 1 75 ? -11.867 -6.706  -13.823 1.00 18.03 ? 75   VAL B CG2 1 
ATOM   1267 N N   . THR B 1 76 ? -10.965 -4.231  -17.874 1.00 21.02 ? 76   THR B N   1 
ATOM   1268 C CA  . THR B 1 76 ? -11.300 -3.432  -19.049 1.00 23.32 ? 76   THR B CA  1 
ATOM   1269 C C   . THR B 1 76 ? -12.097 -4.183  -20.112 1.00 25.61 ? 76   THR B C   1 
ATOM   1270 O O   . THR B 1 76 ? -12.832 -3.574  -20.888 1.00 26.04 ? 76   THR B O   1 
ATOM   1271 C CB  . THR B 1 76 ? -10.025 -2.879  -19.722 1.00 22.76 ? 76   THR B CB  1 
ATOM   1272 O OG1 . THR B 1 76 ? -9.170  -3.970  -20.093 1.00 20.79 ? 76   THR B OG1 1 
ATOM   1273 C CG2 . THR B 1 76 ? -9.283  -1.939  -18.776 1.00 20.41 ? 76   THR B CG2 1 
ATOM   1274 N N   . GLY B 1 77 ? -11.949 -5.502  -20.148 1.00 26.88 ? 77   GLY B N   1 
ATOM   1275 C CA  . GLY B 1 77 ? -12.657 -6.288  -21.138 1.00 30.68 ? 77   GLY B CA  1 
ATOM   1276 C C   . GLY B 1 77 ? -14.079 -6.684  -20.780 1.00 32.49 ? 77   GLY B C   1 
ATOM   1277 O O   . GLY B 1 77 ? -14.594 -6.339  -19.716 1.00 32.31 ? 77   GLY B O   1 
ATOM   1278 N N   . ARG B 1 78 ? -14.708 -7.418  -21.694 1.00 34.94 ? 78   ARG B N   1 
ATOM   1279 C CA  . ARG B 1 78 ? -16.071 -7.903  -21.527 1.00 38.56 ? 78   ARG B CA  1 
ATOM   1280 C C   . ARG B 1 78 ? -16.081 -9.429  -21.677 1.00 39.41 ? 78   ARG B C   1 
ATOM   1281 O O   . ARG B 1 78 ? -15.160 -10.010 -22.258 1.00 37.72 ? 78   ARG B O   1 
ATOM   1282 C CB  . ARG B 1 78 ? -16.997 -7.250  -22.569 1.00 40.05 ? 78   ARG B CB  1 
ATOM   1283 C CG  . ARG B 1 78 ? -16.425 -7.186  -23.987 1.00 44.72 ? 78   ARG B CG  1 
ATOM   1284 C CD  . ARG B 1 78 ? -15.279 -6.161  -24.124 1.00 47.27 ? 78   ARG B CD  1 
ATOM   1285 N NE  . ARG B 1 78 ? -14.641 -6.208  -25.445 1.00 47.95 ? 78   ARG B NE  1 
ATOM   1286 C CZ  . ARG B 1 78 ? -13.647 -5.414  -25.834 1.00 47.27 ? 78   ARG B CZ  1 
ATOM   1287 N NH1 . ARG B 1 78 ? -13.135 -5.535  -27.054 1.00 45.24 ? 78   ARG B NH1 1 
ATOM   1288 N NH2 . ARG B 1 78 ? -13.162 -4.496  -25.008 1.00 47.20 ? 78   ARG B NH2 1 
ATOM   1289 N N   . GLY B 1 79 ? -17.117 -10.071 -21.144 1.00 40.31 ? 79   GLY B N   1 
ATOM   1290 C CA  . GLY B 1 79 ? -17.209 -11.518 -21.234 1.00 41.44 ? 79   GLY B CA  1 
ATOM   1291 C C   . GLY B 1 79 ? -17.057 -12.149 -19.868 1.00 42.94 ? 79   GLY B C   1 
ATOM   1292 O O   . GLY B 1 79 ? -17.047 -11.439 -18.860 1.00 43.81 ? 79   GLY B O   1 
ATOM   1293 N N   . ASP B 1 80 ? -16.939 -13.473 -19.818 1.00 44.29 ? 80   ASP B N   1 
ATOM   1294 C CA  . ASP B 1 80 ? -16.787 -14.165 -18.538 1.00 44.29 ? 80   ASP B CA  1 
ATOM   1295 C C   . ASP B 1 80 ? -15.303 -14.350 -18.200 1.00 42.93 ? 80   ASP B C   1 
ATOM   1296 O O   . ASP B 1 80 ? -14.946 -14.906 -17.155 1.00 43.09 ? 80   ASP B O   1 
ATOM   1297 C CB  . ASP B 1 80 ? -17.503 -15.523 -18.574 1.00 46.44 ? 80   ASP B CB  1 
ATOM   1298 C CG  . ASP B 1 80 ? -17.881 -16.019 -17.183 1.00 48.86 ? 80   ASP B CG  1 
ATOM   1299 O OD1 . ASP B 1 80 ? -18.606 -15.289 -16.476 1.00 50.71 ? 80   ASP B OD1 1 
ATOM   1300 O OD2 . ASP B 1 80 ? -17.462 -17.131 -16.794 1.00 50.38 ? 80   ASP B OD2 1 
ATOM   1301 N N   . SER B 1 81 ? -14.447 -13.874 -19.100 1.00 40.91 ? 81   SER B N   1 
ATOM   1302 C CA  . SER B 1 81 ? -12.999 -13.944 -18.922 1.00 38.19 ? 81   SER B CA  1 
ATOM   1303 C C   . SER B 1 81 ? -12.378 -12.652 -19.481 1.00 34.70 ? 81   SER B C   1 
ATOM   1304 O O   . SER B 1 81 ? -11.444 -12.699 -20.281 1.00 33.19 ? 81   SER B O   1 
ATOM   1305 C CB  . SER B 1 81 ? -12.446 -15.165 -19.661 1.00 39.47 ? 81   SER B CB  1 
ATOM   1306 O OG  . SER B 1 81 ? -11.089 -15.388 -19.332 1.00 43.68 ? 81   SER B OG  1 
ATOM   1307 N N   . PRO B 1 82 ? -12.885 -11.482 -19.039 1.00 31.88 ? 82   PRO B N   1 
ATOM   1308 C CA  . PRO B 1 82 ? -12.473 -10.127 -19.427 1.00 30.52 ? 82   PRO B CA  1 
ATOM   1309 C C   . PRO B 1 82 ? -11.002 -9.789  -19.230 1.00 29.92 ? 82   PRO B C   1 
ATOM   1310 O O   . PRO B 1 82 ? -10.362 -10.307 -18.311 1.00 28.98 ? 82   PRO B O   1 
ATOM   1311 C CB  . PRO B 1 82 ? -13.352 -9.233  -18.551 1.00 31.10 ? 82   PRO B CB  1 
ATOM   1312 C CG  . PRO B 1 82 ? -14.525 -10.082 -18.244 1.00 31.60 ? 82   PRO B CG  1 
ATOM   1313 C CD  . PRO B 1 82 ? -13.886 -11.401 -17.964 1.00 31.62 ? 82   PRO B CD  1 
ATOM   1314 N N   . ALA B 1 83 ? -10.481 -8.905  -20.086 1.00 28.04 ? 83   ALA B N   1 
ATOM   1315 C CA  . ALA B 1 83 ? -9.092  -8.459  -19.995 1.00 26.03 ? 83   ALA B CA  1 
ATOM   1316 C C   . ALA B 1 83 ? -8.948  -7.714  -18.664 1.00 25.92 ? 83   ALA B C   1 
ATOM   1317 O O   . ALA B 1 83 ? -9.826  -6.927  -18.286 1.00 26.01 ? 83   ALA B O   1 
ATOM   1318 C CB  . ALA B 1 83 ? -8.753  -7.536  -21.161 1.00 23.56 ? 83   ALA B CB  1 
ATOM   1319 N N   . SER B 1 84 ? -7.846  -7.961  -17.962 1.00 23.76 ? 84   SER B N   1 
ATOM   1320 C CA  . SER B 1 84 ? -7.611  -7.354  -16.657 1.00 22.52 ? 84   SER B CA  1 
ATOM   1321 C C   . SER B 1 84 ? -6.215  -6.755  -16.491 1.00 21.91 ? 84   SER B C   1 
ATOM   1322 O O   . SER B 1 84 ? -5.249  -7.224  -17.097 1.00 21.13 ? 84   SER B O   1 
ATOM   1323 C CB  . SER B 1 84 ? -7.837  -8.411  -15.573 1.00 20.11 ? 84   SER B CB  1 
ATOM   1324 O OG  . SER B 1 84 ? -7.260  -8.004  -14.353 1.00 24.78 ? 84   SER B OG  1 
ATOM   1325 N N   . SER B 1 85 ? -6.108  -5.721  -15.662 1.00 20.85 ? 85   SER B N   1 
ATOM   1326 C CA  . SER B 1 85 ? -4.819  -5.091  -15.409 1.00 20.74 ? 85   SER B CA  1 
ATOM   1327 C C   . SER B 1 85 ? -4.020  -5.975  -14.455 1.00 21.72 ? 85   SER B C   1 
ATOM   1328 O O   . SER B 1 85 ? -4.549  -6.940  -13.894 1.00 19.97 ? 85   SER B O   1 
ATOM   1329 C CB  . SER B 1 85 ? -5.005  -3.725  -14.750 1.00 20.45 ? 85   SER B CB  1 
ATOM   1330 O OG  . SER B 1 85 ? -5.097  -3.862  -13.341 1.00 19.68 ? 85   SER B OG  1 
ATOM   1331 N N   . LYS B 1 86 ? -2.745  -5.640  -14.272 1.00 23.06 ? 86   LYS B N   1 
ATOM   1332 C CA  . LYS B 1 86 ? -1.905  -6.382  -13.345 1.00 24.84 ? 86   LYS B CA  1 
ATOM   1333 C C   . LYS B 1 86 ? -2.414  -5.951  -11.967 1.00 24.20 ? 86   LYS B C   1 
ATOM   1334 O O   . LYS B 1 86 ? -3.145  -4.966  -11.857 1.00 22.76 ? 86   LYS B O   1 
ATOM   1335 C CB  . LYS B 1 86 ? -0.430  -5.994  -13.521 1.00 29.14 ? 86   LYS B CB  1 
ATOM   1336 C CG  . LYS B 1 86 ? 0.547   -7.041  -12.985 1.00 35.29 ? 86   LYS B CG  1 
ATOM   1337 C CD  . LYS B 1 86 ? 2.008   -6.606  -13.093 1.00 39.90 ? 86   LYS B CD  1 
ATOM   1338 C CE  . LYS B 1 86 ? 2.952   -7.633  -12.443 1.00 42.32 ? 86   LYS B CE  1 
ATOM   1339 N NZ  . LYS B 1 86 ? 4.407   -7.259  -12.536 1.00 43.17 ? 86   LYS B NZ  1 
ATOM   1340 N N   . PRO B 1 87 ? -2.055  -6.686  -10.904 1.00 24.08 ? 87   PRO B N   1 
ATOM   1341 C CA  . PRO B 1 87 ? -2.520  -6.316  -9.564  1.00 23.91 ? 87   PRO B CA  1 
ATOM   1342 C C   . PRO B 1 87 ? -1.818  -5.135  -8.924  1.00 23.36 ? 87   PRO B C   1 
ATOM   1343 O O   . PRO B 1 87 ? -0.658  -4.856  -9.213  1.00 22.74 ? 87   PRO B O   1 
ATOM   1344 C CB  . PRO B 1 87 ? -2.297  -7.593  -8.767  1.00 25.44 ? 87   PRO B CB  1 
ATOM   1345 C CG  . PRO B 1 87 ? -1.061  -8.144  -9.403  1.00 23.64 ? 87   PRO B CG  1 
ATOM   1346 C CD  . PRO B 1 87 ? -1.388  -7.999  -10.870 1.00 24.60 ? 87   PRO B CD  1 
ATOM   1347 N N   . ALA B 1 88 ? -2.551  -4.457  -8.043  1.00 23.09 ? 88   ALA B N   1 
ATOM   1348 C CA  . ALA B 1 88 ? -2.060  -3.308  -7.281  1.00 22.21 ? 88   ALA B CA  1 
ATOM   1349 C C   . ALA B 1 88 ? -2.558  -3.548  -5.851  1.00 19.94 ? 88   ALA B C   1 
ATOM   1350 O O   . ALA B 1 88 ? -3.751  -3.693  -5.641  1.00 19.95 ? 88   ALA B O   1 
ATOM   1351 C CB  . ALA B 1 88 ? -2.655  -2.018  -7.834  1.00 21.57 ? 88   ALA B CB  1 
ATOM   1352 N N   . SER B 1 89 ? -1.667  -3.586  -4.869  1.00 19.41 ? 89   SER B N   1 
ATOM   1353 C CA  . SER B 1 89 ? -2.113  -3.851  -3.506  1.00 20.67 ? 89   SER B CA  1 
ATOM   1354 C C   . SER B 1 89 ? -1.447  -3.025  -2.416  1.00 20.76 ? 89   SER B C   1 
ATOM   1355 O O   . SER B 1 89 ? -0.425  -2.385  -2.642  1.00 21.06 ? 89   SER B O   1 
ATOM   1356 C CB  . SER B 1 89 ? -1.919  -5.335  -3.182  1.00 21.36 ? 89   SER B CB  1 
ATOM   1357 O OG  . SER B 1 89 ? -0.556  -5.693  -3.287  1.00 23.47 ? 89   SER B OG  1 
ATOM   1358 N N   . ILE B 1 90 ? -2.057  -3.028  -1.236  1.00 19.62 ? 90   ILE B N   1 
ATOM   1359 C CA  . ILE B 1 90 ? -1.510  -2.331  -0.081  1.00 20.16 ? 90   ILE B CA  1 
ATOM   1360 C C   . ILE B 1 90 ? -1.922  -3.118  1.149   1.00 19.59 ? 90   ILE B C   1 
ATOM   1361 O O   . ILE B 1 90 ? -2.960  -3.790  1.156   1.00 18.70 ? 90   ILE B O   1 
ATOM   1362 C CB  . ILE B 1 90 ? -2.018  -0.867  0.068   1.00 21.77 ? 90   ILE B CB  1 
ATOM   1363 C CG1 . ILE B 1 90 ? -3.419  -0.834  0.681   1.00 23.01 ? 90   ILE B CG1 1 
ATOM   1364 C CG2 . ILE B 1 90 ? -1.958  -0.163  -1.268  1.00 26.25 ? 90   ILE B CG2 1 
ATOM   1365 C CD1 . ILE B 1 90 ? -4.471  -1.554  -0.106  1.00 25.06 ? 90   ILE B CD1 1 
ATOM   1366 N N   . ASN B 1 91 ? -1.094  -3.037  2.183   1.00 17.75 ? 91   ASN B N   1 
ATOM   1367 C CA  . ASN B 1 91 ? -1.357  -3.740  3.422   1.00 16.09 ? 91   ASN B CA  1 
ATOM   1368 C C   . ASN B 1 91 ? -1.603  -2.752  4.542   1.00 14.91 ? 91   ASN B C   1 
ATOM   1369 O O   . ASN B 1 91 ? -1.094  -1.633  4.524   1.00 12.58 ? 91   ASN B O   1 
ATOM   1370 C CB  . ASN B 1 91 ? -0.174  -4.637  3.775   1.00 17.56 ? 91   ASN B CB  1 
ATOM   1371 C CG  . ASN B 1 91 ? 0.269   -5.483  2.610   1.00 17.16 ? 91   ASN B CG  1 
ATOM   1372 O OD1 . ASN B 1 91 ? 1.062   -5.050  1.780   1.00 24.27 ? 91   ASN B OD1 1 
ATOM   1373 N ND2 . ASN B 1 91 ? -0.256  -6.686  2.529   1.00 16.12 ? 91   ASN B ND2 1 
ATOM   1374 N N   . PHE B 1 92 ? -2.393  -3.177  5.515   1.00 12.37 ? 92   PHE B N   1 
ATOM   1375 C CA  . PHE B 1 92 ? -2.703  -2.338  6.652   1.00 14.30 ? 92   PHE B CA  1 
ATOM   1376 C C   . PHE B 1 92 ? -3.127  -3.263  7.775   1.00 14.71 ? 92   PHE B C   1 
ATOM   1377 O O   . PHE B 1 92 ? -3.350  -4.454  7.559   1.00 13.41 ? 92   PHE B O   1 
ATOM   1378 C CB  . PHE B 1 92 ? -3.851  -1.385  6.302   1.00 14.86 ? 92   PHE B CB  1 
ATOM   1379 C CG  . PHE B 1 92 ? -5.155  -2.089  5.987   1.00 14.46 ? 92   PHE B CG  1 
ATOM   1380 C CD1 . PHE B 1 92 ? -6.041  -2.437  7.005   1.00 14.70 ? 92   PHE B CD1 1 
ATOM   1381 C CD2 . PHE B 1 92 ? -5.471  -2.445  4.677   1.00 14.61 ? 92   PHE B CD2 1 
ATOM   1382 C CE1 . PHE B 1 92 ? -7.214  -3.135  6.724   1.00 15.17 ? 92   PHE B CE1 1 
ATOM   1383 C CE2 . PHE B 1 92 ? -6.645  -3.146  4.386   1.00 14.66 ? 92   PHE B CE2 1 
ATOM   1384 C CZ  . PHE B 1 92 ? -7.517  -3.491  5.412   1.00 15.93 ? 92   PHE B CZ  1 
ATOM   1385 N N   . ARG B 1 93 ? -3.219  -2.716  8.978   1.00 16.98 ? 93   ARG B N   1 
ATOM   1386 C CA  . ARG B 1 93 ? -3.677  -3.497  10.111  1.00 17.90 ? 93   ARG B CA  1 
ATOM   1387 C C   . ARG B 1 93 ? -4.863  -2.762  10.716  1.00 18.22 ? 93   ARG B C   1 
ATOM   1388 O O   . ARG B 1 93 ? -4.861  -1.536  10.807  1.00 17.00 ? 93   ARG B O   1 
ATOM   1389 C CB  . ARG B 1 93 ? -2.581  -3.647  11.168  1.00 18.33 ? 93   ARG B CB  1 
ATOM   1390 C CG  . ARG B 1 93 ? -3.016  -4.535  12.327  1.00 18.95 ? 93   ARG B CG  1 
ATOM   1391 C CD  . ARG B 1 93 ? -1.939  -4.638  13.378  1.00 21.59 ? 93   ARG B CD  1 
ATOM   1392 N NE  . ARG B 1 93 ? -0.673  -5.089  12.811  1.00 25.09 ? 93   ARG B NE  1 
ATOM   1393 C CZ  . ARG B 1 93 ? 0.463   -5.173  13.495  1.00 27.41 ? 93   ARG B CZ  1 
ATOM   1394 N NH1 . ARG B 1 93 ? 0.490   -4.837  14.781  1.00 28.70 ? 93   ARG B NH1 1 
ATOM   1395 N NH2 . ARG B 1 93 ? 1.577   -5.574  12.893  1.00 29.30 ? 93   ARG B NH2 1 
ATOM   1396 N N   . THR B 1 94 ? -5.882  -3.518  11.105  1.00 19.26 ? 94   THR B N   1 
ATOM   1397 C CA  . THR B 1 94 ? -7.065  -2.943  11.731  1.00 20.07 ? 94   THR B CA  1 
ATOM   1398 C C   . THR B 1 94 ? -6.704  -2.609  13.175  1.00 20.16 ? 94   THR B C   1 
ATOM   1399 O O   . THR B 1 94 ? -5.779  -3.189  13.740  1.00 19.50 ? 94   THR B O   1 
ATOM   1400 C CB  . THR B 1 94 ? -8.248  -3.950  11.744  1.00 19.01 ? 94   THR B CB  1 
ATOM   1401 O OG1 . THR B 1 94 ? -7.742  -5.262  12.024  1.00 18.88 ? 94   THR B OG1 1 
ATOM   1402 C CG2 . THR B 1 94 ? -8.975  -3.960  10.410  1.00 16.45 ? 94   THR B CG2 1 
ATOM   1403 N N   . GLU B 1 95 ? -7.420  -1.663  13.767  1.00 21.95 ? 95   GLU B N   1 
ATOM   1404 C CA  . GLU B 1 95 ? -7.171  -1.294  15.156  1.00 22.56 ? 95   GLU B CA  1 
ATOM   1405 C C   . GLU B 1 95 ? -7.536  -2.511  16.014  1.00 21.93 ? 95   GLU B C   1 
ATOM   1406 O O   . GLU B 1 95 ? -8.221  -3.423  15.537  1.00 20.60 ? 95   GLU B O   1 
ATOM   1407 C CB  . GLU B 1 95 ? -8.041  -0.091  15.533  1.00 22.58 ? 95   GLU B CB  1 
ATOM   1408 C CG  . GLU B 1 95 ? -7.722  1.155   14.736  1.00 26.12 ? 95   GLU B CG  1 
ATOM   1409 C CD  . GLU B 1 95 ? -8.634  2.327   15.081  1.00 30.75 ? 95   GLU B CD  1 
ATOM   1410 O OE1 . GLU B 1 95 ? -8.424  3.428   14.522  1.00 31.01 ? 95   GLU B OE1 1 
ATOM   1411 O OE2 . GLU B 1 95 ? -9.563  2.152   15.905  1.00 32.93 ? 95   GLU B OE2 1 
ATOM   1412 N N   . ILE B 1 96 ? -7.082  -2.533  17.268  1.00 22.67 ? 96   ILE B N   1 
ATOM   1413 C CA  . ILE B 1 96 ? -7.380  -3.661  18.156  1.00 24.32 ? 96   ILE B CA  1 
ATOM   1414 C C   . ILE B 1 96 ? -8.767  -3.548  18.805  1.00 24.87 ? 96   ILE B C   1 
ATOM   1415 O O   . ILE B 1 96 ? -9.084  -4.366  19.687  1.00 24.75 ? 96   ILE B O   1 
ATOM   1416 C CB  . ILE B 1 96 ? -6.320  -3.810  19.279  1.00 24.44 ? 96   ILE B CB  1 
ATOM   1417 C CG1 . ILE B 1 96 ? -6.283  -2.563  20.148  1.00 25.86 ? 96   ILE B CG1 1 
ATOM   1418 C CG2 . ILE B 1 96 ? -4.949  -4.061  18.679  1.00 24.82 ? 96   ILE B CG2 1 
ATOM   1419 C CD1 . ILE B 1 96 ? -5.242  -2.658  21.254  1.00 26.89 ? 96   ILE B CD1 1 
ATOM   1420 O OXT . ILE B 1 96 ? -9.536  -2.643  18.424  1.00 26.96 ? 96   ILE B OXT 1 
HETATM 1421 C C   . ACE C 2 .  ? 6.973   10.618  -1.762  1.00 31.40 ? 1097 ACE A C   1 
HETATM 1422 O O   . ACE C 2 .  ? 6.276   11.364  -2.425  1.00 31.91 ? 1097 ACE A O   1 
HETATM 1423 C CH3 . ACE C 2 .  ? 7.786   9.534   -2.428  1.00 30.08 ? 1097 ACE A CH3 1 
HETATM 1424 C C   . ACE D 2 .  ? -16.727 7.075   -5.151  1.00 23.24 ? 1097 ACE B C   1 
HETATM 1425 O O   . ACE D 2 .  ? -17.308 6.124   -4.707  1.00 23.76 ? 1097 ACE B O   1 
HETATM 1426 C CH3 . ACE D 2 .  ? -16.368 8.215   -4.242  1.00 24.67 ? 1097 ACE B CH3 1 
HETATM 1427 O O   . HOH E 3 .  ? 16.449  -10.894 -8.340  1.00 38.43 ? 2001 HOH A O   1 
HETATM 1428 O O   . HOH E 3 .  ? 14.500  -4.799  -8.068  1.00 19.71 ? 2002 HOH A O   1 
HETATM 1429 O O   . HOH E 3 .  ? 2.903   -12.628 2.809   1.00 45.36 ? 2003 HOH A O   1 
HETATM 1430 O O   . HOH E 3 .  ? 2.579   -7.053  5.380   1.00 40.94 ? 2004 HOH A O   1 
HETATM 1431 O O   . HOH E 3 .  ? 5.116   -7.544  -1.513  1.00 34.16 ? 2005 HOH A O   1 
HETATM 1432 O O   . HOH E 3 .  ? -3.739  1.143   9.474   1.00 24.71 ? 2006 HOH A O   1 
HETATM 1433 O O   . HOH E 3 .  ? -4.181  0.361   12.978  1.00 20.77 ? 2007 HOH A O   1 
HETATM 1434 O O   . HOH E 3 .  ? -4.669  3.125   12.594  1.00 33.71 ? 2008 HOH A O   1 
HETATM 1435 O O   . HOH E 3 .  ? 12.466  7.276   -4.045  1.00 48.80 ? 2009 HOH A O   1 
HETATM 1436 O O   . HOH E 3 .  ? 4.376   13.774  15.442  1.00 37.73 ? 2010 HOH A O   1 
HETATM 1437 O O   . HOH E 3 .  ? 2.226   5.842   15.206  1.00 29.56 ? 2011 HOH A O   1 
HETATM 1438 O O   . HOH E 3 .  ? 14.193  -4.770  5.952   1.00 24.75 ? 2012 HOH A O   1 
HETATM 1439 O O   . HOH E 3 .  ? 5.833   -7.037  8.132   1.00 36.27 ? 2013 HOH A O   1 
HETATM 1440 O O   . HOH E 3 .  ? 18.536  -12.787 4.356   1.00 38.61 ? 2014 HOH A O   1 
HETATM 1441 O O   . HOH E 3 .  ? 24.528  -8.910  -1.266  1.00 31.65 ? 2015 HOH A O   1 
HETATM 1442 O O   . HOH E 3 .  ? 21.124  -12.139 4.933   1.00 31.91 ? 2016 HOH A O   1 
HETATM 1443 O O   . HOH E 3 .  ? 22.285  -9.746  -1.658  1.00 19.75 ? 2017 HOH A O   1 
HETATM 1444 O O   . HOH E 3 .  ? 27.095  -1.701  5.451   1.00 41.24 ? 2018 HOH A O   1 
HETATM 1445 O O   . HOH E 3 .  ? 28.825  -5.983  0.464   1.00 39.12 ? 2019 HOH A O   1 
HETATM 1446 O O   . HOH E 3 .  ? 22.574  4.106   -3.468  1.00 41.81 ? 2020 HOH A O   1 
HETATM 1447 O O   . HOH E 3 .  ? 13.062  5.478   -1.291  1.00 30.38 ? 2021 HOH A O   1 
HETATM 1448 O O   . HOH E 3 .  ? 8.254   14.489  8.977   1.00 17.21 ? 2022 HOH A O   1 
HETATM 1449 O O   . HOH E 3 .  ? 9.794   10.744  10.535  1.00 22.39 ? 2023 HOH A O   1 
HETATM 1450 O O   . HOH E 3 .  ? 2.347   11.358  -5.294  1.00 34.05 ? 2024 HOH A O   1 
HETATM 1451 O O   . HOH E 3 .  ? 5.858   16.569  1.072   1.00 28.74 ? 2025 HOH A O   1 
HETATM 1452 O O   . HOH E 3 .  ? 8.506   15.310  4.222   1.00 28.33 ? 2026 HOH A O   1 
HETATM 1453 O O   . HOH E 3 .  ? 13.572  13.529  10.437  1.00 33.33 ? 2027 HOH A O   1 
HETATM 1454 O O   . HOH E 3 .  ? 22.209  -4.258  8.941   1.00 34.87 ? 2028 HOH A O   1 
HETATM 1455 O O   . HOH E 3 .  ? 8.248   -5.294  10.723  1.00 48.86 ? 2029 HOH A O   1 
HETATM 1456 O O   . HOH E 3 .  ? 12.811  -3.463  13.536  1.00 20.77 ? 2030 HOH A O   1 
HETATM 1457 O O   . HOH E 3 .  ? 10.675  13.693  12.486  1.00 38.05 ? 2031 HOH A O   1 
HETATM 1458 O O   . HOH E 3 .  ? 2.350   18.276  13.006  1.00 20.30 ? 2032 HOH A O   1 
HETATM 1459 O O   . HOH E 3 .  ? 4.186   23.162  3.832   1.00 36.79 ? 2033 HOH A O   1 
HETATM 1460 O O   . HOH E 3 .  ? -2.492  18.281  4.194   1.00 36.74 ? 2034 HOH A O   1 
HETATM 1461 O O   . HOH E 3 .  ? -8.044  11.096  2.086   1.00 43.26 ? 2035 HOH A O   1 
HETATM 1462 O O   . HOH E 3 .  ? -1.208  15.471  0.665   1.00 23.09 ? 2036 HOH A O   1 
HETATM 1463 O O   . HOH E 3 .  ? 4.085   17.056  6.006   1.00 25.02 ? 2037 HOH A O   1 
HETATM 1464 O O   . HOH E 3 .  ? 19.140  -3.626  -3.335  1.00 39.66 ? 2038 HOH A O   1 
HETATM 1465 O O   . HOH E 3 .  ? 28.094  -1.317  -5.546  1.00 39.65 ? 2039 HOH A O   1 
HETATM 1466 O O   . HOH E 3 .  ? 22.366  2.282   -5.152  1.00 15.73 ? 2040 HOH A O   1 
HETATM 1467 O O   . HOH E 3 .  ? 20.851  -0.133  -9.167  1.00 22.23 ? 2041 HOH A O   1 
HETATM 1468 O O   . HOH E 3 .  ? 3.646   -2.030  -1.525  1.00 37.27 ? 2042 HOH A O   1 
HETATM 1469 O O   . HOH E 3 .  ? -4.513  5.971   7.170   1.00 23.72 ? 2043 HOH A O   1 
HETATM 1470 O O   . HOH E 3 .  ? -6.467  4.807   12.738  1.00 33.00 ? 2044 HOH A O   1 
HETATM 1471 O O   . HOH E 3 .  ? -4.976  8.599   17.474  1.00 28.47 ? 2045 HOH A O   1 
HETATM 1472 O O   . HOH E 3 .  ? -5.484  16.099  16.792  1.00 36.84 ? 2046 HOH A O   1 
HETATM 1473 O O   . HOH F 3 .  ? -4.705  3.657   8.837   1.00 22.24 ? 2001 HOH B O   1 
HETATM 1474 O O   . HOH F 3 .  ? -2.104  3.195   -13.961 1.00 37.89 ? 2002 HOH B O   1 
HETATM 1475 O O   . HOH F 3 .  ? 0.691   7.440   -8.715  1.00 49.35 ? 2003 HOH B O   1 
HETATM 1476 O O   . HOH F 3 .  ? -12.099 9.493   0.983   1.00 35.43 ? 2004 HOH B O   1 
HETATM 1477 O O   . HOH F 3 .  ? -0.882  2.423   -5.871  1.00 27.61 ? 2005 HOH B O   1 
HETATM 1478 O O   . HOH F 3 .  ? -10.269 -1.868  -23.701 1.00 31.66 ? 2006 HOH B O   1 
HETATM 1479 O O   . HOH F 3 .  ? -6.515  8.069   8.817   1.00 35.78 ? 2007 HOH B O   1 
HETATM 1480 O O   . HOH F 3 .  ? -7.242  5.532   10.477  1.00 30.19 ? 2008 HOH B O   1 
HETATM 1481 O O   . HOH F 3 .  ? -12.739 -11.989 5.752   1.00 35.71 ? 2009 HOH B O   1 
HETATM 1482 O O   . HOH F 3 .  ? -6.522  -15.614 -3.931  1.00 37.68 ? 2010 HOH B O   1 
HETATM 1483 O O   . HOH F 3 .  ? -6.216  7.653   -3.256  1.00 15.35 ? 2011 HOH B O   1 
HETATM 1484 O O   . HOH F 3 .  ? -8.770  9.701   -0.669  1.00 28.60 ? 2012 HOH B O   1 
HETATM 1485 O O   . HOH F 3 .  ? -10.228 8.188   -4.140  1.00 30.71 ? 2013 HOH B O   1 
HETATM 1486 O O   . HOH F 3 .  ? -8.367  8.898   -20.010 1.00 36.23 ? 2014 HOH B O   1 
HETATM 1487 O O   . HOH F 3 .  ? -4.594  -11.512 -0.685  1.00 29.35 ? 2015 HOH B O   1 
HETATM 1488 O O   . HOH F 3 .  ? -10.339 0.457   -21.863 1.00 15.85 ? 2016 HOH B O   1 
HETATM 1489 O O   . HOH F 3 .  ? -7.785  -13.212 -5.563  1.00 24.75 ? 2017 HOH B O   1 
HETATM 1490 O O   . HOH F 3 .  ? -4.666  -13.165 -3.298  1.00 32.29 ? 2018 HOH B O   1 
HETATM 1491 O O   . HOH F 3 .  ? -12.802 4.668   -16.476 1.00 33.11 ? 2019 HOH B O   1 
HETATM 1492 O O   . HOH F 3 .  ? -6.499  -4.863  -23.182 1.00 33.02 ? 2020 HOH B O   1 
HETATM 1493 O O   . HOH F 3 .  ? -21.263 -5.350  -22.996 1.00 37.29 ? 2021 HOH B O   1 
HETATM 1494 O O   . HOH F 3 .  ? -20.097 -8.595  -19.738 1.00 33.96 ? 2022 HOH B O   1 
HETATM 1495 O O   . HOH F 3 .  ? -18.243 -9.138  -17.734 1.00 55.07 ? 2023 HOH B O   1 
HETATM 1496 O O   . HOH F 3 .  ? -15.728 -10.327 -12.774 1.00 46.11 ? 2024 HOH B O   1 
HETATM 1497 O O   . HOH F 3 .  ? -8.795  -9.829  -12.560 1.00 23.05 ? 2025 HOH B O   1 
HETATM 1498 O O   . HOH F 3 .  ? 2.169   -2.765  -13.048 1.00 38.08 ? 2026 HOH B O   1 
HETATM 1499 O O   . HOH F 3 .  ? -15.152 -9.551  5.201   1.00 29.04 ? 2027 HOH B O   1 
HETATM 1500 O O   . HOH F 3 .  ? -8.417  -22.078 4.787   1.00 42.96 ? 2028 HOH B O   1 
HETATM 1501 O O   . HOH F 3 .  ? 2.493   -21.806 5.598   1.00 45.71 ? 2029 HOH B O   1 
HETATM 1502 O O   . HOH F 3 .  ? -5.196  -17.111 1.008   1.00 40.09 ? 2030 HOH B O   1 
HETATM 1503 O O   . HOH F 3 .  ? -11.802 -15.376 -4.004  1.00 43.67 ? 2031 HOH B O   1 
HETATM 1504 O O   . HOH F 3 .  ? -8.173  -17.217 -2.679  1.00 33.01 ? 2032 HOH B O   1 
HETATM 1505 O O   . HOH F 3 .  ? -14.739 -16.523 0.358   1.00 39.58 ? 2033 HOH B O   1 
HETATM 1506 O O   . HOH F 3 .  ? -16.720 -12.257 -0.568  1.00 30.38 ? 2034 HOH B O   1 
HETATM 1507 O O   . HOH F 3 .  ? -22.355 2.933   -10.810 1.00 41.27 ? 2035 HOH B O   1 
HETATM 1508 O O   . HOH F 3 .  ? -19.825 -4.492  0.155   1.00 42.41 ? 2036 HOH B O   1 
HETATM 1509 O O   . HOH F 3 .  ? -16.064 -5.520  2.727   1.00 27.51 ? 2037 HOH B O   1 
HETATM 1510 O O   . HOH F 3 .  ? -19.159 -2.453  2.967   1.00 28.17 ? 2038 HOH B O   1 
HETATM 1511 O O   . HOH F 3 .  ? -17.051 -4.081  9.794   1.00 34.06 ? 2039 HOH B O   1 
HETATM 1512 O O   . HOH F 3 .  ? -10.692 -16.934 9.635   1.00 52.62 ? 2040 HOH B O   1 
HETATM 1513 O O   . HOH F 3 .  ? -2.754  -10.677 12.322  1.00 28.71 ? 2041 HOH B O   1 
HETATM 1514 O O   . HOH F 3 .  ? -2.806  -11.374 8.907   1.00 31.20 ? 2042 HOH B O   1 
HETATM 1515 O O   . HOH F 3 .  ? -10.609 -11.958 8.442   1.00 22.32 ? 2043 HOH B O   1 
HETATM 1516 O O   . HOH F 3 .  ? -5.629  -9.399  -1.618  1.00 17.89 ? 2044 HOH B O   1 
HETATM 1517 O O   . HOH F 3 .  ? -1.801  -9.637  -3.480  1.00 34.46 ? 2045 HOH B O   1 
HETATM 1518 O O   . HOH F 3 .  ? -6.001  -11.182 -5.512  1.00 18.16 ? 2046 HOH B O   1 
HETATM 1519 O O   . HOH F 3 .  ? -9.077  -4.091  -22.732 1.00 41.29 ? 2047 HOH B O   1 
HETATM 1520 O O   . HOH F 3 .  ? -13.491 -0.945  -21.275 1.00 31.68 ? 2048 HOH B O   1 
HETATM 1521 O O   . HOH F 3 .  ? -10.550 -5.933  -24.218 1.00 36.50 ? 2049 HOH B O   1 
HETATM 1522 O O   . HOH F 3 .  ? -12.990 -6.894  -29.209 1.00 36.34 ? 2050 HOH B O   1 
HETATM 1523 O O   . HOH F 3 .  ? -8.710  -13.876 -19.889 1.00 16.25 ? 2051 HOH B O   1 
HETATM 1524 O O   . HOH F 3 .  ? -14.415 -13.313 -21.633 1.00 30.38 ? 2052 HOH B O   1 
HETATM 1525 O O   . HOH F 3 .  ? -5.925  -9.824  -18.932 1.00 31.06 ? 2053 HOH B O   1 
HETATM 1526 O O   . HOH F 3 .  ? -5.116  -6.945  -20.107 1.00 34.23 ? 2054 HOH B O   1 
HETATM 1527 O O   . HOH F 3 .  ? -1.519  -3.897  -16.894 1.00 23.91 ? 2055 HOH B O   1 
HETATM 1528 O O   . HOH F 3 .  ? 0.982   -2.870  -9.693  1.00 27.24 ? 2056 HOH B O   1 
HETATM 1529 O O   . HOH F 3 .  ? 1.776   -5.552  -10.175 1.00 43.75 ? 2057 HOH B O   1 
HETATM 1530 O O   . HOH F 3 .  ? 0.288   -7.125  -5.908  1.00 26.39 ? 2058 HOH B O   1 
HETATM 1531 O O   . HOH F 3 .  ? 2.833   -3.165  -3.791  1.00 34.03 ? 2059 HOH B O   1 
HETATM 1532 O O   . HOH F 3 .  ? -1.836  -3.764  16.605  1.00 39.71 ? 2060 HOH B O   1 
HETATM 1533 O O   . HOH F 3 .  ? -3.110  -2.254  14.907  1.00 27.99 ? 2061 HOH B O   1 
HETATM 1534 O O   . HOH F 3 .  ? -11.959 -2.188  19.803  1.00 24.83 ? 2062 HOH B O   1 
HETATM 1535 O O   . HOH F 3 .  ? -5.686  -0.137  17.460  1.00 34.78 ? 2063 HOH B O   1 
# 
loop_
_pdbx_poly_seq_scheme.asym_id 
_pdbx_poly_seq_scheme.entity_id 
_pdbx_poly_seq_scheme.seq_id 
_pdbx_poly_seq_scheme.mon_id 
_pdbx_poly_seq_scheme.ndb_seq_num 
_pdbx_poly_seq_scheme.pdb_seq_num 
_pdbx_poly_seq_scheme.auth_seq_num 
_pdbx_poly_seq_scheme.pdb_mon_id 
_pdbx_poly_seq_scheme.auth_mon_id 
_pdbx_poly_seq_scheme.pdb_strand_id 
_pdbx_poly_seq_scheme.pdb_ins_code 
_pdbx_poly_seq_scheme.hetero 
A 1 1  VAL 1  1  1  VAL VAL A . n 
A 1 2  SER 2  2  2  SER SER A . n 
A 1 3  ASP 3  3  3  ASP ASP A . n 
A 1 4  VAL 4  4  4  VAL VAL A . n 
A 1 5  PRO 5  5  5  PRO PRO A . n 
A 1 6  ARG 6  6  6  ARG ARG A . n 
A 1 7  ASP 7  7  7  ASP ASP A . n 
A 1 8  ILE 8  8  8  ILE ILE A . n 
A 1 9  GLU 9  9  9  GLU GLU A . n 
A 1 10 VAL 10 10 10 VAL VAL A . n 
A 1 11 VAL 11 11 11 VAL VAL A . n 
A 1 12 ALA 12 12 12 ALA ALA A . n 
A 1 13 VAL 13 13 13 VAL VAL A . n 
A 1 14 THR 14 14 14 THR THR A . n 
A 1 15 PRO 15 15 15 PRO PRO A . n 
A 1 16 THR 16 16 16 THR THR A . n 
A 1 17 SER 17 17 17 SER SER A . n 
A 1 18 ALA 18 18 18 ALA ALA A . n 
A 1 19 LEU 19 19 19 LEU LEU A . n 
A 1 20 ILE 20 20 20 ILE ILE A . n 
A 1 21 SER 21 21 21 SER SER A . n 
A 1 22 TRP 22 22 22 TRP TRP A . n 
A 1 23 ASP 23 23 23 ASP ASP A . n 
A 1 24 ALA 24 24 24 ALA ALA A . n 
A 1 25 PRO 25 25 25 PRO PRO A . n 
A 1 26 ALA 26 26 26 ALA ALA A . n 
A 1 27 VAL 27 27 27 VAL VAL A . n 
A 1 28 THR 28 28 28 THR THR A . n 
A 1 29 ILE 29 29 29 ILE ILE A . n 
A 1 30 ARG 30 30 30 ARG ARG A . n 
A 1 31 TYR 31 31 31 TYR TYR A . n 
A 1 32 ILE 32 32 32 ILE ILE A . n 
A 1 33 ARG 33 33 33 ARG ARG A . n 
A 1 34 LEU 34 34 34 LEU LEU A . n 
A 1 35 THR 35 35 35 THR THR A . n 
A 1 36 TYR 36 36 36 TYR TYR A . n 
A 1 37 GLY 37 37 37 GLY GLY A . n 
A 1 38 GLU 38 38 38 GLU GLU A . n 
A 1 39 THR 39 39 39 THR THR A . n 
A 1 40 GLY 40 40 40 GLY GLY A . n 
A 1 41 GLY 41 41 41 GLY GLY A . n 
A 1 42 ASN 42 42 42 ASN ASN A . n 
A 1 43 SER 43 43 43 SER SER A . n 
A 1 44 PRO 44 44 44 PRO PRO A . n 
A 1 45 VAL 45 45 45 VAL VAL A . n 
A 1 46 GLN 46 46 46 GLN GLN A . n 
A 1 47 GLU 47 47 47 GLU GLU A . n 
A 1 48 ILE 48 48 48 ILE ILE A . n 
A 1 49 THR 49 49 49 THR THR A . n 
A 1 50 LEU 50 50 50 LEU LEU A . n 
A 1 51 PRO 51 51 51 PRO PRO A . n 
A 1 52 GLY 52 52 52 GLY GLY A . n 
A 1 53 SER 53 53 53 SER SER A . n 
A 1 54 LYS 54 54 54 LYS LYS A . n 
A 1 55 SER 55 55 55 SER SER A . n 
A 1 56 THR 56 56 56 THR THR A . n 
A 1 57 TYR 57 57 57 TYR TYR A . n 
A 1 58 THR 58 58 58 THR THR A . n 
A 1 59 ILE 59 59 59 ILE ILE A . n 
A 1 60 SER 60 60 60 SER SER A . n 
A 1 61 GLY 61 61 61 GLY GLY A . n 
A 1 62 LEU 62 62 62 LEU LEU A . n 
A 1 63 LYS 63 63 63 LYS LYS A . n 
A 1 64 PRO 64 64 64 PRO PRO A . n 
A 1 65 GLY 65 65 65 GLY GLY A . n 
A 1 66 THR 66 66 66 THR THR A . n 
A 1 67 ASP 67 67 67 ASP ASP A . n 
A 1 68 TYR 68 68 68 TYR TYR A . n 
A 1 69 THR 69 69 69 THR THR A . n 
A 1 70 VAL 70 70 70 VAL VAL A . n 
A 1 71 THR 71 71 71 THR THR A . n 
A 1 72 LEU 72 72 72 LEU LEU A . n 
A 1 73 TYR 73 73 73 TYR TYR A . n 
A 1 74 SER 74 74 74 SER SER A . n 
A 1 75 VAL 75 75 75 VAL VAL A . n 
A 1 76 THR 76 76 76 THR THR A . n 
A 1 77 GLY 77 77 77 GLY GLY A . n 
A 1 78 ARG 78 78 78 ARG ARG A . n 
A 1 79 GLY 79 79 79 GLY GLY A . n 
A 1 80 ASP 80 80 ?  ?   ?   A . n 
A 1 81 SER 81 81 ?  ?   ?   A . n 
A 1 82 PRO 82 82 82 PRO PRO A . n 
A 1 83 ALA 83 83 83 ALA ALA A . n 
A 1 84 SER 84 84 84 SER SER A . n 
A 1 85 SER 85 85 85 SER SER A . n 
A 1 86 LYS 86 86 86 LYS LYS A . n 
A 1 87 PRO 87 87 87 PRO PRO A . n 
A 1 88 ALA 88 88 88 ALA ALA A . n 
A 1 89 SER 89 89 89 SER SER A . n 
A 1 90 ILE 90 90 90 ILE ILE A . n 
A 1 91 ASN 91 91 91 ASN ASN A . n 
A 1 92 PHE 92 92 92 PHE PHE A . n 
A 1 93 ARG 93 93 93 ARG ARG A . n 
A 1 94 THR 94 94 94 THR THR A . n 
A 1 95 GLU 95 95 95 GLU GLU A . n 
A 1 96 ILE 96 96 96 ILE ILE A . n 
B 1 1  VAL 1  1  1  VAL VAL B . n 
B 1 2  SER 2  2  2  SER SER B . n 
B 1 3  ASP 3  3  3  ASP ASP B . n 
B 1 4  VAL 4  4  4  VAL VAL B . n 
B 1 5  PRO 5  5  5  PRO PRO B . n 
B 1 6  ARG 6  6  6  ARG ARG B . n 
B 1 7  ASP 7  7  7  ASP ASP B . n 
B 1 8  ILE 8  8  8  ILE ILE B . n 
B 1 9  GLU 9  9  9  GLU GLU B . n 
B 1 10 VAL 10 10 10 VAL VAL B . n 
B 1 11 VAL 11 11 11 VAL VAL B . n 
B 1 12 ALA 12 12 12 ALA ALA B . n 
B 1 13 VAL 13 13 13 VAL VAL B . n 
B 1 14 THR 14 14 14 THR THR B . n 
B 1 15 PRO 15 15 15 PRO PRO B . n 
B 1 16 THR 16 16 16 THR THR B . n 
B 1 17 SER 17 17 17 SER SER B . n 
B 1 18 ALA 18 18 18 ALA ALA B . n 
B 1 19 LEU 19 19 19 LEU LEU B . n 
B 1 20 ILE 20 20 20 ILE ILE B . n 
B 1 21 SER 21 21 21 SER SER B . n 
B 1 22 TRP 22 22 22 TRP TRP B . n 
B 1 23 ASP 23 23 23 ASP ASP B . n 
B 1 24 ALA 24 24 24 ALA ALA B . n 
B 1 25 PRO 25 25 25 PRO PRO B . n 
B 1 26 ALA 26 26 26 ALA ALA B . n 
B 1 27 VAL 27 27 27 VAL VAL B . n 
B 1 28 THR 28 28 28 THR THR B . n 
B 1 29 ILE 29 29 29 ILE ILE B . n 
B 1 30 ARG 30 30 30 ARG ARG B . n 
B 1 31 TYR 31 31 31 TYR TYR B . n 
B 1 32 ILE 32 32 32 ILE ILE B . n 
B 1 33 ARG 33 33 33 ARG ARG B . n 
B 1 34 LEU 34 34 34 LEU LEU B . n 
B 1 35 THR 35 35 35 THR THR B . n 
B 1 36 TYR 36 36 36 TYR TYR B . n 
B 1 37 GLY 37 37 37 GLY GLY B . n 
B 1 38 GLU 38 38 38 GLU GLU B . n 
B 1 39 THR 39 39 39 THR THR B . n 
B 1 40 GLY 40 40 40 GLY GLY B . n 
B 1 41 GLY 41 41 41 GLY GLY B . n 
B 1 42 ASN 42 42 42 ASN ASN B . n 
B 1 43 SER 43 43 43 SER SER B . n 
B 1 44 PRO 44 44 44 PRO PRO B . n 
B 1 45 VAL 45 45 45 VAL VAL B . n 
B 1 46 GLN 46 46 46 GLN GLN B . n 
B 1 47 GLU 47 47 47 GLU GLU B . n 
B 1 48 ILE 48 48 48 ILE ILE B . n 
B 1 49 THR 49 49 49 THR THR B . n 
B 1 50 LEU 50 50 50 LEU LEU B . n 
B 1 51 PRO 51 51 51 PRO PRO B . n 
B 1 52 GLY 52 52 52 GLY GLY B . n 
B 1 53 SER 53 53 53 SER SER B . n 
B 1 54 LYS 54 54 54 LYS LYS B . n 
B 1 55 SER 55 55 55 SER SER B . n 
B 1 56 THR 56 56 56 THR THR B . n 
B 1 57 TYR 57 57 57 TYR TYR B . n 
B 1 58 THR 58 58 58 THR THR B . n 
B 1 59 ILE 59 59 59 ILE ILE B . n 
B 1 60 SER 60 60 60 SER SER B . n 
B 1 61 GLY 61 61 61 GLY GLY B . n 
B 1 62 LEU 62 62 62 LEU LEU B . n 
B 1 63 LYS 63 63 63 LYS LYS B . n 
B 1 64 PRO 64 64 64 PRO PRO B . n 
B 1 65 GLY 65 65 65 GLY GLY B . n 
B 1 66 THR 66 66 66 THR THR B . n 
B 1 67 ASP 67 67 67 ASP ASP B . n 
B 1 68 TYR 68 68 68 TYR TYR B . n 
B 1 69 THR 69 69 69 THR THR B . n 
B 1 70 VAL 70 70 70 VAL VAL B . n 
B 1 71 THR 71 71 71 THR THR B . n 
B 1 72 LEU 72 72 72 LEU LEU B . n 
B 1 73 TYR 73 73 73 TYR TYR B . n 
B 1 74 SER 74 74 74 SER SER B . n 
B 1 75 VAL 75 75 75 VAL VAL B . n 
B 1 76 THR 76 76 76 THR THR B . n 
B 1 77 GLY 77 77 77 GLY GLY B . n 
B 1 78 ARG 78 78 78 ARG ARG B . n 
B 1 79 GLY 79 79 79 GLY GLY B . n 
B 1 80 ASP 80 80 80 ASP ASP B . n 
B 1 81 SER 81 81 81 SER SER B . n 
B 1 82 PRO 82 82 82 PRO PRO B . n 
B 1 83 ALA 83 83 83 ALA ALA B . n 
B 1 84 SER 84 84 84 SER SER B . n 
B 1 85 SER 85 85 85 SER SER B . n 
B 1 86 LYS 86 86 86 LYS LYS B . n 
B 1 87 PRO 87 87 87 PRO PRO B . n 
B 1 88 ALA 88 88 88 ALA ALA B . n 
B 1 89 SER 89 89 89 SER SER B . n 
B 1 90 ILE 90 90 90 ILE ILE B . n 
B 1 91 ASN 91 91 91 ASN ASN B . n 
B 1 92 PHE 92 92 92 PHE PHE B . n 
B 1 93 ARG 93 93 93 ARG ARG B . n 
B 1 94 THR 94 94 94 THR THR B . n 
B 1 95 GLU 95 95 95 GLU GLU B . n 
B 1 96 ILE 96 96 96 ILE ILE B . n 
# 
loop_
_pdbx_nonpoly_scheme.asym_id 
_pdbx_nonpoly_scheme.entity_id 
_pdbx_nonpoly_scheme.mon_id 
_pdbx_nonpoly_scheme.ndb_seq_num 
_pdbx_nonpoly_scheme.pdb_seq_num 
_pdbx_nonpoly_scheme.auth_seq_num 
_pdbx_nonpoly_scheme.pdb_mon_id 
_pdbx_nonpoly_scheme.auth_mon_id 
_pdbx_nonpoly_scheme.pdb_strand_id 
_pdbx_nonpoly_scheme.pdb_ins_code 
C 2 ACE 1  1097 1097 ACE ACE A . 
D 2 ACE 1  1097 1097 ACE ACE B . 
E 3 HOH 1  2001 2001 HOH HOH A . 
E 3 HOH 2  2002 2002 HOH HOH A . 
E 3 HOH 3  2003 2003 HOH HOH A . 
E 3 HOH 4  2004 2004 HOH HOH A . 
E 3 HOH 5  2005 2005 HOH HOH A . 
E 3 HOH 6  2006 2006 HOH HOH A . 
E 3 HOH 7  2007 2007 HOH HOH A . 
E 3 HOH 8  2008 2008 HOH HOH A . 
E 3 HOH 9  2009 2009 HOH HOH A . 
E 3 HOH 10 2010 2010 HOH HOH A . 
E 3 HOH 11 2011 2011 HOH HOH A . 
E 3 HOH 12 2012 2012 HOH HOH A . 
E 3 HOH 13 2013 2013 HOH HOH A . 
E 3 HOH 14 2014 2014 HOH HOH A . 
E 3 HOH 15 2015 2015 HOH HOH A . 
E 3 HOH 16 2016 2016 HOH HOH A . 
E 3 HOH 17 2017 2017 HOH HOH A . 
E 3 HOH 18 2018 2018 HOH HOH A . 
E 3 HOH 19 2019 2019 HOH HOH A . 
E 3 HOH 20 2020 2020 HOH HOH A . 
E 3 HOH 21 2021 2021 HOH HOH A . 
E 3 HOH 22 2022 2022 HOH HOH A . 
E 3 HOH 23 2023 2023 HOH HOH A . 
E 3 HOH 24 2024 2024 HOH HOH A . 
E 3 HOH 25 2025 2025 HOH HOH A . 
E 3 HOH 26 2026 2026 HOH HOH A . 
E 3 HOH 27 2027 2027 HOH HOH A . 
E 3 HOH 28 2028 2028 HOH HOH A . 
E 3 HOH 29 2029 2029 HOH HOH A . 
E 3 HOH 30 2030 2030 HOH HOH A . 
E 3 HOH 31 2031 2031 HOH HOH A . 
E 3 HOH 32 2032 2032 HOH HOH A . 
E 3 HOH 33 2033 2033 HOH HOH A . 
E 3 HOH 34 2034 2034 HOH HOH A . 
E 3 HOH 35 2035 2035 HOH HOH A . 
E 3 HOH 36 2036 2036 HOH HOH A . 
E 3 HOH 37 2037 2037 HOH HOH A . 
E 3 HOH 38 2038 2038 HOH HOH A . 
E 3 HOH 39 2039 2039 HOH HOH A . 
E 3 HOH 40 2040 2040 HOH HOH A . 
E 3 HOH 41 2041 2041 HOH HOH A . 
E 3 HOH 42 2042 2042 HOH HOH A . 
E 3 HOH 43 2043 2043 HOH HOH A . 
E 3 HOH 44 2044 2044 HOH HOH A . 
E 3 HOH 45 2045 2045 HOH HOH A . 
E 3 HOH 46 2046 2046 HOH HOH A . 
F 3 HOH 1  2001 2001 HOH HOH B . 
F 3 HOH 2  2002 2002 HOH HOH B . 
F 3 HOH 3  2003 2003 HOH HOH B . 
F 3 HOH 4  2004 2004 HOH HOH B . 
F 3 HOH 5  2005 2005 HOH HOH B . 
F 3 HOH 6  2006 2006 HOH HOH B . 
F 3 HOH 7  2007 2007 HOH HOH B . 
F 3 HOH 8  2008 2008 HOH HOH B . 
F 3 HOH 9  2009 2009 HOH HOH B . 
F 3 HOH 10 2010 2010 HOH HOH B . 
F 3 HOH 11 2011 2011 HOH HOH B . 
F 3 HOH 12 2012 2012 HOH HOH B . 
F 3 HOH 13 2013 2013 HOH HOH B . 
F 3 HOH 14 2014 2014 HOH HOH B . 
F 3 HOH 15 2015 2015 HOH HOH B . 
F 3 HOH 16 2016 2016 HOH HOH B . 
F 3 HOH 17 2017 2017 HOH HOH B . 
F 3 HOH 18 2018 2018 HOH HOH B . 
F 3 HOH 19 2019 2019 HOH HOH B . 
F 3 HOH 20 2020 2020 HOH HOH B . 
F 3 HOH 21 2021 2021 HOH HOH B . 
F 3 HOH 22 2022 2022 HOH HOH B . 
F 3 HOH 23 2023 2023 HOH HOH B . 
F 3 HOH 24 2024 2024 HOH HOH B . 
F 3 HOH 25 2025 2025 HOH HOH B . 
F 3 HOH 26 2026 2026 HOH HOH B . 
F 3 HOH 27 2027 2027 HOH HOH B . 
F 3 HOH 28 2028 2028 HOH HOH B . 
F 3 HOH 29 2029 2029 HOH HOH B . 
F 3 HOH 30 2030 2030 HOH HOH B . 
F 3 HOH 31 2031 2031 HOH HOH B . 
F 3 HOH 32 2032 2032 HOH HOH B . 
F 3 HOH 33 2033 2033 HOH HOH B . 
F 3 HOH 34 2034 2034 HOH HOH B . 
F 3 HOH 35 2035 2035 HOH HOH B . 
F 3 HOH 36 2036 2036 HOH HOH B . 
F 3 HOH 37 2037 2037 HOH HOH B . 
F 3 HOH 38 2038 2038 HOH HOH B . 
F 3 HOH 39 2039 2039 HOH HOH B . 
F 3 HOH 40 2040 2040 HOH HOH B . 
F 3 HOH 41 2041 2041 HOH HOH B . 
F 3 HOH 42 2042 2042 HOH HOH B . 
F 3 HOH 43 2043 2043 HOH HOH B . 
F 3 HOH 44 2044 2044 HOH HOH B . 
F 3 HOH 45 2045 2045 HOH HOH B . 
F 3 HOH 46 2046 2046 HOH HOH B . 
F 3 HOH 47 2047 2047 HOH HOH B . 
F 3 HOH 48 2048 2048 HOH HOH B . 
F 3 HOH 49 2049 2049 HOH HOH B . 
F 3 HOH 50 2050 2050 HOH HOH B . 
F 3 HOH 51 2051 2051 HOH HOH B . 
F 3 HOH 52 2052 2052 HOH HOH B . 
F 3 HOH 53 2053 2053 HOH HOH B . 
F 3 HOH 54 2054 2054 HOH HOH B . 
F 3 HOH 55 2055 2055 HOH HOH B . 
F 3 HOH 56 2056 2056 HOH HOH B . 
F 3 HOH 57 2057 2057 HOH HOH B . 
F 3 HOH 58 2058 2058 HOH HOH B . 
F 3 HOH 59 2059 2059 HOH HOH B . 
F 3 HOH 60 2060 2060 HOH HOH B . 
F 3 HOH 61 2061 2061 HOH HOH B . 
F 3 HOH 62 2062 2062 HOH HOH B . 
F 3 HOH 63 2063 2063 HOH HOH B . 
# 
_pdbx_struct_assembly.id                   1 
_pdbx_struct_assembly.details              author_and_software_defined_assembly 
_pdbx_struct_assembly.method_details       PQS 
_pdbx_struct_assembly.oligomeric_details   dimeric 
_pdbx_struct_assembly.oligomeric_count     2 
# 
_pdbx_struct_assembly_gen.assembly_id       1 
_pdbx_struct_assembly_gen.oper_expression   1 
_pdbx_struct_assembly_gen.asym_id_list      A,B,C,D,E,F 
# 
_pdbx_struct_oper_list.id                   1 
_pdbx_struct_oper_list.type                 'identity operation' 
_pdbx_struct_oper_list.name                 1_555 
_pdbx_struct_oper_list.symmetry_operation   x,y,z 
_pdbx_struct_oper_list.matrix[1][1]         1.0000000000 
_pdbx_struct_oper_list.matrix[1][2]         0.0000000000 
_pdbx_struct_oper_list.matrix[1][3]         0.0000000000 
_pdbx_struct_oper_list.vector[1]            0.0000000000 
_pdbx_struct_oper_list.matrix[2][1]         0.0000000000 
_pdbx_struct_oper_list.matrix[2][2]         1.0000000000 
_pdbx_struct_oper_list.matrix[2][3]         0.0000000000 
_pdbx_struct_oper_list.vector[2]            0.0000000000 
_pdbx_struct_oper_list.matrix[3][1]         0.0000000000 
_pdbx_struct_oper_list.matrix[3][2]         0.0000000000 
_pdbx_struct_oper_list.matrix[3][3]         1.0000000000 
_pdbx_struct_oper_list.vector[3]            0.0000000000 
# 
loop_
_pdbx_audit_revision_history.ordinal 
_pdbx_audit_revision_history.data_content_type 
_pdbx_audit_revision_history.major_revision 
_pdbx_audit_revision_history.minor_revision 
_pdbx_audit_revision_history.revision_date 
1 'Structure model' 1 0 2007-04-10 
2 'Structure model' 1 1 2015-04-15 
3 'Structure model' 1 2 2018-01-24 
4 'Structure model' 1 3 2023-12-13 
# 
_pdbx_audit_revision_details.ordinal             1 
_pdbx_audit_revision_details.revision_ordinal    1 
_pdbx_audit_revision_details.data_content_type   'Structure model' 
_pdbx_audit_revision_details.provider            repository 
_pdbx_audit_revision_details.type                'Initial release' 
_pdbx_audit_revision_details.description         ? 
_pdbx_audit_revision_details.details             ? 
# 
loop_
_pdbx_audit_revision_group.ordinal 
_pdbx_audit_revision_group.revision_ordinal 
_pdbx_audit_revision_group.data_content_type 
_pdbx_audit_revision_group.group 
1  2 'Structure model' 'Database references'       
2  2 'Structure model' 'Derived calculations'      
3  2 'Structure model' Other                       
4  2 'Structure model' 'Version format compliance' 
5  3 'Structure model' 'Source and taxonomy'       
6  4 'Structure model' 'Data collection'           
7  4 'Structure model' 'Database references'       
8  4 'Structure model' 'Derived calculations'      
9  4 'Structure model' Other                       
10 4 'Structure model' 'Refinement description'    
# 
loop_
_pdbx_audit_revision_category.ordinal 
_pdbx_audit_revision_category.revision_ordinal 
_pdbx_audit_revision_category.data_content_type 
_pdbx_audit_revision_category.category 
1 3 'Structure model' entity_src_gen                
2 4 'Structure model' chem_comp_atom                
3 4 'Structure model' chem_comp_bond                
4 4 'Structure model' database_2                    
5 4 'Structure model' pdbx_database_status          
6 4 'Structure model' pdbx_initial_refinement_model 
7 4 'Structure model' struct_site                   
# 
loop_
_pdbx_audit_revision_item.ordinal 
_pdbx_audit_revision_item.revision_ordinal 
_pdbx_audit_revision_item.data_content_type 
_pdbx_audit_revision_item.item 
1  3 'Structure model' '_entity_src_gen.pdbx_host_org_ncbi_taxonomy_id' 
2  3 'Structure model' '_entity_src_gen.pdbx_host_org_scientific_name'  
3  3 'Structure model' '_entity_src_gen.pdbx_host_org_strain'           
4  3 'Structure model' '_entity_src_gen.pdbx_host_org_variant'          
5  4 'Structure model' '_database_2.pdbx_DOI'                           
6  4 'Structure model' '_database_2.pdbx_database_accession'            
7  4 'Structure model' '_pdbx_database_status.status_code_sf'           
8  4 'Structure model' '_struct_site.pdbx_auth_asym_id'                 
9  4 'Structure model' '_struct_site.pdbx_auth_comp_id'                 
10 4 'Structure model' '_struct_site.pdbx_auth_seq_id'                  
# 
loop_
_software.name 
_software.classification 
_software.version 
_software.citation_id 
_software.pdbx_ordinal 
CNS    refinement       1.1 ? 1 
MOSFLM 'data reduction' .   ? 2 
SCALA  'data scaling'   .   ? 3 
PHASER phasing          .   ? 4 
# 
_pdbx_database_remark.id     700 
_pdbx_database_remark.text   
;
SHEET
THE SHEET STRUCTURE OF THIS MOLECULE IS BIFURCATED. IN
ORDER TO REPRESENT THIS FEATURE IN THE SHEET RECORDS BELOW,
TWO SHEETS ARE DEFINED.
;
# 
_pdbx_entry_details.entry_id                 2CK2 
_pdbx_entry_details.compound_details         
;ENGINEERED RESIDUE IN CHAIN A, LEU 1454 TO ILE
ENGINEERED RESIDUE IN CHAIN A, ALA 1459 TO VAL
ENGINEERED RESIDUE IN CHAIN A, LEU 1464 TO ALA
ENGINEERED RESIDUE IN CHAIN A, VAL 1475 TO ILE
ENGINEERED RESIDUE IN CHAIN A, TYR 1478 TO ILE
ENGINEERED RESIDUE IN CHAIN A, ILE 1480 TO LEU
ENGINEERED RESIDUE IN CHAIN A, PHE 1494 TO ILE
ENGINEERED RESIDUE IN CHAIN A, VAL 1496 TO LEU
ENGINEERED RESIDUE IN CHAIN A, ALA 1503 TO TYR
ENGINEERED RESIDUE IN CHAIN A, VAL 1512 TO THR
ENGINEERED RESIDUE IN CHAIN A, VAL 1518 TO LEU
ENGINEERED RESIDUE IN CHAIN A, ALA 1520 TO SER
ENGINEERED RESIDUE IN CHAIN A, ILE 1534 TO ALA
ENGINEERED RESIDUE IN CHAIN A, TYR 1538 TO PHE
ENGINEERED RESIDUE IN CHAIN B, LEU 1454 TO ILE
ENGINEERED RESIDUE IN CHAIN B, ALA 1459 TO VAL
ENGINEERED RESIDUE IN CHAIN B, LEU 1464 TO ALA
ENGINEERED RESIDUE IN CHAIN B, VAL 1475 TO ILE
ENGINEERED RESIDUE IN CHAIN B, TYR 1478 TO ILE
ENGINEERED RESIDUE IN CHAIN B, ILE 1480 TO LEU
ENGINEERED RESIDUE IN CHAIN B, PHE 1494 TO ILE
ENGINEERED RESIDUE IN CHAIN B, VAL 1496 TO LEU
ENGINEERED RESIDUE IN CHAIN B, ALA 1503 TO TYR
ENGINEERED RESIDUE IN CHAIN B, VAL 1512 TO THR
ENGINEERED RESIDUE IN CHAIN B, VAL 1518 TO LEU
ENGINEERED RESIDUE IN CHAIN B, ALA 1520 TO SER
ENGINEERED RESIDUE IN CHAIN B, ILE 1534 TO ALA
ENGINEERED RESIDUE IN CHAIN B, TYR 1538 TO PHE
;
_pdbx_entry_details.source_details           ? 
_pdbx_entry_details.nonpolymer_details       ? 
_pdbx_entry_details.sequence_details         'DELIBERATELY ENGINEERED MUTATION' 
_pdbx_entry_details.has_ligand_of_interest   ? 
# 
loop_
_pdbx_validate_torsion.id 
_pdbx_validate_torsion.PDB_model_num 
_pdbx_validate_torsion.auth_comp_id 
_pdbx_validate_torsion.auth_asym_id 
_pdbx_validate_torsion.auth_seq_id 
_pdbx_validate_torsion.PDB_ins_code 
_pdbx_validate_torsion.label_alt_id 
_pdbx_validate_torsion.phi 
_pdbx_validate_torsion.psi 
1 1 ASP A 7  ? ? 35.10   65.18  
2 1 SER B 2  ? ? 48.71   107.19 
3 1 SER B 81 ? ? -142.67 52.07  
# 
loop_
_pdbx_unobs_or_zero_occ_residues.id 
_pdbx_unobs_or_zero_occ_residues.PDB_model_num 
_pdbx_unobs_or_zero_occ_residues.polymer_flag 
_pdbx_unobs_or_zero_occ_residues.occupancy_flag 
_pdbx_unobs_or_zero_occ_residues.auth_asym_id 
_pdbx_unobs_or_zero_occ_residues.auth_comp_id 
_pdbx_unobs_or_zero_occ_residues.auth_seq_id 
_pdbx_unobs_or_zero_occ_residues.PDB_ins_code 
_pdbx_unobs_or_zero_occ_residues.label_asym_id 
_pdbx_unobs_or_zero_occ_residues.label_comp_id 
_pdbx_unobs_or_zero_occ_residues.label_seq_id 
1 1 Y 1 A ASP 80 ? A ASP 80 
2 1 Y 1 A SER 81 ? A SER 81 
# 
loop_
_chem_comp_atom.comp_id 
_chem_comp_atom.atom_id 
_chem_comp_atom.type_symbol 
_chem_comp_atom.pdbx_aromatic_flag 
_chem_comp_atom.pdbx_stereo_config 
_chem_comp_atom.pdbx_ordinal 
ACE C    C N N 1   
ACE O    O N N 2   
ACE CH3  C N N 3   
ACE H    H N N 4   
ACE H1   H N N 5   
ACE H2   H N N 6   
ACE H3   H N N 7   
ALA N    N N N 8   
ALA CA   C N S 9   
ALA C    C N N 10  
ALA O    O N N 11  
ALA CB   C N N 12  
ALA OXT  O N N 13  
ALA H    H N N 14  
ALA H2   H N N 15  
ALA HA   H N N 16  
ALA HB1  H N N 17  
ALA HB2  H N N 18  
ALA HB3  H N N 19  
ALA HXT  H N N 20  
ARG N    N N N 21  
ARG CA   C N S 22  
ARG C    C N N 23  
ARG O    O N N 24  
ARG CB   C N N 25  
ARG CG   C N N 26  
ARG CD   C N N 27  
ARG NE   N N N 28  
ARG CZ   C N N 29  
ARG NH1  N N N 30  
ARG NH2  N N N 31  
ARG OXT  O N N 32  
ARG H    H N N 33  
ARG H2   H N N 34  
ARG HA   H N N 35  
ARG HB2  H N N 36  
ARG HB3  H N N 37  
ARG HG2  H N N 38  
ARG HG3  H N N 39  
ARG HD2  H N N 40  
ARG HD3  H N N 41  
ARG HE   H N N 42  
ARG HH11 H N N 43  
ARG HH12 H N N 44  
ARG HH21 H N N 45  
ARG HH22 H N N 46  
ARG HXT  H N N 47  
ASN N    N N N 48  
ASN CA   C N S 49  
ASN C    C N N 50  
ASN O    O N N 51  
ASN CB   C N N 52  
ASN CG   C N N 53  
ASN OD1  O N N 54  
ASN ND2  N N N 55  
ASN OXT  O N N 56  
ASN H    H N N 57  
ASN H2   H N N 58  
ASN HA   H N N 59  
ASN HB2  H N N 60  
ASN HB3  H N N 61  
ASN HD21 H N N 62  
ASN HD22 H N N 63  
ASN HXT  H N N 64  
ASP N    N N N 65  
ASP CA   C N S 66  
ASP C    C N N 67  
ASP O    O N N 68  
ASP CB   C N N 69  
ASP CG   C N N 70  
ASP OD1  O N N 71  
ASP OD2  O N N 72  
ASP OXT  O N N 73  
ASP H    H N N 74  
ASP H2   H N N 75  
ASP HA   H N N 76  
ASP HB2  H N N 77  
ASP HB3  H N N 78  
ASP HD2  H N N 79  
ASP HXT  H N N 80  
GLN N    N N N 81  
GLN CA   C N S 82  
GLN C    C N N 83  
GLN O    O N N 84  
GLN CB   C N N 85  
GLN CG   C N N 86  
GLN CD   C N N 87  
GLN OE1  O N N 88  
GLN NE2  N N N 89  
GLN OXT  O N N 90  
GLN H    H N N 91  
GLN H2   H N N 92  
GLN HA   H N N 93  
GLN HB2  H N N 94  
GLN HB3  H N N 95  
GLN HG2  H N N 96  
GLN HG3  H N N 97  
GLN HE21 H N N 98  
GLN HE22 H N N 99  
GLN HXT  H N N 100 
GLU N    N N N 101 
GLU CA   C N S 102 
GLU C    C N N 103 
GLU O    O N N 104 
GLU CB   C N N 105 
GLU CG   C N N 106 
GLU CD   C N N 107 
GLU OE1  O N N 108 
GLU OE2  O N N 109 
GLU OXT  O N N 110 
GLU H    H N N 111 
GLU H2   H N N 112 
GLU HA   H N N 113 
GLU HB2  H N N 114 
GLU HB3  H N N 115 
GLU HG2  H N N 116 
GLU HG3  H N N 117 
GLU HE2  H N N 118 
GLU HXT  H N N 119 
GLY N    N N N 120 
GLY CA   C N N 121 
GLY C    C N N 122 
GLY O    O N N 123 
GLY OXT  O N N 124 
GLY H    H N N 125 
GLY H2   H N N 126 
GLY HA2  H N N 127 
GLY HA3  H N N 128 
GLY HXT  H N N 129 
HOH O    O N N 130 
HOH H1   H N N 131 
HOH H2   H N N 132 
ILE N    N N N 133 
ILE CA   C N S 134 
ILE C    C N N 135 
ILE O    O N N 136 
ILE CB   C N S 137 
ILE CG1  C N N 138 
ILE CG2  C N N 139 
ILE CD1  C N N 140 
ILE OXT  O N N 141 
ILE H    H N N 142 
ILE H2   H N N 143 
ILE HA   H N N 144 
ILE HB   H N N 145 
ILE HG12 H N N 146 
ILE HG13 H N N 147 
ILE HG21 H N N 148 
ILE HG22 H N N 149 
ILE HG23 H N N 150 
ILE HD11 H N N 151 
ILE HD12 H N N 152 
ILE HD13 H N N 153 
ILE HXT  H N N 154 
LEU N    N N N 155 
LEU CA   C N S 156 
LEU C    C N N 157 
LEU O    O N N 158 
LEU CB   C N N 159 
LEU CG   C N N 160 
LEU CD1  C N N 161 
LEU CD2  C N N 162 
LEU OXT  O N N 163 
LEU H    H N N 164 
LEU H2   H N N 165 
LEU HA   H N N 166 
LEU HB2  H N N 167 
LEU HB3  H N N 168 
LEU HG   H N N 169 
LEU HD11 H N N 170 
LEU HD12 H N N 171 
LEU HD13 H N N 172 
LEU HD21 H N N 173 
LEU HD22 H N N 174 
LEU HD23 H N N 175 
LEU HXT  H N N 176 
LYS N    N N N 177 
LYS CA   C N S 178 
LYS C    C N N 179 
LYS O    O N N 180 
LYS CB   C N N 181 
LYS CG   C N N 182 
LYS CD   C N N 183 
LYS CE   C N N 184 
LYS NZ   N N N 185 
LYS OXT  O N N 186 
LYS H    H N N 187 
LYS H2   H N N 188 
LYS HA   H N N 189 
LYS HB2  H N N 190 
LYS HB3  H N N 191 
LYS HG2  H N N 192 
LYS HG3  H N N 193 
LYS HD2  H N N 194 
LYS HD3  H N N 195 
LYS HE2  H N N 196 
LYS HE3  H N N 197 
LYS HZ1  H N N 198 
LYS HZ2  H N N 199 
LYS HZ3  H N N 200 
LYS HXT  H N N 201 
PHE N    N N N 202 
PHE CA   C N S 203 
PHE C    C N N 204 
PHE O    O N N 205 
PHE CB   C N N 206 
PHE CG   C Y N 207 
PHE CD1  C Y N 208 
PHE CD2  C Y N 209 
PHE CE1  C Y N 210 
PHE CE2  C Y N 211 
PHE CZ   C Y N 212 
PHE OXT  O N N 213 
PHE H    H N N 214 
PHE H2   H N N 215 
PHE HA   H N N 216 
PHE HB2  H N N 217 
PHE HB3  H N N 218 
PHE HD1  H N N 219 
PHE HD2  H N N 220 
PHE HE1  H N N 221 
PHE HE2  H N N 222 
PHE HZ   H N N 223 
PHE HXT  H N N 224 
PRO N    N N N 225 
PRO CA   C N S 226 
PRO C    C N N 227 
PRO O    O N N 228 
PRO CB   C N N 229 
PRO CG   C N N 230 
PRO CD   C N N 231 
PRO OXT  O N N 232 
PRO H    H N N 233 
PRO HA   H N N 234 
PRO HB2  H N N 235 
PRO HB3  H N N 236 
PRO HG2  H N N 237 
PRO HG3  H N N 238 
PRO HD2  H N N 239 
PRO HD3  H N N 240 
PRO HXT  H N N 241 
SER N    N N N 242 
SER CA   C N S 243 
SER C    C N N 244 
SER O    O N N 245 
SER CB   C N N 246 
SER OG   O N N 247 
SER OXT  O N N 248 
SER H    H N N 249 
SER H2   H N N 250 
SER HA   H N N 251 
SER HB2  H N N 252 
SER HB3  H N N 253 
SER HG   H N N 254 
SER HXT  H N N 255 
THR N    N N N 256 
THR CA   C N S 257 
THR C    C N N 258 
THR O    O N N 259 
THR CB   C N R 260 
THR OG1  O N N 261 
THR CG2  C N N 262 
THR OXT  O N N 263 
THR H    H N N 264 
THR H2   H N N 265 
THR HA   H N N 266 
THR HB   H N N 267 
THR HG1  H N N 268 
THR HG21 H N N 269 
THR HG22 H N N 270 
THR HG23 H N N 271 
THR HXT  H N N 272 
TRP N    N N N 273 
TRP CA   C N S 274 
TRP C    C N N 275 
TRP O    O N N 276 
TRP CB   C N N 277 
TRP CG   C Y N 278 
TRP CD1  C Y N 279 
TRP CD2  C Y N 280 
TRP NE1  N Y N 281 
TRP CE2  C Y N 282 
TRP CE3  C Y N 283 
TRP CZ2  C Y N 284 
TRP CZ3  C Y N 285 
TRP CH2  C Y N 286 
TRP OXT  O N N 287 
TRP H    H N N 288 
TRP H2   H N N 289 
TRP HA   H N N 290 
TRP HB2  H N N 291 
TRP HB3  H N N 292 
TRP HD1  H N N 293 
TRP HE1  H N N 294 
TRP HE3  H N N 295 
TRP HZ2  H N N 296 
TRP HZ3  H N N 297 
TRP HH2  H N N 298 
TRP HXT  H N N 299 
TYR N    N N N 300 
TYR CA   C N S 301 
TYR C    C N N 302 
TYR O    O N N 303 
TYR CB   C N N 304 
TYR CG   C Y N 305 
TYR CD1  C Y N 306 
TYR CD2  C Y N 307 
TYR CE1  C Y N 308 
TYR CE2  C Y N 309 
TYR CZ   C Y N 310 
TYR OH   O N N 311 
TYR OXT  O N N 312 
TYR H    H N N 313 
TYR H2   H N N 314 
TYR HA   H N N 315 
TYR HB2  H N N 316 
TYR HB3  H N N 317 
TYR HD1  H N N 318 
TYR HD2  H N N 319 
TYR HE1  H N N 320 
TYR HE2  H N N 321 
TYR HH   H N N 322 
TYR HXT  H N N 323 
VAL N    N N N 324 
VAL CA   C N S 325 
VAL C    C N N 326 
VAL O    O N N 327 
VAL CB   C N N 328 
VAL CG1  C N N 329 
VAL CG2  C N N 330 
VAL OXT  O N N 331 
VAL H    H N N 332 
VAL H2   H N N 333 
VAL HA   H N N 334 
VAL HB   H N N 335 
VAL HG11 H N N 336 
VAL HG12 H N N 337 
VAL HG13 H N N 338 
VAL HG21 H N N 339 
VAL HG22 H N N 340 
VAL HG23 H N N 341 
VAL HXT  H N N 342 
# 
loop_
_chem_comp_bond.comp_id 
_chem_comp_bond.atom_id_1 
_chem_comp_bond.atom_id_2 
_chem_comp_bond.value_order 
_chem_comp_bond.pdbx_aromatic_flag 
_chem_comp_bond.pdbx_stereo_config 
_chem_comp_bond.pdbx_ordinal 
ACE C   O    doub N N 1   
ACE C   CH3  sing N N 2   
ACE C   H    sing N N 3   
ACE CH3 H1   sing N N 4   
ACE CH3 H2   sing N N 5   
ACE CH3 H3   sing N N 6   
ALA N   CA   sing N N 7   
ALA N   H    sing N N 8   
ALA N   H2   sing N N 9   
ALA CA  C    sing N N 10  
ALA CA  CB   sing N N 11  
ALA CA  HA   sing N N 12  
ALA C   O    doub N N 13  
ALA C   OXT  sing N N 14  
ALA CB  HB1  sing N N 15  
ALA CB  HB2  sing N N 16  
ALA CB  HB3  sing N N 17  
ALA OXT HXT  sing N N 18  
ARG N   CA   sing N N 19  
ARG N   H    sing N N 20  
ARG N   H2   sing N N 21  
ARG CA  C    sing N N 22  
ARG CA  CB   sing N N 23  
ARG CA  HA   sing N N 24  
ARG C   O    doub N N 25  
ARG C   OXT  sing N N 26  
ARG CB  CG   sing N N 27  
ARG CB  HB2  sing N N 28  
ARG CB  HB3  sing N N 29  
ARG CG  CD   sing N N 30  
ARG CG  HG2  sing N N 31  
ARG CG  HG3  sing N N 32  
ARG CD  NE   sing N N 33  
ARG CD  HD2  sing N N 34  
ARG CD  HD3  sing N N 35  
ARG NE  CZ   sing N N 36  
ARG NE  HE   sing N N 37  
ARG CZ  NH1  sing N N 38  
ARG CZ  NH2  doub N N 39  
ARG NH1 HH11 sing N N 40  
ARG NH1 HH12 sing N N 41  
ARG NH2 HH21 sing N N 42  
ARG NH2 HH22 sing N N 43  
ARG OXT HXT  sing N N 44  
ASN N   CA   sing N N 45  
ASN N   H    sing N N 46  
ASN N   H2   sing N N 47  
ASN CA  C    sing N N 48  
ASN CA  CB   sing N N 49  
ASN CA  HA   sing N N 50  
ASN C   O    doub N N 51  
ASN C   OXT  sing N N 52  
ASN CB  CG   sing N N 53  
ASN CB  HB2  sing N N 54  
ASN CB  HB3  sing N N 55  
ASN CG  OD1  doub N N 56  
ASN CG  ND2  sing N N 57  
ASN ND2 HD21 sing N N 58  
ASN ND2 HD22 sing N N 59  
ASN OXT HXT  sing N N 60  
ASP N   CA   sing N N 61  
ASP N   H    sing N N 62  
ASP N   H2   sing N N 63  
ASP CA  C    sing N N 64  
ASP CA  CB   sing N N 65  
ASP CA  HA   sing N N 66  
ASP C   O    doub N N 67  
ASP C   OXT  sing N N 68  
ASP CB  CG   sing N N 69  
ASP CB  HB2  sing N N 70  
ASP CB  HB3  sing N N 71  
ASP CG  OD1  doub N N 72  
ASP CG  OD2  sing N N 73  
ASP OD2 HD2  sing N N 74  
ASP OXT HXT  sing N N 75  
GLN N   CA   sing N N 76  
GLN N   H    sing N N 77  
GLN N   H2   sing N N 78  
GLN CA  C    sing N N 79  
GLN CA  CB   sing N N 80  
GLN CA  HA   sing N N 81  
GLN C   O    doub N N 82  
GLN C   OXT  sing N N 83  
GLN CB  CG   sing N N 84  
GLN CB  HB2  sing N N 85  
GLN CB  HB3  sing N N 86  
GLN CG  CD   sing N N 87  
GLN CG  HG2  sing N N 88  
GLN CG  HG3  sing N N 89  
GLN CD  OE1  doub N N 90  
GLN CD  NE2  sing N N 91  
GLN NE2 HE21 sing N N 92  
GLN NE2 HE22 sing N N 93  
GLN OXT HXT  sing N N 94  
GLU N   CA   sing N N 95  
GLU N   H    sing N N 96  
GLU N   H2   sing N N 97  
GLU CA  C    sing N N 98  
GLU CA  CB   sing N N 99  
GLU CA  HA   sing N N 100 
GLU C   O    doub N N 101 
GLU C   OXT  sing N N 102 
GLU CB  CG   sing N N 103 
GLU CB  HB2  sing N N 104 
GLU CB  HB3  sing N N 105 
GLU CG  CD   sing N N 106 
GLU CG  HG2  sing N N 107 
GLU CG  HG3  sing N N 108 
GLU CD  OE1  doub N N 109 
GLU CD  OE2  sing N N 110 
GLU OE2 HE2  sing N N 111 
GLU OXT HXT  sing N N 112 
GLY N   CA   sing N N 113 
GLY N   H    sing N N 114 
GLY N   H2   sing N N 115 
GLY CA  C    sing N N 116 
GLY CA  HA2  sing N N 117 
GLY CA  HA3  sing N N 118 
GLY C   O    doub N N 119 
GLY C   OXT  sing N N 120 
GLY OXT HXT  sing N N 121 
HOH O   H1   sing N N 122 
HOH O   H2   sing N N 123 
ILE N   CA   sing N N 124 
ILE N   H    sing N N 125 
ILE N   H2   sing N N 126 
ILE CA  C    sing N N 127 
ILE CA  CB   sing N N 128 
ILE CA  HA   sing N N 129 
ILE C   O    doub N N 130 
ILE C   OXT  sing N N 131 
ILE CB  CG1  sing N N 132 
ILE CB  CG2  sing N N 133 
ILE CB  HB   sing N N 134 
ILE CG1 CD1  sing N N 135 
ILE CG1 HG12 sing N N 136 
ILE CG1 HG13 sing N N 137 
ILE CG2 HG21 sing N N 138 
ILE CG2 HG22 sing N N 139 
ILE CG2 HG23 sing N N 140 
ILE CD1 HD11 sing N N 141 
ILE CD1 HD12 sing N N 142 
ILE CD1 HD13 sing N N 143 
ILE OXT HXT  sing N N 144 
LEU N   CA   sing N N 145 
LEU N   H    sing N N 146 
LEU N   H2   sing N N 147 
LEU CA  C    sing N N 148 
LEU CA  CB   sing N N 149 
LEU CA  HA   sing N N 150 
LEU C   O    doub N N 151 
LEU C   OXT  sing N N 152 
LEU CB  CG   sing N N 153 
LEU CB  HB2  sing N N 154 
LEU CB  HB3  sing N N 155 
LEU CG  CD1  sing N N 156 
LEU CG  CD2  sing N N 157 
LEU CG  HG   sing N N 158 
LEU CD1 HD11 sing N N 159 
LEU CD1 HD12 sing N N 160 
LEU CD1 HD13 sing N N 161 
LEU CD2 HD21 sing N N 162 
LEU CD2 HD22 sing N N 163 
LEU CD2 HD23 sing N N 164 
LEU OXT HXT  sing N N 165 
LYS N   CA   sing N N 166 
LYS N   H    sing N N 167 
LYS N   H2   sing N N 168 
LYS CA  C    sing N N 169 
LYS CA  CB   sing N N 170 
LYS CA  HA   sing N N 171 
LYS C   O    doub N N 172 
LYS C   OXT  sing N N 173 
LYS CB  CG   sing N N 174 
LYS CB  HB2  sing N N 175 
LYS CB  HB3  sing N N 176 
LYS CG  CD   sing N N 177 
LYS CG  HG2  sing N N 178 
LYS CG  HG3  sing N N 179 
LYS CD  CE   sing N N 180 
LYS CD  HD2  sing N N 181 
LYS CD  HD3  sing N N 182 
LYS CE  NZ   sing N N 183 
LYS CE  HE2  sing N N 184 
LYS CE  HE3  sing N N 185 
LYS NZ  HZ1  sing N N 186 
LYS NZ  HZ2  sing N N 187 
LYS NZ  HZ3  sing N N 188 
LYS OXT HXT  sing N N 189 
PHE N   CA   sing N N 190 
PHE N   H    sing N N 191 
PHE N   H2   sing N N 192 
PHE CA  C    sing N N 193 
PHE CA  CB   sing N N 194 
PHE CA  HA   sing N N 195 
PHE C   O    doub N N 196 
PHE C   OXT  sing N N 197 
PHE CB  CG   sing N N 198 
PHE CB  HB2  sing N N 199 
PHE CB  HB3  sing N N 200 
PHE CG  CD1  doub Y N 201 
PHE CG  CD2  sing Y N 202 
PHE CD1 CE1  sing Y N 203 
PHE CD1 HD1  sing N N 204 
PHE CD2 CE2  doub Y N 205 
PHE CD2 HD2  sing N N 206 
PHE CE1 CZ   doub Y N 207 
PHE CE1 HE1  sing N N 208 
PHE CE2 CZ   sing Y N 209 
PHE CE2 HE2  sing N N 210 
PHE CZ  HZ   sing N N 211 
PHE OXT HXT  sing N N 212 
PRO N   CA   sing N N 213 
PRO N   CD   sing N N 214 
PRO N   H    sing N N 215 
PRO CA  C    sing N N 216 
PRO CA  CB   sing N N 217 
PRO CA  HA   sing N N 218 
PRO C   O    doub N N 219 
PRO C   OXT  sing N N 220 
PRO CB  CG   sing N N 221 
PRO CB  HB2  sing N N 222 
PRO CB  HB3  sing N N 223 
PRO CG  CD   sing N N 224 
PRO CG  HG2  sing N N 225 
PRO CG  HG3  sing N N 226 
PRO CD  HD2  sing N N 227 
PRO CD  HD3  sing N N 228 
PRO OXT HXT  sing N N 229 
SER N   CA   sing N N 230 
SER N   H    sing N N 231 
SER N   H2   sing N N 232 
SER CA  C    sing N N 233 
SER CA  CB   sing N N 234 
SER CA  HA   sing N N 235 
SER C   O    doub N N 236 
SER C   OXT  sing N N 237 
SER CB  OG   sing N N 238 
SER CB  HB2  sing N N 239 
SER CB  HB3  sing N N 240 
SER OG  HG   sing N N 241 
SER OXT HXT  sing N N 242 
THR N   CA   sing N N 243 
THR N   H    sing N N 244 
THR N   H2   sing N N 245 
THR CA  C    sing N N 246 
THR CA  CB   sing N N 247 
THR CA  HA   sing N N 248 
THR C   O    doub N N 249 
THR C   OXT  sing N N 250 
THR CB  OG1  sing N N 251 
THR CB  CG2  sing N N 252 
THR CB  HB   sing N N 253 
THR OG1 HG1  sing N N 254 
THR CG2 HG21 sing N N 255 
THR CG2 HG22 sing N N 256 
THR CG2 HG23 sing N N 257 
THR OXT HXT  sing N N 258 
TRP N   CA   sing N N 259 
TRP N   H    sing N N 260 
TRP N   H2   sing N N 261 
TRP CA  C    sing N N 262 
TRP CA  CB   sing N N 263 
TRP CA  HA   sing N N 264 
TRP C   O    doub N N 265 
TRP C   OXT  sing N N 266 
TRP CB  CG   sing N N 267 
TRP CB  HB2  sing N N 268 
TRP CB  HB3  sing N N 269 
TRP CG  CD1  doub Y N 270 
TRP CG  CD2  sing Y N 271 
TRP CD1 NE1  sing Y N 272 
TRP CD1 HD1  sing N N 273 
TRP CD2 CE2  doub Y N 274 
TRP CD2 CE3  sing Y N 275 
TRP NE1 CE2  sing Y N 276 
TRP NE1 HE1  sing N N 277 
TRP CE2 CZ2  sing Y N 278 
TRP CE3 CZ3  doub Y N 279 
TRP CE3 HE3  sing N N 280 
TRP CZ2 CH2  doub Y N 281 
TRP CZ2 HZ2  sing N N 282 
TRP CZ3 CH2  sing Y N 283 
TRP CZ3 HZ3  sing N N 284 
TRP CH2 HH2  sing N N 285 
TRP OXT HXT  sing N N 286 
TYR N   CA   sing N N 287 
TYR N   H    sing N N 288 
TYR N   H2   sing N N 289 
TYR CA  C    sing N N 290 
TYR CA  CB   sing N N 291 
TYR CA  HA   sing N N 292 
TYR C   O    doub N N 293 
TYR C   OXT  sing N N 294 
TYR CB  CG   sing N N 295 
TYR CB  HB2  sing N N 296 
TYR CB  HB3  sing N N 297 
TYR CG  CD1  doub Y N 298 
TYR CG  CD2  sing Y N 299 
TYR CD1 CE1  sing Y N 300 
TYR CD1 HD1  sing N N 301 
TYR CD2 CE2  doub Y N 302 
TYR CD2 HD2  sing N N 303 
TYR CE1 CZ   doub Y N 304 
TYR CE1 HE1  sing N N 305 
TYR CE2 CZ   sing Y N 306 
TYR CE2 HE2  sing N N 307 
TYR CZ  OH   sing N N 308 
TYR OH  HH   sing N N 309 
TYR OXT HXT  sing N N 310 
VAL N   CA   sing N N 311 
VAL N   H    sing N N 312 
VAL N   H2   sing N N 313 
VAL CA  C    sing N N 314 
VAL CA  CB   sing N N 315 
VAL CA  HA   sing N N 316 
VAL C   O    doub N N 317 
VAL C   OXT  sing N N 318 
VAL CB  CG1  sing N N 319 
VAL CB  CG2  sing N N 320 
VAL CB  HB   sing N N 321 
VAL CG1 HG11 sing N N 322 
VAL CG1 HG12 sing N N 323 
VAL CG1 HG13 sing N N 324 
VAL CG2 HG21 sing N N 325 
VAL CG2 HG22 sing N N 326 
VAL CG2 HG23 sing N N 327 
VAL OXT HXT  sing N N 328 
# 
loop_
_pdbx_entity_nonpoly.entity_id 
_pdbx_entity_nonpoly.name 
_pdbx_entity_nonpoly.comp_id 
2 'ACETYL GROUP' ACE 
3 water          HOH 
# 
_pdbx_initial_refinement_model.id               1 
_pdbx_initial_refinement_model.entity_id_list   ? 
_pdbx_initial_refinement_model.type             'experimental model' 
_pdbx_initial_refinement_model.source_name      PDB 
_pdbx_initial_refinement_model.accession_code   1TEN 
_pdbx_initial_refinement_model.details          'PDB ENTRY 1TEN' 
# 
